data_2PT7
#
_entry.id   2PT7
#
_cell.length_a   86.851
_cell.length_b   86.900
_cell.length_c   104.129
_cell.angle_alpha   111.04
_cell.angle_beta   95.98
_cell.angle_gamma   104.94
#
_symmetry.space_group_name_H-M   'P 1'
#
loop_
_entity.id
_entity.type
_entity.pdbx_description
1 polymer Cag-alfa
2 polymer 'Hypothetical protein'
3 water water
#
loop_
_entity_poly.entity_id
_entity_poly.type
_entity_poly.pdbx_seq_one_letter_code
_entity_poly.pdbx_strand_id
1 'polypeptide(L)'
;MTEDRLSAEDKKFLEVERALKEAALNPLRHATEELFGDFLKMENITEICYNGNKVVWVLKNNGEWQPFDVRDRKAFSLSR
LMHFARCCASFKKKTIDNYENPILSSNLANGERVQIVLSPVTVNDETISISIRIPSKTTYPHSFFEEQGFYNLLDNKEQA
ISAIKDGIAIGKNVIVCGGTGSGKTTYIKSIMEFIPKEERIISIEDTEEIVFKHHKNYTQLFFGGNITSADCLKSCLRMR
PDRIILGELRSSEAYDFYNVLCSGHKGTLTTLHAGSSEEAFIRLANMSSSNSAARNIKFESLIEGFKDLIDMIVHINHHK
QCDEFYIKHR
;
A,B,C,D,E,F
2 'polypeptide(L)'
;GDKLHEIKQELKDLFSHLPYKINKVEVSLYEPGVLLIDIDGEDSALLIGEKGYRYKALSYLLFNWIHPTYGYSIRLEIST
FLQNQEKVMDTQLQSVIMTVHEVGKGQMKAPDGVLTYIALKKLRKAFPNKYVSIKTNLNDEKYIVINDFNNE
;
G,H
#
# COMPACT_ATOMS: atom_id res chain seq x y z
N LEU A 6 -15.13 17.59 -48.67
CA LEU A 6 -14.69 16.86 -47.45
C LEU A 6 -14.47 17.83 -46.28
N SER A 7 -13.94 19.02 -46.60
CA SER A 7 -13.82 20.11 -45.64
C SER A 7 -15.18 20.66 -45.25
N ALA A 8 -16.12 20.63 -46.21
CA ALA A 8 -17.49 21.10 -46.00
C ALA A 8 -18.30 20.15 -45.11
N GLU A 9 -17.96 18.86 -45.16
CA GLU A 9 -18.56 17.86 -44.29
C GLU A 9 -18.01 17.96 -42.86
N ASP A 10 -16.72 18.26 -42.73
CA ASP A 10 -16.08 18.45 -41.42
C ASP A 10 -16.54 19.76 -40.78
N LYS A 11 -16.75 20.78 -41.60
CA LYS A 11 -17.22 22.09 -41.17
C LYS A 11 -18.66 21.98 -40.67
N LYS A 12 -19.44 21.10 -41.33
CA LYS A 12 -20.82 20.85 -40.97
C LYS A 12 -20.93 20.05 -39.66
N PHE A 13 -20.07 19.03 -39.51
CA PHE A 13 -20.07 18.20 -38.32
C PHE A 13 -19.63 18.95 -37.05
N LEU A 14 -18.80 19.97 -37.24
CA LEU A 14 -18.39 20.83 -36.13
C LEU A 14 -19.60 21.55 -35.51
N GLU A 15 -20.55 21.94 -36.36
CA GLU A 15 -21.81 22.54 -35.92
C GLU A 15 -22.73 21.56 -35.17
N VAL A 16 -22.63 20.28 -35.51
CA VAL A 16 -23.32 19.21 -34.76
C VAL A 16 -22.71 19.06 -33.37
N GLU A 17 -21.38 19.13 -33.28
CA GLU A 17 -20.65 19.06 -32.01
C GLU A 17 -20.96 20.22 -31.07
N ARG A 18 -20.96 21.43 -31.63
CA ARG A 18 -21.31 22.66 -30.90
C ARG A 18 -22.73 22.66 -30.36
N ALA A 19 -23.66 22.14 -31.15
CA ALA A 19 -25.06 22.03 -30.75
C ALA A 19 -25.25 21.02 -29.61
N LEU A 20 -24.51 19.91 -29.66
CA LEU A 20 -24.56 18.91 -28.59
C LEU A 20 -23.83 19.34 -27.32
N LYS A 21 -22.75 20.12 -27.46
CA LYS A 21 -22.06 20.73 -26.30
C LYS A 21 -22.98 21.71 -25.59
N GLU A 22 -23.65 22.54 -26.38
CA GLU A 22 -24.58 23.55 -25.87
C GLU A 22 -25.77 22.91 -25.17
N ALA A 23 -26.28 21.82 -25.73
CA ALA A 23 -27.36 21.04 -25.13
C ALA A 23 -26.99 20.51 -23.74
N ALA A 24 -25.75 20.05 -23.58
CA ALA A 24 -25.23 19.55 -22.31
C ALA A 24 -25.11 20.65 -21.23
N LEU A 25 -24.73 21.86 -21.67
CA LEU A 25 -24.44 22.97 -20.77
C LEU A 25 -25.68 23.79 -20.41
N ASN A 26 -26.75 23.60 -21.16
CA ASN A 26 -27.96 24.43 -21.03
C ASN A 26 -28.67 24.40 -19.67
N PRO A 27 -28.84 23.19 -19.08
CA PRO A 27 -29.46 23.14 -17.75
C PRO A 27 -28.62 23.83 -16.67
N LEU A 28 -27.29 23.70 -16.74
CA LEU A 28 -26.39 24.42 -15.83
C LEU A 28 -26.42 25.92 -16.08
N ARG A 29 -26.37 26.32 -17.34
CA ARG A 29 -26.41 27.73 -17.73
C ARG A 29 -27.72 28.40 -17.34
N HIS A 30 -28.82 27.64 -17.39
CA HIS A 30 -30.13 28.16 -16.99
C HIS A 30 -30.30 28.26 -15.48
N ALA A 31 -29.90 27.22 -14.75
CA ALA A 31 -29.95 27.20 -13.29
C ALA A 31 -29.04 28.27 -12.66
N THR A 32 -27.91 28.53 -13.31
CA THR A 32 -26.96 29.56 -12.89
C THR A 32 -27.54 30.98 -13.02
N GLU A 33 -28.13 31.25 -14.19
CA GLU A 33 -28.78 32.53 -14.47
C GLU A 33 -29.96 32.78 -13.52
N GLU A 34 -30.76 31.74 -13.30
CA GLU A 34 -31.92 31.82 -12.43
C GLU A 34 -31.56 32.30 -11.02
N LEU A 35 -30.50 31.70 -10.45
CA LEU A 35 -30.05 32.07 -9.11
C LEU A 35 -29.12 33.29 -9.10
N PHE A 36 -28.04 33.24 -9.87
CA PHE A 36 -26.94 34.21 -9.70
C PHE A 36 -26.72 35.17 -10.88
N GLY A 37 -27.64 35.18 -11.83
CA GLY A 37 -27.55 36.04 -13.01
C GLY A 37 -27.24 37.50 -12.72
N ASP A 38 -28.01 38.09 -11.81
CA ASP A 38 -27.87 39.52 -11.45
C ASP A 38 -26.53 39.83 -10.80
N PHE A 39 -25.97 38.85 -10.11
CA PHE A 39 -24.72 39.01 -9.37
C PHE A 39 -23.49 38.75 -10.24
N LEU A 40 -23.61 37.75 -11.12
CA LEU A 40 -22.55 37.44 -12.08
C LEU A 40 -22.34 38.54 -13.12
N LYS A 41 -23.36 39.37 -13.31
CA LYS A 41 -23.29 40.51 -14.24
C LYS A 41 -22.62 41.73 -13.62
N MET A 42 -22.46 41.73 -12.30
CA MET A 42 -21.85 42.85 -11.58
C MET A 42 -20.39 43.04 -11.97
N GLU A 43 -19.99 44.30 -12.04
CA GLU A 43 -18.63 44.67 -12.39
C GLU A 43 -17.73 44.59 -11.16
N ASN A 44 -16.48 44.18 -11.37
CA ASN A 44 -15.43 44.16 -10.33
C ASN A 44 -15.74 43.24 -9.13
N ILE A 45 -16.13 42.00 -9.42
CA ILE A 45 -16.45 41.04 -8.37
C ILE A 45 -15.46 39.87 -8.38
N THR A 46 -15.17 39.35 -7.19
CA THR A 46 -14.21 38.26 -7.04
C THR A 46 -14.85 36.96 -6.53
N GLU A 47 -15.88 37.10 -5.71
CA GLU A 47 -16.57 35.97 -5.09
C GLU A 47 -18.05 36.30 -4.89
N ILE A 48 -18.89 35.27 -5.00
CA ILE A 48 -20.30 35.35 -4.64
C ILE A 48 -20.57 34.20 -3.67
N CYS A 49 -21.17 34.54 -2.51
CA CYS A 49 -21.43 33.55 -1.47
C CYS A 49 -22.87 33.52 -1.03
N TYR A 50 -23.41 32.31 -0.92
CA TYR A 50 -24.73 32.12 -0.32
C TYR A 50 -24.55 31.26 0.93
N ASN A 51 -25.13 31.71 2.05
CA ASN A 51 -24.88 31.11 3.35
C ASN A 51 -26.06 30.34 3.93
N GLY A 52 -27.13 30.21 3.16
CA GLY A 52 -28.30 29.44 3.59
C GLY A 52 -29.28 30.20 4.45
N ASN A 53 -29.27 31.53 4.33
CA ASN A 53 -30.28 32.36 5.00
C ASN A 53 -30.69 33.60 4.21
N LYS A 54 -31.04 33.38 2.95
CA LYS A 54 -31.70 34.40 2.10
C LYS A 54 -30.89 35.68 1.87
N VAL A 55 -29.57 35.59 2.01
CA VAL A 55 -28.68 36.70 1.71
C VAL A 55 -27.55 36.22 0.78
N VAL A 56 -27.42 36.91 -0.36
CA VAL A 56 -26.31 36.68 -1.27
C VAL A 56 -25.21 37.71 -0.98
N TRP A 57 -24.01 37.22 -0.72
CA TRP A 57 -22.87 38.07 -0.39
C TRP A 57 -21.92 38.18 -1.57
N VAL A 58 -21.60 39.42 -1.94
CA VAL A 58 -20.71 39.67 -3.06
C VAL A 58 -19.45 40.34 -2.55
N LEU A 59 -18.30 39.81 -2.93
CA LEU A 59 -17.00 40.39 -2.60
C LEU A 59 -16.43 41.12 -3.81
N LYS A 60 -16.25 42.42 -3.67
CA LYS A 60 -15.72 43.27 -4.72
C LYS A 60 -14.18 43.23 -4.75
N ASN A 61 -13.60 43.64 -5.87
CA ASN A 61 -12.14 43.72 -6.05
C ASN A 61 -11.43 44.57 -5.01
N ASN A 62 -12.11 45.61 -4.52
CA ASN A 62 -11.56 46.51 -3.49
C ASN A 62 -11.58 45.93 -2.07
N GLY A 63 -12.12 44.72 -1.92
CA GLY A 63 -12.15 44.03 -0.64
C GLY A 63 -13.42 44.19 0.19
N GLU A 64 -14.43 44.86 -0.37
CA GLU A 64 -15.69 45.09 0.33
C GLU A 64 -16.73 43.99 0.09
N TRP A 65 -17.31 43.49 1.18
CA TRP A 65 -18.43 42.56 1.12
C TRP A 65 -19.75 43.33 1.06
N GLN A 66 -20.60 43.01 0.08
CA GLN A 66 -21.91 43.63 0.00
C GLN A 66 -23.02 42.59 0.03
N PRO A 67 -23.97 42.72 0.98
CA PRO A 67 -25.10 41.79 1.10
C PRO A 67 -26.30 42.16 0.23
N PHE A 68 -27.03 41.14 -0.23
CA PHE A 68 -28.26 41.32 -1.00
C PHE A 68 -29.34 40.36 -0.53
N ASP A 69 -30.48 40.91 -0.11
CA ASP A 69 -31.61 40.08 0.31
C ASP A 69 -32.26 39.38 -0.88
N VAL A 70 -32.51 38.08 -0.72
CA VAL A 70 -33.13 37.27 -1.77
C VAL A 70 -34.31 36.45 -1.21
N ARG A 71 -34.89 36.92 -0.11
CA ARG A 71 -36.04 36.28 0.52
C ARG A 71 -37.26 36.30 -0.39
N ASP A 72 -37.30 37.29 -1.29
CA ASP A 72 -38.41 37.50 -2.21
C ASP A 72 -38.35 36.63 -3.47
N ARG A 73 -37.21 35.95 -3.66
CA ARG A 73 -36.94 35.25 -4.91
C ARG A 73 -37.24 33.75 -4.84
N LYS A 74 -38.06 33.27 -5.77
CA LYS A 74 -38.39 31.86 -5.90
C LYS A 74 -37.17 30.98 -6.15
N ALA A 75 -36.15 31.57 -6.79
CA ALA A 75 -34.91 30.87 -7.13
C ALA A 75 -34.11 30.37 -5.93
N PHE A 76 -34.30 31.00 -4.77
CA PHE A 76 -33.55 30.64 -3.57
C PHE A 76 -34.32 29.75 -2.59
N SER A 77 -35.34 29.09 -3.14
CA SER A 77 -36.02 27.97 -2.51
C SER A 77 -35.04 26.80 -2.39
N LEU A 78 -35.29 25.92 -1.44
CA LEU A 78 -34.42 24.75 -1.21
C LEU A 78 -34.31 23.83 -2.42
N SER A 79 -35.43 23.55 -3.08
CA SER A 79 -35.45 22.63 -4.21
C SER A 79 -34.75 23.21 -5.44
N ARG A 80 -34.88 24.52 -5.65
CA ARG A 80 -34.18 25.22 -6.72
C ARG A 80 -32.67 25.28 -6.47
N LEU A 81 -32.29 25.34 -5.19
CA LEU A 81 -30.90 25.34 -4.80
C LEU A 81 -30.27 23.94 -4.89
N MET A 82 -31.08 22.93 -4.59
CA MET A 82 -30.66 21.53 -4.76
C MET A 82 -30.56 21.14 -6.25
N HIS A 83 -31.46 21.67 -7.07
CA HIS A 83 -31.40 21.48 -8.50
C HIS A 83 -30.10 22.03 -9.07
N PHE A 84 -29.76 23.26 -8.70
CA PHE A 84 -28.52 23.92 -9.11
C PHE A 84 -27.29 23.12 -8.68
N ALA A 85 -27.30 22.65 -7.44
CA ALA A 85 -26.20 21.85 -6.89
C ALA A 85 -25.99 20.55 -7.66
N ARG A 86 -27.09 19.89 -8.01
CA ARG A 86 -27.06 18.64 -8.79
C ARG A 86 -26.58 18.84 -10.22
N CYS A 87 -26.93 19.98 -10.81
CA CYS A 87 -26.41 20.37 -12.12
C CYS A 87 -24.90 20.60 -12.04
N CYS A 88 -24.46 21.26 -10.98
CA CYS A 88 -23.03 21.49 -10.78
C CYS A 88 -22.27 20.18 -10.62
N ALA A 89 -22.80 19.32 -9.76
CA ALA A 89 -22.23 18.00 -9.52
C ALA A 89 -22.11 17.17 -10.79
N SER A 90 -23.23 17.00 -11.49
CA SER A 90 -23.26 16.18 -12.71
C SER A 90 -22.38 16.73 -13.85
N PHE A 91 -22.16 18.04 -13.85
CA PHE A 91 -21.31 18.68 -14.86
C PHE A 91 -19.85 18.24 -14.77
N LYS A 92 -19.35 17.99 -13.57
CA LYS A 92 -17.99 17.46 -13.39
C LYS A 92 -17.98 15.98 -12.99
N LYS A 93 -19.07 15.29 -13.33
CA LYS A 93 -19.23 13.85 -13.13
C LYS A 93 -19.10 13.44 -11.66
N LYS A 94 -19.67 14.28 -10.82
CA LYS A 94 -19.69 14.05 -9.38
C LYS A 94 -21.13 13.91 -8.90
N THR A 95 -21.30 13.54 -7.64
CA THR A 95 -22.62 13.54 -7.00
C THR A 95 -22.60 14.41 -5.74
N ILE A 96 -23.73 15.02 -5.45
CA ILE A 96 -23.93 15.74 -4.19
C ILE A 96 -25.21 15.27 -3.52
N ASP A 97 -25.11 14.95 -2.23
CA ASP A 97 -26.25 14.44 -1.47
C ASP A 97 -26.12 14.78 0.00
N ASN A 98 -27.16 14.49 0.77
CA ASN A 98 -27.19 14.76 2.21
C ASN A 98 -26.68 13.58 3.03
N TYR A 99 -25.79 12.78 2.44
CA TYR A 99 -25.32 11.55 3.08
C TYR A 99 -23.82 11.36 3.04
N GLU A 100 -23.29 10.78 1.97
CA GLU A 100 -21.85 10.54 1.88
C GLU A 100 -21.10 11.61 1.07
N ASN A 101 -21.83 12.35 0.24
CA ASN A 101 -21.24 13.40 -0.58
C ASN A 101 -21.87 14.81 -0.34
N PRO A 102 -21.78 15.34 0.90
CA PRO A 102 -22.39 16.64 1.16
C PRO A 102 -21.50 17.83 0.78
N ILE A 103 -20.26 17.53 0.34
CA ILE A 103 -19.29 18.55 -0.07
C ILE A 103 -18.93 18.38 -1.55
N LEU A 104 -19.07 19.45 -2.32
CA LEU A 104 -18.78 19.44 -3.75
C LEU A 104 -17.86 20.59 -4.18
N SER A 105 -16.82 20.23 -4.94
CA SER A 105 -16.00 21.19 -5.67
C SER A 105 -16.24 20.99 -7.16
N SER A 106 -16.83 21.99 -7.81
CA SER A 106 -17.17 21.88 -9.21
C SER A 106 -16.88 23.18 -9.94
N ASN A 107 -17.48 23.35 -11.11
CA ASN A 107 -17.32 24.57 -11.91
C ASN A 107 -18.64 25.00 -12.53
N LEU A 108 -18.74 26.27 -12.88
CA LEU A 108 -19.83 26.77 -13.73
C LEU A 108 -19.38 26.69 -15.19
N ALA A 109 -20.30 26.93 -16.12
CA ALA A 109 -20.06 26.76 -17.56
C ALA A 109 -18.87 27.58 -18.09
N ASN A 110 -18.75 28.83 -17.67
CA ASN A 110 -17.62 29.69 -18.06
C ASN A 110 -16.34 29.40 -17.26
N GLY A 111 -16.39 28.36 -16.43
CA GLY A 111 -15.19 27.85 -15.77
C GLY A 111 -14.89 28.36 -14.37
N GLU A 112 -15.74 29.24 -13.84
CA GLU A 112 -15.59 29.68 -12.44
C GLU A 112 -15.82 28.53 -11.46
N ARG A 113 -15.03 28.51 -10.39
CA ARG A 113 -15.09 27.44 -9.40
C ARG A 113 -16.28 27.63 -8.47
N VAL A 114 -16.92 26.51 -8.14
CA VAL A 114 -18.05 26.48 -7.21
C VAL A 114 -17.74 25.52 -6.07
N GLN A 115 -17.98 25.97 -4.85
CA GLN A 115 -17.90 25.11 -3.68
C GLN A 115 -19.29 25.05 -3.08
N ILE A 116 -19.82 23.84 -2.92
CA ILE A 116 -21.15 23.63 -2.36
C ILE A 116 -21.10 22.68 -1.16
N VAL A 117 -21.73 23.11 -0.06
CA VAL A 117 -21.82 22.32 1.17
C VAL A 117 -23.29 22.12 1.58
N LEU A 118 -23.64 20.89 1.94
CA LEU A 118 -25.01 20.55 2.33
C LEU A 118 -25.05 19.99 3.74
N SER A 119 -26.28 19.85 4.27
CA SER A 119 -26.54 19.09 5.47
C SER A 119 -26.10 17.66 5.21
N PRO A 120 -25.47 16.98 6.20
CA PRO A 120 -25.24 17.36 7.60
C PRO A 120 -23.94 18.12 7.91
N VAL A 121 -23.19 18.54 6.90
CA VAL A 121 -21.99 19.36 7.13
C VAL A 121 -22.36 20.81 7.51
N THR A 122 -23.43 21.33 6.91
CA THR A 122 -23.98 22.62 7.30
C THR A 122 -24.85 22.49 8.56
N VAL A 123 -25.28 23.62 9.12
CA VAL A 123 -25.96 23.68 10.41
C VAL A 123 -27.29 22.92 10.53
N ASN A 124 -28.11 22.91 9.47
CA ASN A 124 -29.41 22.18 9.46
C ASN A 124 -29.84 21.78 8.05
N ASP A 125 -30.97 21.05 7.89
CA ASP A 125 -31.39 20.60 6.53
C ASP A 125 -31.84 21.73 5.61
N GLU A 126 -32.06 22.93 6.15
CA GLU A 126 -32.53 24.03 5.32
C GLU A 126 -31.40 25.00 4.93
N THR A 127 -30.17 24.58 5.21
CA THR A 127 -28.98 25.38 4.96
C THR A 127 -28.10 24.77 3.86
N ILE A 128 -27.96 25.53 2.77
CA ILE A 128 -27.10 25.18 1.65
C ILE A 128 -26.06 26.29 1.44
N SER A 129 -24.78 25.90 1.43
CA SER A 129 -23.70 26.86 1.27
C SER A 129 -23.11 26.81 -0.15
N ILE A 130 -22.96 27.98 -0.75
CA ILE A 130 -22.42 28.09 -2.11
C ILE A 130 -21.39 29.22 -2.17
N SER A 131 -20.22 28.92 -2.73
CA SER A 131 -19.16 29.91 -2.92
C SER A 131 -18.65 29.85 -4.37
N ILE A 132 -18.82 30.94 -5.10
CA ILE A 132 -18.39 31.03 -6.49
C ILE A 132 -17.20 31.98 -6.61
N ARG A 133 -16.07 31.45 -7.06
CA ARG A 133 -14.89 32.27 -7.31
C ARG A 133 -14.93 32.80 -8.74
N ILE A 134 -14.73 34.11 -8.87
CA ILE A 134 -14.71 34.77 -10.17
C ILE A 134 -13.24 34.93 -10.64
N PRO A 135 -12.92 34.44 -11.85
CA PRO A 135 -11.56 34.50 -12.40
C PRO A 135 -11.03 35.93 -12.57
N SER A 136 -9.71 36.09 -12.43
CA SER A 136 -9.06 37.38 -12.64
C SER A 136 -9.15 37.80 -14.10
N LYS A 137 -9.98 38.81 -14.36
CA LYS A 137 -10.28 39.24 -15.73
C LYS A 137 -9.39 40.38 -16.26
N THR A 138 -9.54 41.56 -15.67
CA THR A 138 -8.84 42.78 -16.13
C THR A 138 -7.31 42.65 -16.09
N THR A 139 -6.67 43.10 -17.17
CA THR A 139 -5.22 43.08 -17.29
C THR A 139 -4.63 44.47 -17.07
N TYR A 140 -3.75 44.58 -16.08
CA TYR A 140 -3.07 45.82 -15.75
C TYR A 140 -1.62 45.83 -16.24
N PRO A 141 -1.13 46.98 -16.73
CA PRO A 141 0.30 47.10 -17.02
C PRO A 141 1.10 47.25 -15.74
N HIS A 142 2.37 46.85 -15.77
CA HIS A 142 3.23 46.92 -14.59
C HIS A 142 3.41 48.34 -14.04
N SER A 143 3.22 49.34 -14.92
CA SER A 143 3.21 50.74 -14.53
C SER A 143 2.14 51.06 -13.47
N PHE A 144 0.97 50.42 -13.58
CA PHE A 144 -0.11 50.54 -12.57
C PHE A 144 0.40 50.14 -11.18
N PHE A 145 1.15 49.05 -11.10
CA PHE A 145 1.72 48.58 -9.83
C PHE A 145 2.74 49.56 -9.25
N GLU A 146 3.61 50.08 -10.11
CA GLU A 146 4.57 51.12 -9.72
C GLU A 146 3.89 52.44 -9.30
N GLU A 147 2.81 52.81 -9.99
CA GLU A 147 2.10 54.06 -9.72
C GLU A 147 1.23 54.00 -8.45
N GLN A 148 0.69 52.83 -8.15
CA GLN A 148 -0.29 52.69 -7.08
C GLN A 148 0.30 52.20 -5.75
N GLY A 149 1.62 52.11 -5.69
CA GLY A 149 2.33 51.84 -4.44
C GLY A 149 2.51 50.39 -4.05
N PHE A 150 2.57 49.51 -5.04
CA PHE A 150 2.79 48.07 -4.84
C PHE A 150 4.10 47.77 -4.10
N TYR A 151 5.15 48.52 -4.42
CA TYR A 151 6.49 48.26 -3.86
C TYR A 151 6.84 49.17 -2.67
N ASN A 152 5.91 50.04 -2.28
CA ASN A 152 6.17 51.10 -1.30
C ASN A 152 6.63 50.65 0.10
N LEU A 153 6.26 49.44 0.50
CA LEU A 153 6.65 48.90 1.82
C LEU A 153 8.11 48.44 1.86
N LEU A 154 8.69 48.16 0.69
CA LEU A 154 10.07 47.69 0.61
C LEU A 154 11.04 48.85 0.77
N ASP A 155 12.01 48.70 1.68
CA ASP A 155 12.95 49.78 1.99
C ASP A 155 14.04 49.94 0.92
N ASN A 156 13.95 49.11 -0.12
CA ASN A 156 14.85 49.18 -1.27
C ASN A 156 14.05 49.21 -2.58
N LYS A 157 13.05 50.09 -2.62
CA LYS A 157 12.04 50.14 -3.68
C LYS A 157 12.58 49.93 -5.11
N GLU A 158 13.37 50.89 -5.61
CA GLU A 158 13.83 50.89 -6.99
C GLU A 158 14.80 49.74 -7.34
N GLN A 159 15.52 49.25 -6.32
CA GLN A 159 16.40 48.09 -6.49
C GLN A 159 15.61 46.79 -6.69
N ALA A 160 14.48 46.68 -5.99
CA ALA A 160 13.60 45.52 -6.09
C ALA A 160 12.90 45.45 -7.43
N ILE A 161 12.46 46.61 -7.91
CA ILE A 161 11.79 46.73 -9.20
C ILE A 161 12.75 46.35 -10.33
N SER A 162 14.01 46.81 -10.23
CA SER A 162 15.05 46.44 -11.18
C SER A 162 15.32 44.94 -11.15
N ALA A 163 15.34 44.37 -9.95
CA ALA A 163 15.61 42.93 -9.75
C ALA A 163 14.54 42.05 -10.42
N ILE A 164 13.27 42.40 -10.26
CA ILE A 164 12.18 41.66 -10.89
C ILE A 164 12.23 41.78 -12.42
N LYS A 165 12.45 42.99 -12.92
CA LYS A 165 12.54 43.24 -14.36
C LYS A 165 13.72 42.51 -15.00
N ASP A 166 14.89 42.62 -14.38
CA ASP A 166 16.11 42.00 -14.90
C ASP A 166 16.15 40.48 -14.70
N GLY A 167 15.54 40.02 -13.60
CA GLY A 167 15.43 38.60 -13.29
C GLY A 167 14.48 37.86 -14.22
N ILE A 168 13.32 38.47 -14.48
CA ILE A 168 12.38 37.95 -15.48
C ILE A 168 13.00 37.92 -16.87
N ALA A 169 13.78 38.95 -17.20
CA ALA A 169 14.41 39.07 -18.53
C ALA A 169 15.47 38.00 -18.81
N ILE A 170 16.26 37.67 -17.79
CA ILE A 170 17.36 36.72 -17.94
C ILE A 170 16.92 35.25 -17.74
N GLY A 171 15.69 35.03 -17.29
CA GLY A 171 15.15 33.68 -17.16
C GLY A 171 15.29 33.06 -15.77
N LYS A 172 15.12 33.88 -14.74
CA LYS A 172 15.11 33.38 -13.37
C LYS A 172 13.76 32.71 -13.06
N ASN A 173 13.80 31.70 -12.20
CA ASN A 173 12.60 31.01 -11.72
C ASN A 173 11.92 31.84 -10.64
N VAL A 174 10.74 32.37 -10.98
CA VAL A 174 10.04 33.31 -10.10
C VAL A 174 8.71 32.75 -9.60
N ILE A 175 8.46 32.91 -8.30
CA ILE A 175 7.16 32.58 -7.70
C ILE A 175 6.50 33.83 -7.10
N VAL A 176 5.23 34.02 -7.41
CA VAL A 176 4.42 35.08 -6.81
C VAL A 176 3.42 34.42 -5.86
N CYS A 177 3.49 34.77 -4.58
CA CYS A 177 2.57 34.21 -3.59
C CYS A 177 1.82 35.26 -2.76
N GLY A 178 0.72 34.82 -2.16
CA GLY A 178 -0.12 35.64 -1.33
C GLY A 178 -1.35 34.83 -1.02
N GLY A 179 -2.32 35.45 -0.37
CA GLY A 179 -3.60 34.80 -0.10
C GLY A 179 -4.56 35.04 -1.23
N THR A 180 -5.76 34.47 -1.11
CA THR A 180 -6.82 34.66 -2.10
C THR A 180 -7.20 36.15 -2.17
N GLY A 181 -7.25 36.68 -3.38
CA GLY A 181 -7.47 38.11 -3.58
C GLY A 181 -6.31 39.02 -3.24
N SER A 182 -5.08 38.49 -3.32
CA SER A 182 -3.88 39.31 -3.21
C SER A 182 -3.54 39.94 -4.56
N GLY A 183 -4.16 39.41 -5.62
CA GLY A 183 -3.91 39.83 -6.98
C GLY A 183 -2.70 39.15 -7.58
N LYS A 184 -2.44 37.91 -7.18
CA LYS A 184 -1.31 37.09 -7.65
C LYS A 184 -1.22 37.06 -9.15
N THR A 185 -2.33 36.65 -9.79
CA THR A 185 -2.43 36.44 -11.23
C THR A 185 -2.35 37.75 -12.02
N THR A 186 -3.09 38.77 -11.59
CA THR A 186 -2.99 40.12 -12.15
C THR A 186 -1.54 40.63 -12.17
N TYR A 187 -0.79 40.34 -11.11
CA TYR A 187 0.63 40.67 -11.04
C TYR A 187 1.55 39.82 -11.95
N ILE A 188 1.29 38.51 -12.06
CA ILE A 188 2.07 37.65 -12.98
C ILE A 188 2.00 38.18 -14.40
N LYS A 189 0.79 38.54 -14.80
CA LYS A 189 0.50 39.05 -16.13
C LYS A 189 1.23 40.36 -16.42
N SER A 190 1.35 41.21 -15.40
CA SER A 190 2.00 42.52 -15.57
C SER A 190 3.50 42.38 -15.82
N ILE A 191 4.12 41.41 -15.15
CA ILE A 191 5.56 41.14 -15.29
C ILE A 191 5.94 40.28 -16.50
N MET A 192 4.95 39.77 -17.23
CA MET A 192 5.19 39.09 -18.52
C MET A 192 5.73 40.06 -19.57
N GLU A 193 5.52 41.36 -19.32
CA GLU A 193 6.09 42.46 -20.11
C GLU A 193 7.61 42.31 -20.27
N PHE A 194 8.26 41.73 -19.26
CA PHE A 194 9.71 41.71 -19.19
C PHE A 194 10.35 40.39 -19.67
N ILE A 195 9.51 39.49 -20.20
CA ILE A 195 10.01 38.33 -20.92
C ILE A 195 10.27 38.81 -22.35
N PRO A 196 11.48 38.56 -22.88
CA PRO A 196 11.80 39.04 -24.23
C PRO A 196 10.74 38.55 -25.23
N LYS A 197 10.30 39.45 -26.11
CA LYS A 197 9.20 39.19 -27.04
C LYS A 197 9.45 37.99 -27.95
N GLU A 198 10.72 37.60 -28.07
CA GLU A 198 11.14 36.54 -28.99
C GLU A 198 10.98 35.13 -28.40
N GLU A 199 10.59 35.08 -27.13
CA GLU A 199 10.47 33.80 -26.41
C GLU A 199 9.11 33.13 -26.61
N ARG A 200 9.17 31.83 -26.85
CA ARG A 200 7.98 31.00 -26.99
C ARG A 200 7.47 30.65 -25.60
N ILE A 201 6.26 31.12 -25.29
CA ILE A 201 5.65 30.86 -23.99
C ILE A 201 4.60 29.77 -24.08
N ILE A 202 4.59 28.89 -23.09
CA ILE A 202 3.49 27.95 -22.93
C ILE A 202 2.93 28.09 -21.52
N SER A 203 1.64 28.44 -21.44
CA SER A 203 0.97 28.60 -20.16
C SER A 203 0.12 27.36 -19.85
N ILE A 204 -0.07 27.08 -18.56
CA ILE A 204 -0.85 25.95 -18.11
C ILE A 204 -1.79 26.41 -16.98
N GLU A 205 -3.09 26.33 -17.26
CA GLU A 205 -4.14 26.83 -16.36
C GLU A 205 -5.32 25.88 -16.39
N ASP A 206 -6.32 26.09 -15.54
CA ASP A 206 -7.58 25.39 -15.71
C ASP A 206 -8.67 26.23 -16.39
N THR A 207 -8.56 27.55 -16.27
CA THR A 207 -9.33 28.50 -17.09
C THR A 207 -8.46 29.63 -17.60
N GLU A 208 -8.89 30.24 -18.71
CA GLU A 208 -8.15 31.31 -19.36
C GLU A 208 -8.15 32.58 -18.51
N GLU A 209 -6.99 32.88 -17.93
CA GLU A 209 -6.80 34.10 -17.17
C GLU A 209 -5.63 34.92 -17.74
N ILE A 210 -4.52 34.24 -18.00
CA ILE A 210 -3.32 34.83 -18.58
C ILE A 210 -3.64 35.41 -19.98
N VAL A 211 -3.13 36.60 -20.23
CA VAL A 211 -3.28 37.26 -21.52
C VAL A 211 -1.90 37.43 -22.14
N PHE A 212 -1.85 37.41 -23.48
CA PHE A 212 -0.59 37.58 -24.20
C PHE A 212 -0.60 38.89 -25.00
N LYS A 213 -0.02 39.92 -24.41
CA LYS A 213 0.00 41.26 -25.01
C LYS A 213 1.34 41.63 -25.67
N HIS A 214 2.40 40.92 -25.29
CA HIS A 214 3.75 41.24 -25.77
C HIS A 214 4.38 40.06 -26.52
N HIS A 215 3.62 38.98 -26.69
CA HIS A 215 4.16 37.75 -27.26
C HIS A 215 3.25 37.14 -28.31
N LYS A 216 3.86 36.70 -29.41
CA LYS A 216 3.13 36.19 -30.57
C LYS A 216 3.23 34.68 -30.73
N ASN A 217 4.33 34.11 -30.23
CA ASN A 217 4.59 32.68 -30.29
C ASN A 217 4.26 32.08 -28.93
N TYR A 218 3.04 31.54 -28.81
CA TYR A 218 2.58 31.01 -27.54
C TYR A 218 1.49 29.96 -27.74
N THR A 219 1.36 29.07 -26.76
CA THR A 219 0.27 28.10 -26.71
C THR A 219 -0.25 27.98 -25.27
N GLN A 220 -1.57 28.07 -25.13
CA GLN A 220 -2.26 27.89 -23.86
C GLN A 220 -2.73 26.44 -23.70
N LEU A 221 -2.38 25.85 -22.55
CA LEU A 221 -2.82 24.50 -22.23
C LEU A 221 -3.77 24.53 -21.03
N PHE A 222 -4.80 23.70 -21.09
CA PHE A 222 -5.81 23.69 -20.04
C PHE A 222 -6.10 22.30 -19.53
N PHE A 223 -6.17 22.16 -18.22
CA PHE A 223 -6.50 20.88 -17.60
C PHE A 223 -7.90 20.89 -16.99
N GLY A 224 -8.44 19.70 -16.78
CA GLY A 224 -9.81 19.52 -16.33
C GLY A 224 -10.24 18.11 -16.65
N GLY A 225 -11.17 17.59 -15.85
CA GLY A 225 -11.65 16.22 -16.01
C GLY A 225 -10.52 15.22 -15.85
N ASN A 226 -10.31 14.41 -16.90
CA ASN A 226 -9.24 13.41 -16.89
C ASN A 226 -7.89 13.92 -17.40
N ILE A 227 -7.83 15.20 -17.76
CA ILE A 227 -6.55 15.85 -18.06
C ILE A 227 -6.08 16.62 -16.83
N THR A 228 -4.92 16.22 -16.30
CA THR A 228 -4.34 16.85 -15.14
C THR A 228 -3.33 17.90 -15.55
N SER A 229 -2.97 18.78 -14.62
CA SER A 229 -1.91 19.78 -14.79
C SER A 229 -0.58 19.13 -15.18
N ALA A 230 -0.30 17.96 -14.61
CA ALA A 230 0.90 17.18 -14.89
C ALA A 230 0.91 16.62 -16.32
N ASP A 231 -0.26 16.26 -16.83
CA ASP A 231 -0.43 15.85 -18.23
C ASP A 231 -0.07 17.01 -19.17
N CYS A 232 -0.46 18.23 -18.80
CA CYS A 232 -0.17 19.43 -19.59
C CYS A 232 1.30 19.80 -19.51
N LEU A 233 1.90 19.59 -18.34
CA LEU A 233 3.32 19.87 -18.12
C LEU A 233 4.20 18.90 -18.90
N LYS A 234 3.80 17.63 -18.93
CA LYS A 234 4.46 16.59 -19.72
C LYS A 234 4.40 16.91 -21.22
N SER A 235 3.23 17.37 -21.68
CA SER A 235 3.05 17.76 -23.07
C SER A 235 3.86 19.01 -23.40
N CYS A 236 3.82 19.97 -22.50
CA CYS A 236 4.55 21.23 -22.59
C CYS A 236 6.03 21.03 -22.92
N LEU A 237 6.66 20.04 -22.27
CA LEU A 237 8.09 19.75 -22.43
C LEU A 237 8.42 19.17 -23.80
N ARG A 238 7.39 18.72 -24.50
CA ARG A 238 7.52 18.16 -25.85
C ARG A 238 7.15 19.18 -26.93
N MET A 239 6.94 20.42 -26.50
CA MET A 239 6.45 21.50 -27.38
C MET A 239 7.45 22.65 -27.59
N ARG A 240 8.72 22.39 -27.23
CA ARG A 240 9.82 23.36 -27.34
C ARG A 240 9.52 24.78 -26.78
N PRO A 241 9.18 24.87 -25.47
CA PRO A 241 8.97 26.21 -24.92
C PRO A 241 10.28 26.89 -24.49
N ASP A 242 10.29 28.22 -24.49
CA ASP A 242 11.37 28.97 -23.87
C ASP A 242 10.97 29.31 -22.44
N ARG A 243 9.68 29.59 -22.26
CA ARG A 243 9.12 29.97 -20.97
C ARG A 243 7.89 29.14 -20.68
N ILE A 244 7.80 28.67 -19.45
CA ILE A 244 6.65 27.91 -18.97
C ILE A 244 5.99 28.72 -17.87
N ILE A 245 4.74 29.12 -18.10
CA ILE A 245 3.96 29.79 -17.07
C ILE A 245 2.94 28.82 -16.50
N LEU A 246 3.12 28.45 -15.25
CA LEU A 246 2.22 27.55 -14.54
C LEU A 246 1.30 28.41 -13.70
N GLY A 247 0.04 28.53 -14.12
CA GLY A 247 -0.92 29.42 -13.45
C GLY A 247 -0.91 29.37 -11.94
N GLU A 248 -1.00 28.16 -11.39
CA GLU A 248 -1.06 27.97 -9.94
C GLU A 248 -0.58 26.57 -9.54
N LEU A 249 0.09 26.49 -8.39
CA LEU A 249 0.44 25.22 -7.76
C LEU A 249 -0.58 24.92 -6.65
N ARG A 250 -1.15 23.72 -6.66
CA ARG A 250 -2.18 23.31 -5.68
C ARG A 250 -1.88 22.01 -4.95
N SER A 251 -1.53 20.95 -5.68
CA SER A 251 -1.09 19.72 -5.03
C SER A 251 0.10 19.04 -5.69
N SER A 252 -0.08 17.78 -6.08
CA SER A 252 1.02 16.88 -6.45
C SER A 252 1.85 17.34 -7.64
N GLU A 253 1.27 18.20 -8.50
CA GLU A 253 1.96 18.74 -9.66
C GLU A 253 3.14 19.65 -9.29
N ALA A 254 3.19 20.07 -8.03
CA ALA A 254 4.33 20.82 -7.50
C ALA A 254 5.65 20.03 -7.61
N TYR A 255 5.59 18.70 -7.54
CA TYR A 255 6.78 17.89 -7.71
C TYR A 255 7.13 17.61 -9.17
N ASP A 256 6.12 17.59 -10.03
CA ASP A 256 6.32 17.62 -11.48
C ASP A 256 7.03 18.91 -11.88
N PHE A 257 6.65 20.02 -11.24
CA PHE A 257 7.26 21.34 -11.37
C PHE A 257 8.70 21.35 -10.84
N TYR A 258 8.95 20.62 -9.77
CA TYR A 258 10.32 20.47 -9.24
C TYR A 258 11.25 19.77 -10.25
N ASN A 259 10.75 18.70 -10.87
CA ASN A 259 11.50 17.97 -11.89
C ASN A 259 11.81 18.76 -13.15
N VAL A 260 10.87 19.62 -13.55
CA VAL A 260 11.07 20.58 -14.64
C VAL A 260 12.27 21.49 -14.33
N LEU A 261 12.28 22.03 -13.11
CA LEU A 261 13.38 22.88 -12.63
C LEU A 261 14.73 22.14 -12.65
N CYS A 262 14.68 20.85 -12.35
CA CYS A 262 15.85 19.96 -12.38
C CYS A 262 16.29 19.54 -13.77
N SER A 263 15.38 19.63 -14.73
CA SER A 263 15.64 19.18 -16.09
C SER A 263 16.46 20.19 -16.91
N GLY A 264 16.92 21.24 -16.23
CA GLY A 264 17.67 22.30 -16.91
C GLY A 264 16.80 23.35 -17.56
N HIS A 265 15.53 23.39 -17.15
CA HIS A 265 14.62 24.41 -17.62
C HIS A 265 14.64 25.62 -16.69
N LYS A 266 15.03 26.76 -17.23
CA LYS A 266 15.00 28.01 -16.50
C LYS A 266 13.79 28.82 -16.95
N GLY A 267 13.56 29.97 -16.31
CA GLY A 267 12.52 30.89 -16.74
C GLY A 267 11.12 30.36 -16.59
N THR A 268 10.84 29.73 -15.44
CA THR A 268 9.49 29.32 -15.10
C THR A 268 8.84 30.39 -14.23
N LEU A 269 7.54 30.52 -14.37
CA LEU A 269 6.80 31.51 -13.61
C LEU A 269 5.56 30.82 -13.07
N THR A 270 5.32 30.94 -11.77
CA THR A 270 4.15 30.32 -11.14
C THR A 270 3.63 31.09 -9.91
N THR A 271 2.45 30.72 -9.43
CA THR A 271 1.93 31.21 -8.16
C THR A 271 1.46 30.09 -7.24
N LEU A 272 1.49 30.37 -5.94
CA LEU A 272 0.88 29.52 -4.92
C LEU A 272 0.36 30.38 -3.76
N HIS A 273 -0.44 29.77 -2.90
CA HIS A 273 -0.99 30.41 -1.70
C HIS A 273 -0.03 30.21 -0.54
N ALA A 274 0.54 31.32 -0.07
CA ALA A 274 1.49 31.32 1.02
C ALA A 274 1.53 32.69 1.67
N GLY A 275 2.05 32.75 2.89
CA GLY A 275 2.04 33.99 3.67
C GLY A 275 3.40 34.63 3.75
N SER A 276 4.40 33.94 3.24
CA SER A 276 5.78 34.44 3.15
C SER A 276 6.60 33.48 2.27
N SER A 277 7.87 33.82 2.04
CA SER A 277 8.76 32.99 1.24
C SER A 277 9.06 31.65 1.91
N GLU A 278 9.24 31.67 3.23
CA GLU A 278 9.50 30.44 3.98
C GLU A 278 8.27 29.53 3.96
N GLU A 279 7.11 30.15 4.06
CA GLU A 279 5.83 29.43 3.98
C GLU A 279 5.59 28.89 2.57
N ALA A 280 6.19 29.54 1.57
CA ALA A 280 6.10 29.10 0.18
C ALA A 280 6.87 27.81 -0.02
N PHE A 281 8.08 27.74 0.52
CA PHE A 281 8.91 26.55 0.47
C PHE A 281 8.30 25.35 1.20
N ILE A 282 7.74 25.60 2.38
CA ILE A 282 7.02 24.59 3.16
C ILE A 282 5.82 24.07 2.37
N ARG A 283 5.07 25.01 1.80
CA ARG A 283 3.89 24.73 1.01
C ARG A 283 4.24 23.90 -0.23
N LEU A 284 5.31 24.31 -0.93
CA LEU A 284 5.87 23.56 -2.07
C LEU A 284 6.24 22.12 -1.72
N ALA A 285 6.92 21.93 -0.59
CA ALA A 285 7.32 20.60 -0.12
C ALA A 285 6.13 19.75 0.29
N ASN A 286 5.15 20.36 0.96
CA ASN A 286 3.93 19.65 1.35
C ASN A 286 3.04 19.23 0.18
N MET A 287 2.94 20.10 -0.83
CA MET A 287 2.21 19.79 -2.06
C MET A 287 2.90 18.69 -2.85
N SER A 288 4.23 18.75 -2.88
CA SER A 288 5.05 17.75 -3.57
C SER A 288 4.95 16.36 -2.93
N SER A 289 4.79 16.33 -1.62
CA SER A 289 4.66 15.12 -0.81
C SER A 289 3.60 14.12 -1.26
N SER A 290 2.49 14.63 -1.78
CA SER A 290 1.39 13.80 -2.24
C SER A 290 1.64 13.13 -3.59
N ASN A 291 2.84 13.33 -4.14
CA ASN A 291 3.21 12.75 -5.43
C ASN A 291 3.98 11.42 -5.35
N SER A 292 3.77 10.56 -6.36
CA SER A 292 4.35 9.21 -6.45
C SER A 292 5.85 9.16 -6.19
N ALA A 293 6.60 9.96 -6.95
CA ALA A 293 8.06 9.97 -6.87
C ALA A 293 8.55 10.46 -5.52
N ALA A 294 7.72 11.23 -4.81
CA ALA A 294 8.12 11.89 -3.56
C ALA A 294 7.66 11.19 -2.28
N ARG A 295 6.95 10.07 -2.42
CA ARG A 295 6.41 9.34 -1.27
C ARG A 295 7.44 8.86 -0.25
N ASN A 296 8.67 8.60 -0.69
CA ASN A 296 9.75 8.18 0.20
C ASN A 296 10.87 9.23 0.33
N ILE A 297 10.52 10.50 0.16
CA ILE A 297 11.49 11.60 0.26
C ILE A 297 11.32 12.38 1.56
N LYS A 298 12.41 12.59 2.28
CA LYS A 298 12.41 13.40 3.49
C LYS A 298 11.94 14.83 3.19
N PHE A 299 10.98 15.30 3.99
CA PHE A 299 10.46 16.67 3.89
C PHE A 299 11.59 17.71 3.78
N GLU A 300 12.63 17.51 4.58
CA GLU A 300 13.77 18.42 4.65
C GLU A 300 14.57 18.46 3.34
N SER A 301 14.64 17.33 2.65
CA SER A 301 15.26 17.25 1.32
C SER A 301 14.40 17.93 0.25
N LEU A 302 13.09 17.77 0.34
CA LEU A 302 12.15 18.48 -0.52
C LEU A 302 12.27 20.00 -0.40
N ILE A 303 12.36 20.50 0.83
CA ILE A 303 12.53 21.93 1.10
C ILE A 303 13.85 22.48 0.54
N GLU A 304 14.96 21.82 0.85
CA GLU A 304 16.28 22.24 0.38
C GLU A 304 16.41 22.19 -1.16
N GLY A 305 15.67 21.28 -1.79
CA GLY A 305 15.65 21.15 -3.24
C GLY A 305 15.01 22.34 -3.93
N PHE A 306 13.88 22.81 -3.39
CA PHE A 306 13.25 24.02 -3.88
C PHE A 306 14.09 25.28 -3.60
N LYS A 307 14.73 25.35 -2.44
CA LYS A 307 15.57 26.48 -2.07
C LYS A 307 16.82 26.64 -2.96
N ASP A 308 17.27 25.54 -3.54
CA ASP A 308 18.39 25.58 -4.47
C ASP A 308 17.95 26.03 -5.86
N LEU A 309 16.65 26.02 -6.13
CA LEU A 309 16.16 26.22 -7.49
C LEU A 309 15.28 27.45 -7.72
N ILE A 310 14.67 27.96 -6.66
CA ILE A 310 13.82 29.14 -6.77
C ILE A 310 14.65 30.42 -6.60
N ASP A 311 14.62 31.25 -7.64
CA ASP A 311 15.43 32.46 -7.64
C ASP A 311 14.78 33.63 -6.88
N MET A 312 13.50 33.88 -7.16
CA MET A 312 12.81 35.01 -6.55
C MET A 312 11.43 34.61 -6.08
N ILE A 313 11.05 35.09 -4.90
CA ILE A 313 9.68 34.97 -4.42
C ILE A 313 9.16 36.35 -4.05
N VAL A 314 8.05 36.73 -4.67
CA VAL A 314 7.37 37.97 -4.37
C VAL A 314 6.11 37.65 -3.58
N HIS A 315 6.04 38.11 -2.33
CA HIS A 315 4.83 37.93 -1.53
C HIS A 315 3.98 39.20 -1.45
N ILE A 316 2.68 39.03 -1.66
CA ILE A 316 1.72 40.14 -1.65
C ILE A 316 0.80 40.02 -0.44
N ASN A 317 0.64 41.14 0.29
CA ASN A 317 -0.21 41.14 1.47
C ASN A 317 -1.69 41.29 1.14
N HIS A 318 -2.52 41.46 2.16
CA HIS A 318 -3.97 41.50 1.96
C HIS A 318 -4.43 42.86 1.40
N HIS A 319 -3.52 43.83 1.39
CA HIS A 319 -3.80 45.15 0.83
C HIS A 319 -3.11 45.34 -0.53
N LYS A 320 -2.76 44.22 -1.16
CA LYS A 320 -2.20 44.19 -2.53
C LYS A 320 -0.87 44.94 -2.68
N GLN A 321 -0.04 44.84 -1.64
CA GLN A 321 1.30 45.39 -1.65
C GLN A 321 2.29 44.27 -1.37
N CYS A 322 3.46 44.35 -1.97
CA CYS A 322 4.56 43.43 -1.65
C CYS A 322 5.17 43.76 -0.27
N ASP A 323 5.15 42.78 0.64
CA ASP A 323 5.75 42.93 1.97
C ASP A 323 7.05 42.13 2.11
N GLU A 324 7.31 41.26 1.13
CA GLU A 324 8.55 40.49 1.09
C GLU A 324 9.02 40.21 -0.33
N PHE A 325 10.24 40.64 -0.63
CA PHE A 325 10.86 40.36 -1.91
C PHE A 325 12.07 39.47 -1.70
N TYR A 326 11.83 38.15 -1.68
CA TYR A 326 12.89 37.18 -1.48
C TYR A 326 13.77 37.03 -2.73
N ILE A 327 15.07 37.21 -2.55
CA ILE A 327 16.05 36.96 -3.60
C ILE A 327 17.00 35.88 -3.11
N LYS A 328 17.34 34.93 -3.97
CA LYS A 328 18.25 33.85 -3.60
C LYS A 328 19.68 34.34 -3.52
N LYS B 21 1.70 -1.46 -44.69
CA LYS B 21 2.47 -0.31 -44.15
C LYS B 21 2.32 0.95 -45.01
N GLU B 22 2.26 0.76 -46.33
CA GLU B 22 2.20 1.88 -47.27
C GLU B 22 0.79 2.33 -47.61
N ALA B 23 -0.19 1.58 -47.12
CA ALA B 23 -1.58 2.01 -47.16
C ALA B 23 -1.81 3.10 -46.10
N ALA B 24 -1.09 2.98 -44.98
CA ALA B 24 -1.15 3.96 -43.90
C ALA B 24 -0.14 5.09 -44.10
N LEU B 25 0.90 4.83 -44.89
CA LEU B 25 2.03 5.73 -45.06
C LEU B 25 1.74 6.87 -46.03
N ASN B 26 1.15 6.55 -47.17
CA ASN B 26 0.83 7.54 -48.22
C ASN B 26 -0.04 8.72 -47.80
N PRO B 27 -1.17 8.46 -47.11
CA PRO B 27 -1.98 9.58 -46.63
C PRO B 27 -1.20 10.58 -45.76
N LEU B 28 -0.37 10.07 -44.84
CA LEU B 28 0.42 10.91 -43.93
C LEU B 28 1.48 11.73 -44.66
N ARG B 29 2.16 11.11 -45.62
CA ARG B 29 3.22 11.77 -46.39
C ARG B 29 2.71 12.94 -47.20
N HIS B 30 1.55 12.75 -47.83
CA HIS B 30 0.94 13.78 -48.65
C HIS B 30 0.38 14.90 -47.79
N ALA B 31 -0.24 14.54 -46.67
CA ALA B 31 -0.76 15.52 -45.70
C ALA B 31 0.35 16.35 -45.06
N THR B 32 1.51 15.72 -44.82
CA THR B 32 2.68 16.42 -44.27
C THR B 32 3.23 17.42 -45.28
N GLU B 33 3.40 16.96 -46.52
CA GLU B 33 3.90 17.79 -47.61
C GLU B 33 3.00 18.99 -47.87
N GLU B 34 1.69 18.72 -47.93
CA GLU B 34 0.68 19.76 -48.13
C GLU B 34 0.76 20.90 -47.10
N LEU B 35 0.99 20.53 -45.84
CA LEU B 35 1.02 21.49 -44.74
C LEU B 35 2.41 22.07 -44.47
N PHE B 36 3.38 21.19 -44.23
CA PHE B 36 4.68 21.61 -43.70
C PHE B 36 5.85 21.38 -44.65
N GLY B 37 5.55 21.00 -45.88
CA GLY B 37 6.55 20.71 -46.91
C GLY B 37 7.59 21.79 -47.16
N ASP B 38 7.14 23.04 -47.24
CA ASP B 38 8.04 24.20 -47.45
C ASP B 38 8.95 24.44 -46.26
N PHE B 39 8.49 24.05 -45.08
CA PHE B 39 9.21 24.29 -43.83
C PHE B 39 10.15 23.14 -43.49
N LEU B 40 9.78 21.93 -43.88
CA LEU B 40 10.63 20.76 -43.68
C LEU B 40 11.83 20.72 -44.63
N LYS B 41 11.74 21.47 -45.72
CA LYS B 41 12.85 21.59 -46.68
C LYS B 41 13.88 22.63 -46.26
N MET B 42 13.52 23.46 -45.28
CA MET B 42 14.42 24.48 -44.74
C MET B 42 15.62 23.85 -44.06
N GLU B 43 16.77 24.48 -44.23
CA GLU B 43 18.03 23.99 -43.71
C GLU B 43 18.36 24.65 -42.38
N ASN B 44 19.10 23.92 -41.55
CA ASN B 44 19.55 24.41 -40.25
C ASN B 44 18.43 24.91 -39.35
N ILE B 45 17.40 24.07 -39.23
CA ILE B 45 16.26 24.32 -38.37
C ILE B 45 16.14 23.19 -37.37
N THR B 46 15.54 23.50 -36.21
CA THR B 46 15.48 22.53 -35.13
C THR B 46 14.04 22.22 -34.68
N GLU B 47 13.12 23.12 -34.99
CA GLU B 47 11.73 23.00 -34.58
C GLU B 47 10.76 23.71 -35.53
N ILE B 48 9.62 23.06 -35.79
CA ILE B 48 8.50 23.69 -36.50
C ILE B 48 7.25 23.64 -35.63
N CYS B 49 6.67 24.81 -35.37
CA CYS B 49 5.49 24.93 -34.50
C CYS B 49 4.31 25.64 -35.16
N TYR B 50 3.11 25.14 -34.86
CA TYR B 50 1.86 25.77 -35.27
C TYR B 50 0.99 25.95 -34.04
N ASN B 51 0.51 27.17 -33.81
CA ASN B 51 -0.26 27.50 -32.59
C ASN B 51 -1.76 27.70 -32.81
N GLY B 52 -2.26 27.36 -33.99
CA GLY B 52 -3.69 27.48 -34.27
C GLY B 52 -4.18 28.85 -34.65
N ASN B 53 -3.32 29.65 -35.31
CA ASN B 53 -3.69 31.01 -35.72
C ASN B 53 -2.98 31.51 -37.00
N LYS B 54 -2.82 30.59 -37.95
CA LYS B 54 -2.33 30.86 -39.30
C LYS B 54 -0.89 31.31 -39.37
N VAL B 55 -0.09 30.88 -38.39
CA VAL B 55 1.33 31.22 -38.35
C VAL B 55 2.18 29.98 -38.06
N VAL B 56 3.08 29.67 -38.97
CA VAL B 56 4.05 28.59 -38.77
C VAL B 56 5.35 29.17 -38.23
N TRP B 57 5.69 28.78 -37.02
CA TRP B 57 6.90 29.25 -36.37
C TRP B 57 8.03 28.24 -36.56
N VAL B 58 9.15 28.73 -37.10
CA VAL B 58 10.34 27.91 -37.30
C VAL B 58 11.44 28.38 -36.35
N LEU B 59 11.98 27.45 -35.56
CA LEU B 59 13.13 27.74 -34.73
C LEU B 59 14.42 27.34 -35.46
N LYS B 60 15.28 28.32 -35.71
CA LYS B 60 16.54 28.10 -36.42
C LYS B 60 17.64 27.64 -35.47
N ASN B 61 18.69 27.07 -36.03
CA ASN B 61 19.84 26.61 -35.24
C ASN B 61 20.51 27.72 -34.43
N ASN B 62 20.49 28.93 -34.97
CA ASN B 62 21.05 30.10 -34.27
C ASN B 62 20.14 30.63 -33.15
N GLY B 63 19.04 29.92 -32.89
CA GLY B 63 18.15 30.23 -31.77
C GLY B 63 17.08 31.30 -32.04
N GLU B 64 16.89 31.66 -33.30
CA GLU B 64 15.86 32.63 -33.67
C GLU B 64 14.57 31.97 -34.15
N TRP B 65 13.45 32.40 -33.56
CA TRP B 65 12.12 31.99 -34.04
C TRP B 65 11.73 32.89 -35.21
N GLN B 66 11.30 32.28 -36.30
CA GLN B 66 10.86 33.00 -37.47
C GLN B 66 9.40 32.66 -37.80
N PRO B 67 8.52 33.68 -37.83
CA PRO B 67 7.12 33.48 -38.15
C PRO B 67 6.83 33.53 -39.65
N PHE B 68 6.06 32.56 -40.13
CA PHE B 68 5.61 32.52 -41.51
C PHE B 68 4.10 32.46 -41.54
N ASP B 69 3.50 33.47 -42.15
CA ASP B 69 2.06 33.55 -42.30
C ASP B 69 1.55 32.56 -43.32
N VAL B 70 0.51 31.82 -42.95
CA VAL B 70 -0.08 30.80 -43.83
C VAL B 70 -1.61 30.97 -43.97
N ARG B 71 -2.09 32.18 -43.68
CA ARG B 71 -3.52 32.51 -43.79
C ARG B 71 -4.00 32.48 -45.25
N ASP B 72 -3.07 32.75 -46.18
CA ASP B 72 -3.37 32.74 -47.61
C ASP B 72 -3.31 31.33 -48.23
N ARG B 73 -2.93 30.34 -47.43
CA ARG B 73 -2.82 28.96 -47.90
C ARG B 73 -4.09 28.15 -47.61
N LYS B 74 -4.70 27.66 -48.68
CA LYS B 74 -5.89 26.79 -48.62
C LYS B 74 -5.62 25.52 -47.83
N ALA B 75 -4.36 25.08 -47.87
CA ALA B 75 -3.91 23.88 -47.15
C ALA B 75 -4.19 23.94 -45.64
N PHE B 76 -4.10 25.13 -45.07
CA PHE B 76 -4.35 25.32 -43.64
C PHE B 76 -5.82 25.61 -43.34
N SER B 77 -6.60 24.55 -43.15
CA SER B 77 -7.95 24.66 -42.63
C SER B 77 -8.07 23.71 -41.44
N LEU B 78 -9.13 23.90 -40.65
CA LEU B 78 -9.36 23.09 -39.47
C LEU B 78 -9.45 21.61 -39.83
N SER B 79 -10.09 21.31 -40.96
CA SER B 79 -10.31 19.93 -41.39
C SER B 79 -9.05 19.26 -41.93
N ARG B 80 -8.21 20.04 -42.62
CA ARG B 80 -6.93 19.51 -43.14
C ARG B 80 -5.95 19.26 -42.02
N LEU B 81 -5.90 20.17 -41.05
CA LEU B 81 -5.05 20.03 -39.88
C LEU B 81 -5.49 18.83 -39.03
N MET B 82 -6.81 18.63 -38.96
CA MET B 82 -7.39 17.50 -38.25
C MET B 82 -7.20 16.16 -38.97
N HIS B 83 -7.23 16.18 -40.29
CA HIS B 83 -6.90 15.02 -41.10
C HIS B 83 -5.43 14.60 -40.93
N PHE B 84 -4.53 15.58 -40.93
CA PHE B 84 -3.10 15.36 -40.70
C PHE B 84 -2.84 14.74 -39.33
N ALA B 85 -3.50 15.30 -38.30
CA ALA B 85 -3.39 14.81 -36.92
C ALA B 85 -3.80 13.33 -36.80
N ARG B 86 -4.91 12.95 -37.40
CA ARG B 86 -5.38 11.55 -37.38
C ARG B 86 -4.45 10.61 -38.15
N CYS B 87 -3.90 11.09 -39.26
CA CYS B 87 -2.93 10.35 -40.05
C CYS B 87 -1.64 10.12 -39.26
N CYS B 88 -1.24 11.16 -38.54
CA CYS B 88 -0.08 11.11 -37.66
C CYS B 88 -0.30 10.10 -36.53
N ALA B 89 -1.51 10.08 -35.97
CA ALA B 89 -1.89 9.14 -34.92
C ALA B 89 -1.91 7.67 -35.39
N SER B 90 -2.59 7.43 -36.52
CA SER B 90 -2.74 6.09 -37.10
C SER B 90 -1.43 5.43 -37.49
N PHE B 91 -0.49 6.24 -37.99
CA PHE B 91 0.84 5.77 -38.37
C PHE B 91 1.54 5.03 -37.23
N LYS B 92 1.33 5.50 -36.00
CA LYS B 92 1.89 4.87 -34.82
C LYS B 92 0.86 4.06 -34.03
N LYS B 93 -0.16 3.58 -34.72
CA LYS B 93 -1.26 2.80 -34.11
C LYS B 93 -1.87 3.47 -32.86
N LYS B 94 -1.96 4.80 -32.90
CA LYS B 94 -2.53 5.60 -31.82
C LYS B 94 -3.79 6.31 -32.31
N THR B 95 -4.49 6.94 -31.38
CA THR B 95 -5.69 7.71 -31.69
C THR B 95 -5.59 9.13 -31.14
N ILE B 96 -6.20 10.07 -31.86
CA ILE B 96 -6.30 11.45 -31.39
C ILE B 96 -7.73 11.95 -31.61
N ASP B 97 -8.28 12.62 -30.62
CA ASP B 97 -9.66 13.12 -30.67
C ASP B 97 -9.88 14.23 -29.64
N ASN B 98 -11.06 14.86 -29.70
CA ASN B 98 -11.40 15.93 -28.76
C ASN B 98 -12.03 15.39 -27.47
N TYR B 99 -11.79 14.11 -27.17
CA TYR B 99 -12.50 13.46 -26.05
C TYR B 99 -11.56 12.83 -25.02
N GLU B 100 -11.22 11.55 -25.17
CA GLU B 100 -10.29 10.95 -24.23
C GLU B 100 -8.82 11.12 -24.61
N ASN B 101 -8.55 11.41 -25.88
CA ASN B 101 -7.16 11.47 -26.37
C ASN B 101 -6.77 12.78 -27.08
N PRO B 102 -6.91 13.94 -26.40
CA PRO B 102 -6.63 15.22 -27.08
C PRO B 102 -5.14 15.56 -27.16
N ILE B 103 -4.30 14.78 -26.48
CA ILE B 103 -2.84 14.96 -26.50
C ILE B 103 -2.19 13.77 -27.19
N LEU B 104 -1.35 14.06 -28.18
CA LEU B 104 -0.68 13.03 -28.95
C LEU B 104 0.82 13.26 -29.07
N SER B 105 1.60 12.22 -28.82
CA SER B 105 3.01 12.17 -29.18
C SER B 105 3.18 11.09 -30.24
N SER B 106 3.68 11.48 -31.41
CA SER B 106 3.81 10.57 -32.55
C SER B 106 4.99 10.96 -33.42
N ASN B 107 4.99 10.47 -34.66
CA ASN B 107 6.09 10.74 -35.61
C ASN B 107 5.59 11.02 -37.01
N LEU B 108 6.36 11.81 -37.75
CA LEU B 108 6.18 11.94 -39.19
C LEU B 108 6.75 10.68 -39.88
N ALA B 109 6.49 10.54 -41.18
CA ALA B 109 6.89 9.34 -41.94
C ALA B 109 8.38 9.02 -41.86
N ASN B 110 9.22 10.06 -41.95
CA ASN B 110 10.67 9.92 -41.83
C ASN B 110 11.17 9.94 -40.37
N GLY B 111 10.24 9.97 -39.43
CA GLY B 111 10.58 9.69 -38.04
C GLY B 111 10.67 10.87 -37.08
N GLU B 112 10.66 12.09 -37.60
CA GLU B 112 10.69 13.27 -36.74
C GLU B 112 9.49 13.33 -35.79
N ARG B 113 9.77 13.71 -34.54
CA ARG B 113 8.79 13.74 -33.46
C ARG B 113 7.72 14.82 -33.62
N VAL B 114 6.48 14.44 -33.34
CA VAL B 114 5.33 15.34 -33.44
C VAL B 114 4.50 15.32 -32.15
N GLN B 115 4.33 16.50 -31.56
CA GLN B 115 3.41 16.70 -30.46
C GLN B 115 2.18 17.45 -30.96
N ILE B 116 1.01 16.82 -30.83
CA ILE B 116 -0.24 17.45 -31.24
C ILE B 116 -1.21 17.54 -30.06
N VAL B 117 -1.80 18.72 -29.88
CA VAL B 117 -2.74 18.99 -28.81
C VAL B 117 -4.02 19.58 -29.41
N LEU B 118 -5.17 19.05 -28.99
CA LEU B 118 -6.47 19.50 -29.45
C LEU B 118 -7.30 20.04 -28.30
N SER B 119 -8.42 20.68 -28.64
CA SER B 119 -9.46 21.05 -27.69
C SER B 119 -9.98 19.75 -27.03
N PRO B 120 -10.32 19.77 -25.73
CA PRO B 120 -10.44 20.90 -24.80
C PRO B 120 -9.16 21.26 -24.04
N VAL B 121 -8.01 20.72 -24.45
CA VAL B 121 -6.73 21.09 -23.85
C VAL B 121 -6.16 22.40 -24.43
N THR B 122 -6.49 22.70 -25.68
CA THR B 122 -6.21 24.02 -26.25
C THR B 122 -7.38 24.96 -25.92
N VAL B 123 -7.21 26.25 -26.25
CA VAL B 123 -8.13 27.30 -25.78
C VAL B 123 -9.56 27.24 -26.35
N ASN B 124 -9.72 26.73 -27.57
CA ASN B 124 -11.05 26.56 -28.15
C ASN B 124 -11.18 25.50 -29.24
N ASP B 125 -12.42 25.28 -29.65
CA ASP B 125 -12.87 24.49 -30.81
C ASP B 125 -12.00 24.46 -32.07
N GLU B 126 -11.37 25.59 -32.36
CA GLU B 126 -10.72 25.80 -33.65
C GLU B 126 -9.20 25.92 -33.53
N THR B 127 -8.67 25.56 -32.35
CA THR B 127 -7.24 25.65 -32.08
C THR B 127 -6.55 24.28 -32.01
N ILE B 128 -5.60 24.08 -32.91
CA ILE B 128 -4.78 22.87 -32.94
C ILE B 128 -3.34 23.29 -32.78
N SER B 129 -2.67 22.72 -31.76
CA SER B 129 -1.25 22.93 -31.52
C SER B 129 -0.40 21.79 -32.12
N ILE B 130 0.57 22.13 -32.95
CA ILE B 130 1.49 21.13 -33.54
C ILE B 130 2.94 21.53 -33.31
N SER B 131 3.74 20.61 -32.75
CA SER B 131 5.17 20.85 -32.54
C SER B 131 6.00 19.74 -33.15
N ILE B 132 6.83 20.08 -34.13
CA ILE B 132 7.66 19.09 -34.82
C ILE B 132 9.13 19.31 -34.51
N ARG B 133 9.77 18.28 -33.94
CA ARG B 133 11.19 18.33 -33.60
C ARG B 133 12.02 17.86 -34.78
N ILE B 134 12.90 18.73 -35.26
CA ILE B 134 13.78 18.42 -36.39
C ILE B 134 15.11 17.87 -35.88
N PRO B 135 15.39 16.59 -36.13
CA PRO B 135 16.65 16.02 -35.66
C PRO B 135 17.84 16.61 -36.42
N SER B 136 18.95 16.78 -35.71
CA SER B 136 20.23 17.08 -36.35
C SER B 136 20.84 15.73 -36.72
N LYS B 137 20.73 15.37 -37.99
CA LYS B 137 21.10 14.02 -38.45
C LYS B 137 22.57 13.88 -38.86
N THR B 138 23.29 15.00 -38.92
CA THR B 138 24.72 15.01 -39.27
C THR B 138 25.61 14.47 -38.14
N THR B 139 26.60 13.66 -38.50
CA THR B 139 27.49 13.01 -37.54
C THR B 139 28.92 13.60 -37.60
N TYR B 140 29.34 14.21 -36.50
CA TYR B 140 30.67 14.81 -36.40
C TYR B 140 31.66 13.86 -35.72
N PRO B 141 32.94 13.89 -36.16
CA PRO B 141 33.97 13.18 -35.41
C PRO B 141 34.25 13.88 -34.08
N HIS B 142 34.80 13.15 -33.11
CA HIS B 142 35.12 13.71 -31.81
C HIS B 142 36.21 14.78 -31.90
N SER B 143 37.13 14.61 -32.86
CA SER B 143 38.16 15.60 -33.16
C SER B 143 37.55 16.99 -33.43
N PHE B 144 36.41 17.02 -34.12
CA PHE B 144 35.69 18.26 -34.40
C PHE B 144 35.19 18.95 -33.12
N PHE B 145 34.73 18.16 -32.16
CA PHE B 145 34.30 18.67 -30.85
C PHE B 145 35.46 19.31 -30.08
N GLU B 146 36.59 18.60 -30.02
CA GLU B 146 37.81 19.09 -29.39
C GLU B 146 38.30 20.41 -30.00
N GLU B 147 38.24 20.50 -31.33
CA GLU B 147 38.74 21.65 -32.06
C GLU B 147 37.89 22.90 -31.88
N GLN B 148 36.57 22.71 -31.69
CA GLN B 148 35.63 23.81 -31.51
C GLN B 148 35.56 24.32 -30.07
N GLY B 149 36.35 23.73 -29.18
CA GLY B 149 36.38 24.13 -27.77
C GLY B 149 35.24 23.60 -26.92
N PHE B 150 34.85 22.34 -27.15
CA PHE B 150 33.80 21.69 -26.36
C PHE B 150 34.22 21.58 -24.89
N TYR B 151 35.49 21.27 -24.67
CA TYR B 151 36.04 21.07 -23.32
C TYR B 151 36.77 22.31 -22.78
N ASN B 152 36.76 23.39 -23.54
CA ASN B 152 37.57 24.58 -23.23
C ASN B 152 37.17 25.39 -21.99
N LEU B 153 35.89 25.35 -21.61
CA LEU B 153 35.42 26.05 -20.42
C LEU B 153 35.90 25.37 -19.13
N LEU B 154 36.25 24.10 -19.23
CA LEU B 154 36.52 23.24 -18.08
C LEU B 154 37.86 23.52 -17.40
N ASP B 155 37.83 23.53 -16.07
CA ASP B 155 39.03 23.58 -15.26
C ASP B 155 39.77 22.25 -15.34
N ASN B 156 39.02 21.15 -15.28
CA ASN B 156 39.56 19.80 -15.42
C ASN B 156 39.55 19.31 -16.88
N LYS B 157 40.03 20.18 -17.77
CA LYS B 157 39.95 19.97 -19.23
C LYS B 157 40.63 18.69 -19.73
N GLU B 158 41.91 18.54 -19.40
CA GLU B 158 42.72 17.45 -19.95
C GLU B 158 42.38 16.11 -19.30
N GLN B 159 41.92 16.16 -18.05
CA GLN B 159 41.46 14.97 -17.35
C GLN B 159 40.11 14.50 -17.88
N ALA B 160 39.33 15.43 -18.44
CA ALA B 160 38.04 15.11 -19.05
C ALA B 160 38.20 14.37 -20.37
N ILE B 161 39.07 14.89 -21.23
CA ILE B 161 39.37 14.28 -22.53
C ILE B 161 39.99 12.89 -22.37
N SER B 162 40.87 12.74 -21.37
CA SER B 162 41.49 11.46 -21.05
C SER B 162 40.48 10.47 -20.50
N ALA B 163 39.53 10.97 -19.71
CA ALA B 163 38.46 10.13 -19.15
C ALA B 163 37.47 9.66 -20.22
N ILE B 164 37.17 10.54 -21.18
CA ILE B 164 36.35 10.20 -22.33
C ILE B 164 37.01 9.13 -23.21
N LYS B 165 38.30 9.33 -23.50
CA LYS B 165 39.00 8.43 -24.42
C LYS B 165 39.40 7.12 -23.77
N ASP B 166 40.06 7.19 -22.63
CA ASP B 166 40.53 5.99 -21.92
C ASP B 166 39.42 5.30 -21.15
N GLY B 167 38.60 6.08 -20.47
CA GLY B 167 37.46 5.57 -19.70
C GLY B 167 36.47 4.77 -20.53
N ILE B 168 36.10 5.31 -21.69
CA ILE B 168 35.16 4.63 -22.59
C ILE B 168 35.80 3.42 -23.31
N ALA B 169 37.12 3.42 -23.42
CA ALA B 169 37.86 2.29 -23.98
C ALA B 169 37.83 1.08 -23.03
N ILE B 170 38.04 1.34 -21.74
CA ILE B 170 38.01 0.30 -20.71
C ILE B 170 36.58 -0.21 -20.47
N GLY B 171 35.61 0.70 -20.53
CA GLY B 171 34.22 0.36 -20.29
C GLY B 171 33.71 1.06 -19.05
N LYS B 172 33.13 2.24 -19.24
CA LYS B 172 32.55 2.97 -18.13
C LYS B 172 31.12 3.39 -18.45
N ASN B 173 30.36 3.66 -17.39
CA ASN B 173 29.00 4.15 -17.51
C ASN B 173 28.95 5.66 -17.55
N VAL B 174 28.60 6.20 -18.71
CA VAL B 174 28.53 7.65 -18.88
C VAL B 174 27.13 8.15 -19.26
N ILE B 175 26.76 9.28 -18.66
CA ILE B 175 25.53 10.00 -19.00
C ILE B 175 25.89 11.35 -19.60
N VAL B 176 25.28 11.67 -20.73
CA VAL B 176 25.43 12.99 -21.31
C VAL B 176 24.14 13.76 -21.04
N CYS B 177 24.23 14.85 -20.28
CA CYS B 177 23.02 15.60 -19.98
C CYS B 177 23.03 17.04 -20.51
N GLY B 178 21.86 17.66 -20.51
CA GLY B 178 21.64 19.01 -20.99
C GLY B 178 20.22 19.22 -21.44
N GLY B 179 19.92 20.42 -21.93
CA GLY B 179 18.59 20.78 -22.43
C GLY B 179 18.36 20.33 -23.85
N THR B 180 17.16 20.63 -24.36
CA THR B 180 16.77 20.32 -25.74
C THR B 180 17.59 21.19 -26.70
N GLY B 181 18.10 20.55 -27.75
CA GLY B 181 18.91 21.25 -28.75
C GLY B 181 20.39 21.36 -28.42
N SER B 182 20.80 20.88 -27.24
CA SER B 182 22.19 20.99 -26.79
C SER B 182 23.14 20.03 -27.51
N GLY B 183 22.57 19.09 -28.27
CA GLY B 183 23.36 18.17 -29.07
C GLY B 183 23.91 16.98 -28.30
N LYS B 184 23.09 16.44 -27.40
CA LYS B 184 23.46 15.27 -26.59
C LYS B 184 23.71 14.01 -27.44
N THR B 185 22.75 13.68 -28.31
CA THR B 185 22.86 12.53 -29.22
C THR B 185 24.07 12.68 -30.16
N THR B 186 24.24 13.88 -30.73
CA THR B 186 25.39 14.17 -31.57
C THR B 186 26.70 13.85 -30.85
N TYR B 187 26.86 14.38 -29.63
CA TYR B 187 28.04 14.13 -28.80
C TYR B 187 28.22 12.64 -28.48
N ILE B 188 27.12 11.95 -28.22
CA ILE B 188 27.11 10.50 -27.99
C ILE B 188 27.69 9.73 -29.16
N LYS B 189 27.23 10.04 -30.37
CA LYS B 189 27.77 9.47 -31.60
C LYS B 189 29.28 9.66 -31.73
N SER B 190 29.78 10.82 -31.33
CA SER B 190 31.20 11.14 -31.46
C SER B 190 32.07 10.31 -30.50
N ILE B 191 31.58 10.08 -29.30
CA ILE B 191 32.37 9.35 -28.29
C ILE B 191 32.37 7.83 -28.51
N MET B 192 31.51 7.37 -29.41
CA MET B 192 31.43 5.95 -29.80
C MET B 192 32.68 5.43 -30.53
N GLU B 193 33.49 6.36 -31.06
CA GLU B 193 34.80 6.04 -31.62
C GLU B 193 35.66 5.30 -30.60
N PHE B 194 35.49 5.67 -29.33
CA PHE B 194 36.37 5.21 -28.27
C PHE B 194 35.93 3.91 -27.63
N ILE B 195 34.79 3.38 -28.09
CA ILE B 195 34.42 2.01 -27.80
C ILE B 195 35.19 1.15 -28.81
N PRO B 196 36.03 0.21 -28.32
CA PRO B 196 36.81 -0.63 -29.23
C PRO B 196 35.92 -1.32 -30.28
N LYS B 197 36.40 -1.35 -31.53
CA LYS B 197 35.64 -1.89 -32.66
C LYS B 197 35.18 -3.35 -32.50
N GLU B 198 35.85 -4.08 -31.63
CA GLU B 198 35.58 -5.51 -31.38
C GLU B 198 34.32 -5.75 -30.55
N GLU B 199 33.88 -4.73 -29.82
CA GLU B 199 32.75 -4.86 -28.89
C GLU B 199 31.38 -4.89 -29.58
N ARG B 200 30.54 -5.81 -29.11
CA ARG B 200 29.15 -5.91 -29.57
C ARG B 200 28.31 -4.80 -28.93
N ILE B 201 27.64 -4.02 -29.76
CA ILE B 201 26.82 -2.89 -29.29
C ILE B 201 25.33 -3.16 -29.48
N ILE B 202 24.56 -2.88 -28.44
CA ILE B 202 23.10 -2.85 -28.53
C ILE B 202 22.59 -1.47 -28.15
N SER B 203 21.81 -0.89 -29.06
CA SER B 203 21.20 0.41 -28.85
C SER B 203 19.70 0.25 -28.66
N ILE B 204 19.12 1.14 -27.84
CA ILE B 204 17.68 1.16 -27.56
C ILE B 204 17.16 2.57 -27.79
N GLU B 205 16.24 2.71 -28.74
CA GLU B 205 15.79 4.03 -29.18
C GLU B 205 14.29 4.12 -29.46
N ASP B 206 13.80 5.35 -29.40
CA ASP B 206 12.48 5.72 -29.88
C ASP B 206 12.52 5.82 -31.39
N THR B 207 13.46 6.63 -31.90
CA THR B 207 13.68 6.82 -33.33
C THR B 207 15.14 6.51 -33.64
N GLU B 208 15.40 6.07 -34.86
CA GLU B 208 16.76 5.77 -35.30
C GLU B 208 17.63 7.03 -35.46
N GLU B 209 18.54 7.24 -34.52
CA GLU B 209 19.45 8.37 -34.55
C GLU B 209 20.91 7.94 -34.47
N ILE B 210 21.20 7.00 -33.57
CA ILE B 210 22.56 6.47 -33.40
C ILE B 210 23.05 5.77 -34.68
N VAL B 211 24.29 6.06 -35.06
CA VAL B 211 24.92 5.43 -36.22
C VAL B 211 26.12 4.59 -35.80
N PHE B 212 26.48 3.63 -36.65
CA PHE B 212 27.56 2.71 -36.32
C PHE B 212 28.69 2.80 -37.35
N LYS B 213 29.54 3.81 -37.14
CA LYS B 213 30.64 4.15 -38.04
C LYS B 213 31.87 3.29 -37.80
N HIS B 214 31.96 2.68 -36.62
CA HIS B 214 33.17 1.97 -36.20
C HIS B 214 32.93 0.52 -35.76
N HIS B 215 31.67 0.08 -35.78
CA HIS B 215 31.29 -1.22 -35.25
C HIS B 215 30.48 -2.07 -36.23
N LYS B 216 30.93 -3.30 -36.44
CA LYS B 216 30.26 -4.22 -37.36
C LYS B 216 29.26 -5.14 -36.68
N ASN B 217 29.53 -5.47 -35.42
CA ASN B 217 28.68 -6.34 -34.61
C ASN B 217 27.76 -5.52 -33.70
N TYR B 218 26.53 -5.29 -34.17
CA TYR B 218 25.56 -4.49 -33.43
C TYR B 218 24.11 -4.87 -33.74
N THR B 219 23.22 -4.60 -32.78
CA THR B 219 21.78 -4.76 -32.97
C THR B 219 21.03 -3.53 -32.41
N GLN B 220 20.16 -2.98 -33.24
CA GLN B 220 19.32 -1.86 -32.88
C GLN B 220 17.97 -2.36 -32.38
N LEU B 221 17.54 -1.84 -31.22
CA LEU B 221 16.19 -2.11 -30.71
C LEU B 221 15.36 -0.83 -30.64
N PHE B 222 14.08 -0.97 -30.98
CA PHE B 222 13.14 0.14 -31.02
C PHE B 222 11.84 -0.19 -30.30
N PHE B 223 11.46 0.66 -29.37
CA PHE B 223 10.26 0.44 -28.59
C PHE B 223 9.07 1.21 -29.16
N GLY B 224 7.88 0.69 -28.90
CA GLY B 224 6.64 1.22 -29.49
C GLY B 224 5.50 0.23 -29.27
N GLY B 225 4.28 0.76 -29.15
CA GLY B 225 3.09 -0.05 -28.94
C GLY B 225 3.15 -0.88 -27.68
N ASN B 226 3.15 -2.20 -27.84
CA ASN B 226 3.17 -3.12 -26.71
C ASN B 226 4.54 -3.23 -26.05
N ILE B 227 5.58 -2.94 -26.83
CA ILE B 227 6.96 -3.08 -26.36
C ILE B 227 7.49 -1.75 -25.83
N THR B 228 7.75 -1.70 -24.52
CA THR B 228 8.23 -0.51 -23.88
C THR B 228 9.76 -0.46 -23.91
N SER B 229 10.30 0.70 -23.53
CA SER B 229 11.73 0.91 -23.35
C SER B 229 12.30 -0.10 -22.34
N ALA B 230 11.50 -0.42 -21.32
CA ALA B 230 11.88 -1.37 -20.29
C ALA B 230 11.97 -2.81 -20.82
N ASP B 231 11.11 -3.16 -21.77
CA ASP B 231 11.14 -4.47 -22.44
C ASP B 231 12.40 -4.63 -23.28
N CYS B 232 12.82 -3.56 -23.93
CA CYS B 232 14.09 -3.52 -24.66
C CYS B 232 15.31 -3.63 -23.74
N LEU B 233 15.27 -2.96 -22.60
CA LEU B 233 16.31 -3.08 -21.58
C LEU B 233 16.45 -4.51 -21.05
N LYS B 234 15.32 -5.16 -20.77
CA LYS B 234 15.30 -6.54 -20.29
C LYS B 234 15.78 -7.51 -21.36
N SER B 235 15.37 -7.27 -22.61
CA SER B 235 15.82 -8.07 -23.75
C SER B 235 17.33 -7.98 -23.97
N CYS B 236 17.88 -6.76 -23.91
CA CYS B 236 19.31 -6.58 -24.20
C CYS B 236 20.22 -7.38 -23.26
N LEU B 237 19.76 -7.61 -22.04
CA LEU B 237 20.51 -8.39 -21.06
C LEU B 237 20.66 -9.87 -21.44
N ARG B 238 19.82 -10.32 -22.38
CA ARG B 238 19.86 -11.70 -22.87
C ARG B 238 20.39 -11.79 -24.31
N MET B 239 20.97 -10.69 -24.79
CA MET B 239 21.50 -10.62 -26.16
C MET B 239 23.03 -10.45 -26.16
N ARG B 240 23.65 -10.83 -25.04
CA ARG B 240 25.10 -10.68 -24.80
C ARG B 240 25.75 -9.40 -25.37
N PRO B 241 25.37 -8.22 -24.82
CA PRO B 241 26.08 -7.03 -25.26
C PRO B 241 27.37 -6.80 -24.50
N ASP B 242 28.32 -6.14 -25.16
CA ASP B 242 29.46 -5.53 -24.49
C ASP B 242 29.09 -4.09 -24.07
N ARG B 243 28.44 -3.36 -24.97
CA ARG B 243 27.94 -2.01 -24.68
C ARG B 243 26.45 -1.88 -24.92
N ILE B 244 25.79 -1.18 -24.00
CA ILE B 244 24.38 -0.82 -24.16
C ILE B 244 24.24 0.69 -24.27
N ILE B 245 23.69 1.13 -25.39
CA ILE B 245 23.42 2.56 -25.60
C ILE B 245 21.91 2.81 -25.54
N LEU B 246 21.50 3.46 -24.46
CA LEU B 246 20.11 3.83 -24.28
C LEU B 246 19.96 5.27 -24.75
N GLY B 247 19.12 5.47 -25.76
CA GLY B 247 18.90 6.79 -26.35
C GLY B 247 18.69 7.88 -25.33
N GLU B 248 17.70 7.69 -24.46
CA GLU B 248 17.33 8.69 -23.46
C GLU B 248 16.59 8.07 -22.27
N LEU B 249 16.78 8.64 -21.09
CA LEU B 249 15.97 8.36 -19.90
C LEU B 249 14.81 9.38 -19.80
N ARG B 250 13.58 8.87 -19.64
CA ARG B 250 12.39 9.72 -19.52
C ARG B 250 11.59 9.53 -18.23
N SER B 251 11.33 8.27 -17.86
CA SER B 251 10.58 7.96 -16.64
C SER B 251 10.98 6.62 -15.99
N SER B 252 9.98 5.76 -15.76
CA SER B 252 10.09 4.54 -14.95
C SER B 252 11.15 3.55 -15.39
N GLU B 253 11.51 3.60 -16.67
CA GLU B 253 12.56 2.73 -17.23
C GLU B 253 13.94 3.05 -16.67
N ALA B 254 14.08 4.17 -15.94
CA ALA B 254 15.31 4.49 -15.23
C ALA B 254 15.63 3.43 -14.15
N TYR B 255 14.59 2.79 -13.63
CA TYR B 255 14.76 1.72 -12.66
C TYR B 255 15.26 0.45 -13.34
N ASP B 256 14.77 0.18 -14.55
CA ASP B 256 15.23 -0.95 -15.36
C ASP B 256 16.62 -0.70 -15.92
N PHE B 257 16.92 0.57 -16.21
CA PHE B 257 18.26 0.99 -16.60
C PHE B 257 19.25 0.75 -15.49
N TYR B 258 18.84 1.03 -14.25
CA TYR B 258 19.67 0.72 -13.08
C TYR B 258 19.95 -0.79 -12.93
N ASN B 259 18.99 -1.63 -13.29
CA ASN B 259 19.19 -3.09 -13.28
C ASN B 259 20.18 -3.52 -14.36
N VAL B 260 20.10 -2.87 -15.52
CA VAL B 260 21.05 -3.10 -16.60
C VAL B 260 22.47 -2.83 -16.10
N LEU B 261 22.64 -1.72 -15.37
CA LEU B 261 23.91 -1.36 -14.75
C LEU B 261 24.39 -2.35 -13.69
N CYS B 262 23.46 -2.95 -12.95
CA CYS B 262 23.79 -3.84 -11.83
C CYS B 262 24.32 -5.18 -12.32
N SER B 263 23.85 -5.58 -13.49
CA SER B 263 24.36 -6.77 -14.16
C SER B 263 25.66 -6.48 -14.91
N GLY B 264 26.28 -5.33 -14.61
CA GLY B 264 27.72 -5.22 -14.91
C GLY B 264 28.06 -5.86 -16.22
N HIS B 265 27.60 -5.23 -17.29
CA HIS B 265 28.19 -5.43 -18.60
C HIS B 265 29.34 -4.41 -18.69
N LYS B 266 30.10 -4.47 -19.79
CA LYS B 266 31.30 -3.65 -19.96
C LYS B 266 31.06 -2.13 -19.78
N GLY B 267 29.99 -1.61 -20.37
CA GLY B 267 29.67 -0.18 -20.27
C GLY B 267 28.34 0.22 -20.88
N THR B 268 27.89 1.42 -20.52
CA THR B 268 26.66 2.01 -21.05
C THR B 268 26.82 3.50 -21.38
N LEU B 269 26.06 3.94 -22.38
CA LEU B 269 25.93 5.34 -22.75
C LEU B 269 24.45 5.71 -22.75
N THR B 270 24.11 6.85 -22.18
CA THR B 270 22.73 7.34 -22.19
C THR B 270 22.63 8.86 -22.08
N THR B 271 21.44 9.40 -22.36
CA THR B 271 21.20 10.83 -22.23
C THR B 271 20.02 11.10 -21.32
N LEU B 272 19.95 12.33 -20.83
CA LEU B 272 19.01 12.74 -19.82
C LEU B 272 18.91 14.27 -19.84
N HIS B 273 17.75 14.80 -19.43
CA HIS B 273 17.60 16.26 -19.25
C HIS B 273 17.89 16.63 -17.81
N ALA B 274 18.95 17.39 -17.60
CA ALA B 274 19.37 17.84 -16.27
C ALA B 274 20.27 19.06 -16.40
N GLY B 275 20.32 19.89 -15.37
CA GLY B 275 21.09 21.13 -15.41
C GLY B 275 22.50 21.00 -14.85
N SER B 276 22.76 19.90 -14.16
CA SER B 276 24.06 19.62 -13.56
C SER B 276 24.19 18.12 -13.28
N SER B 277 25.35 17.75 -12.74
CA SER B 277 25.61 16.38 -12.34
C SER B 277 24.77 15.98 -11.11
N GLU B 278 24.70 16.85 -10.12
CA GLU B 278 23.92 16.58 -8.91
C GLU B 278 22.42 16.51 -9.21
N GLU B 279 21.97 17.34 -10.15
CA GLU B 279 20.60 17.29 -10.64
C GLU B 279 20.33 16.04 -11.46
N ALA B 280 21.35 15.55 -12.18
CA ALA B 280 21.28 14.28 -12.90
C ALA B 280 20.97 13.11 -11.96
N PHE B 281 21.65 13.06 -10.82
CA PHE B 281 21.44 12.01 -9.83
C PHE B 281 20.06 12.05 -9.18
N ILE B 282 19.66 13.26 -8.75
CA ILE B 282 18.30 13.52 -8.24
C ILE B 282 17.26 13.07 -9.27
N ARG B 283 17.47 13.50 -10.51
CA ARG B 283 16.62 13.16 -11.65
C ARG B 283 16.51 11.64 -11.91
N LEU B 284 17.64 10.93 -11.92
CA LEU B 284 17.66 9.46 -12.06
C LEU B 284 16.86 8.74 -10.97
N ALA B 285 17.06 9.18 -9.73
CA ALA B 285 16.33 8.63 -8.58
C ALA B 285 14.83 8.94 -8.63
N ASN B 286 14.50 10.18 -9.03
CA ASN B 286 13.11 10.61 -9.23
C ASN B 286 12.37 9.78 -10.27
N MET B 287 13.05 9.48 -11.38
CA MET B 287 12.46 8.66 -12.45
C MET B 287 12.28 7.21 -12.00
N SER B 288 13.26 6.70 -11.25
CA SER B 288 13.21 5.34 -10.71
C SER B 288 12.12 5.17 -9.64
N SER B 289 11.86 6.23 -8.89
CA SER B 289 10.90 6.23 -7.77
C SER B 289 9.46 6.01 -8.23
N SER B 290 9.14 6.58 -9.39
CA SER B 290 7.81 6.49 -9.99
C SER B 290 7.53 5.10 -10.58
N ASN B 291 8.50 4.19 -10.45
CA ASN B 291 8.33 2.79 -10.81
C ASN B 291 7.70 2.03 -9.64
N SER B 292 6.74 1.16 -9.95
CA SER B 292 6.04 0.33 -8.96
C SER B 292 6.97 -0.56 -8.12
N ALA B 293 8.05 -1.04 -8.73
CA ALA B 293 9.03 -1.91 -8.07
C ALA B 293 9.92 -1.17 -7.07
N ALA B 294 9.85 0.16 -7.10
CA ALA B 294 10.64 1.01 -6.22
C ALA B 294 9.81 1.75 -5.15
N ARG B 295 8.56 1.34 -4.98
CA ARG B 295 7.62 2.09 -4.13
C ARG B 295 7.93 2.06 -2.63
N ASN B 296 8.73 1.08 -2.20
CA ASN B 296 9.14 0.97 -0.80
C ASN B 296 10.65 1.06 -0.60
N ILE B 297 11.33 1.67 -1.57
CA ILE B 297 12.76 1.92 -1.50
C ILE B 297 13.00 3.39 -1.16
N LYS B 298 13.87 3.62 -0.17
CA LYS B 298 14.28 4.96 0.23
C LYS B 298 14.89 5.72 -0.94
N PHE B 299 14.48 6.97 -1.08
CA PHE B 299 15.01 7.84 -2.11
C PHE B 299 16.55 7.95 -2.05
N GLU B 300 17.10 7.92 -0.82
CA GLU B 300 18.53 7.95 -0.57
C GLU B 300 19.24 6.77 -1.19
N SER B 301 18.66 5.57 -1.02
CA SER B 301 19.19 4.33 -1.57
C SER B 301 19.20 4.33 -3.09
N LEU B 302 18.18 4.94 -3.69
CA LEU B 302 18.13 5.09 -5.15
C LEU B 302 19.27 5.97 -5.67
N ILE B 303 19.42 7.15 -5.07
CA ILE B 303 20.50 8.08 -5.40
C ILE B 303 21.85 7.39 -5.28
N GLU B 304 22.11 6.84 -4.09
CA GLU B 304 23.36 6.17 -3.77
C GLU B 304 23.71 5.07 -4.76
N GLY B 305 22.72 4.24 -5.12
CA GLY B 305 22.88 3.21 -6.14
C GLY B 305 23.40 3.77 -7.45
N PHE B 306 22.80 4.84 -7.95
CA PHE B 306 23.31 5.51 -9.15
C PHE B 306 24.70 6.10 -8.96
N LYS B 307 24.95 6.69 -7.79
CA LYS B 307 26.27 7.25 -7.48
C LYS B 307 27.37 6.18 -7.45
N ASP B 308 27.01 4.98 -7.01
CA ASP B 308 27.90 3.82 -7.11
C ASP B 308 28.27 3.48 -8.55
N LEU B 309 27.28 3.50 -9.44
CA LEU B 309 27.45 2.89 -10.76
C LEU B 309 27.80 3.83 -11.92
N ILE B 310 27.47 5.12 -11.79
CA ILE B 310 27.75 6.09 -12.85
C ILE B 310 29.16 6.64 -12.72
N ASP B 311 29.94 6.53 -13.79
CA ASP B 311 31.35 6.91 -13.75
C ASP B 311 31.63 8.33 -14.21
N MET B 312 30.96 8.76 -15.29
CA MET B 312 31.09 10.15 -15.73
C MET B 312 29.79 10.75 -16.23
N ILE B 313 29.58 12.02 -15.88
CA ILE B 313 28.42 12.77 -16.37
C ILE B 313 28.92 14.04 -17.08
N VAL B 314 28.50 14.19 -18.33
CA VAL B 314 28.90 15.32 -19.15
C VAL B 314 27.70 16.23 -19.31
N HIS B 315 27.74 17.41 -18.70
CA HIS B 315 26.70 18.41 -18.92
C HIS B 315 27.05 19.41 -20.03
N ILE B 316 26.18 19.51 -21.02
CA ILE B 316 26.34 20.43 -22.13
C ILE B 316 25.40 21.62 -21.96
N ASN B 317 25.96 22.84 -22.00
CA ASN B 317 25.17 24.06 -21.84
C ASN B 317 24.40 24.45 -23.10
N HIS B 318 23.67 25.56 -23.02
CA HIS B 318 22.79 26.02 -24.11
C HIS B 318 23.57 26.48 -25.35
N HIS B 319 24.87 26.75 -25.18
CA HIS B 319 25.75 27.13 -26.30
C HIS B 319 26.59 25.96 -26.82
N LYS B 320 26.14 24.74 -26.51
CA LYS B 320 26.76 23.49 -26.97
C LYS B 320 28.20 23.29 -26.52
N GLN B 321 28.47 23.67 -25.28
CA GLN B 321 29.77 23.43 -24.65
C GLN B 321 29.59 22.76 -23.30
N CYS B 322 30.54 21.89 -22.93
CA CYS B 322 30.56 21.27 -21.62
C CYS B 322 30.95 22.28 -20.53
N ASP B 323 30.04 22.52 -19.58
CA ASP B 323 30.33 23.39 -18.45
C ASP B 323 30.51 22.63 -17.13
N GLU B 324 30.32 21.31 -17.18
CA GLU B 324 30.62 20.44 -16.05
C GLU B 324 30.91 19.02 -16.52
N PHE B 325 32.03 18.47 -16.04
CA PHE B 325 32.41 17.12 -16.39
C PHE B 325 32.69 16.36 -15.11
N TYR B 326 31.67 15.65 -14.64
CA TYR B 326 31.77 14.89 -13.40
C TYR B 326 32.49 13.58 -13.64
N ILE B 327 33.52 13.32 -12.84
CA ILE B 327 34.26 12.08 -12.87
C ILE B 327 34.15 11.49 -11.47
N LYS B 328 33.73 10.24 -11.40
CA LYS B 328 33.65 9.55 -10.12
C LYS B 328 35.05 9.31 -9.54
N GLU C 22 9.53 -37.42 -28.28
CA GLU C 22 10.70 -37.03 -29.14
C GLU C 22 10.23 -36.53 -30.51
N ALA C 23 8.96 -36.77 -30.84
CA ALA C 23 8.36 -36.28 -32.08
C ALA C 23 8.23 -34.75 -32.06
N ALA C 24 7.68 -34.21 -30.97
CA ALA C 24 7.55 -32.76 -30.78
C ALA C 24 8.90 -32.13 -30.41
N LEU C 25 9.93 -32.98 -30.31
CA LEU C 25 11.29 -32.55 -30.02
C LEU C 25 12.21 -32.93 -31.19
N ASN C 26 11.69 -32.74 -32.41
CA ASN C 26 12.41 -33.11 -33.64
C ASN C 26 12.40 -32.06 -34.77
N PRO C 27 11.24 -31.38 -35.01
CA PRO C 27 11.24 -30.33 -36.03
C PRO C 27 12.07 -29.11 -35.60
N LEU C 28 12.22 -28.91 -34.30
CA LEU C 28 13.12 -27.88 -33.76
C LEU C 28 14.58 -28.30 -33.95
N ARG C 29 14.88 -29.55 -33.65
CA ARG C 29 16.23 -30.11 -33.81
C ARG C 29 16.74 -29.94 -35.24
N HIS C 30 15.90 -30.26 -36.22
CA HIS C 30 16.24 -30.14 -37.64
C HIS C 30 16.34 -28.69 -38.10
N ALA C 31 15.49 -27.83 -37.54
CA ALA C 31 15.52 -26.39 -37.83
C ALA C 31 16.78 -25.72 -37.27
N THR C 32 17.21 -26.17 -36.09
CA THR C 32 18.43 -25.67 -35.45
C THR C 32 19.68 -26.21 -36.17
N GLU C 33 19.60 -27.48 -36.58
CA GLU C 33 20.67 -28.17 -37.30
C GLU C 33 20.97 -27.50 -38.63
N GLU C 34 19.90 -27.11 -39.34
CA GLU C 34 20.00 -26.53 -40.68
C GLU C 34 20.63 -25.14 -40.69
N LEU C 35 20.39 -24.39 -39.61
CA LEU C 35 20.82 -23.00 -39.53
C LEU C 35 22.13 -22.79 -38.76
N PHE C 36 22.21 -23.34 -37.56
CA PHE C 36 23.35 -23.06 -36.67
C PHE C 36 24.26 -24.27 -36.38
N GLY C 37 24.13 -25.31 -37.21
CA GLY C 37 24.83 -26.57 -37.01
C GLY C 37 26.35 -26.47 -36.97
N ASP C 38 26.92 -25.72 -37.91
CA ASP C 38 28.37 -25.53 -38.01
C ASP C 38 28.92 -24.76 -36.81
N PHE C 39 28.12 -23.81 -36.32
CA PHE C 39 28.55 -22.93 -35.24
C PHE C 39 28.41 -23.58 -33.86
N LEU C 40 27.35 -24.35 -33.69
CA LEU C 40 27.08 -25.06 -32.42
C LEU C 40 28.09 -26.16 -32.11
N LYS C 41 28.71 -26.70 -33.17
CA LYS C 41 29.71 -27.77 -33.02
C LYS C 41 31.13 -27.26 -32.74
N MET C 42 31.28 -25.94 -32.69
CA MET C 42 32.57 -25.31 -32.40
C MET C 42 32.92 -25.44 -30.93
N GLU C 43 34.19 -25.75 -30.66
CA GLU C 43 34.67 -25.92 -29.28
C GLU C 43 35.01 -24.58 -28.63
N ASN C 44 34.84 -24.52 -27.31
CA ASN C 44 35.22 -23.36 -26.50
C ASN C 44 34.48 -22.06 -26.85
N ILE C 45 33.19 -22.18 -27.16
CA ILE C 45 32.35 -21.01 -27.49
C ILE C 45 31.32 -20.75 -26.41
N THR C 46 30.89 -19.49 -26.33
CA THR C 46 30.00 -19.05 -25.26
C THR C 46 28.73 -18.33 -25.79
N GLU C 47 28.79 -17.80 -27.01
CA GLU C 47 27.63 -17.14 -27.61
C GLU C 47 27.62 -17.24 -29.14
N ILE C 48 26.42 -17.36 -29.70
CA ILE C 48 26.19 -17.27 -31.13
C ILE C 48 25.14 -16.18 -31.40
N CYS C 49 25.52 -15.20 -32.21
CA CYS C 49 24.60 -14.11 -32.59
C CYS C 49 24.39 -13.96 -34.09
N TYR C 50 23.13 -13.78 -34.47
CA TYR C 50 22.78 -13.32 -35.80
C TYR C 50 22.10 -11.95 -35.70
N ASN C 51 22.59 -10.99 -36.48
CA ASN C 51 22.10 -9.60 -36.44
C ASN C 51 21.28 -9.17 -37.67
N GLY C 52 20.77 -10.15 -38.42
CA GLY C 52 19.89 -9.88 -39.57
C GLY C 52 20.60 -9.42 -40.83
N ASN C 53 21.93 -9.52 -40.86
CA ASN C 53 22.72 -8.98 -41.95
C ASN C 53 23.68 -10.00 -42.57
N LYS C 54 23.25 -11.25 -42.65
CA LYS C 54 24.01 -12.36 -43.25
C LYS C 54 25.38 -12.65 -42.62
N VAL C 55 25.60 -12.21 -41.39
CA VAL C 55 26.82 -12.51 -40.65
C VAL C 55 26.49 -13.16 -39.30
N VAL C 56 27.07 -14.34 -39.08
CA VAL C 56 26.95 -15.03 -37.79
C VAL C 56 28.17 -14.71 -36.93
N TRP C 57 27.92 -14.07 -35.79
CA TRP C 57 28.98 -13.69 -34.86
C TRP C 57 29.07 -14.69 -33.72
N VAL C 58 30.25 -15.26 -33.52
CA VAL C 58 30.48 -16.24 -32.48
C VAL C 58 31.44 -15.64 -31.45
N LEU C 59 31.06 -15.70 -30.18
CA LEU C 59 31.96 -15.28 -29.10
C LEU C 59 32.69 -16.48 -28.51
N LYS C 60 34.01 -16.42 -28.55
CA LYS C 60 34.85 -17.51 -28.04
C LYS C 60 35.11 -17.31 -26.55
N ASN C 61 35.58 -18.37 -25.90
CA ASN C 61 35.91 -18.31 -24.47
C ASN C 61 37.06 -17.36 -24.13
N ASN C 62 37.93 -17.09 -25.10
CA ASN C 62 39.01 -16.12 -24.94
C ASN C 62 38.55 -14.65 -25.01
N GLY C 63 37.27 -14.44 -25.31
CA GLY C 63 36.67 -13.11 -25.29
C GLY C 63 36.59 -12.42 -26.64
N GLU C 64 36.90 -13.15 -27.71
CA GLU C 64 36.91 -12.59 -29.05
C GLU C 64 35.68 -12.96 -29.89
N TRP C 65 35.14 -11.96 -30.58
CA TRP C 65 34.05 -12.17 -31.54
C TRP C 65 34.62 -12.50 -32.92
N GLN C 66 34.13 -13.58 -33.52
CA GLN C 66 34.52 -13.99 -34.86
C GLN C 66 33.33 -14.03 -35.83
N PRO C 67 33.34 -13.14 -36.86
CA PRO C 67 32.29 -13.10 -37.87
C PRO C 67 32.38 -14.25 -38.88
N PHE C 68 31.22 -14.73 -39.32
CA PHE C 68 31.12 -15.75 -40.35
C PHE C 68 30.05 -15.33 -41.34
N ASP C 69 30.47 -15.05 -42.58
CA ASP C 69 29.54 -14.63 -43.62
C ASP C 69 28.72 -15.81 -44.10
N VAL C 70 27.39 -15.68 -44.03
CA VAL C 70 26.46 -16.73 -44.44
C VAL C 70 25.51 -16.26 -45.56
N ARG C 71 26.01 -15.36 -46.39
CA ARG C 71 25.26 -14.79 -47.52
C ARG C 71 25.00 -15.82 -48.62
N ASP C 72 25.93 -16.76 -48.78
CA ASP C 72 25.84 -17.78 -49.83
C ASP C 72 25.09 -19.02 -49.36
N ARG C 73 24.18 -18.83 -48.40
CA ARG C 73 23.39 -19.92 -47.84
C ARG C 73 21.90 -19.65 -47.97
N LYS C 74 21.17 -20.64 -48.50
CA LYS C 74 19.72 -20.56 -48.63
C LYS C 74 19.05 -20.75 -47.27
N ALA C 75 19.78 -21.34 -46.34
CA ALA C 75 19.28 -21.65 -44.99
C ALA C 75 19.00 -20.41 -44.13
N PHE C 76 19.64 -19.29 -44.45
CA PHE C 76 19.44 -18.04 -43.72
C PHE C 76 18.46 -17.07 -44.41
N SER C 77 17.49 -17.64 -45.12
CA SER C 77 16.42 -16.87 -45.74
C SER C 77 15.45 -16.40 -44.66
N LEU C 78 14.78 -15.27 -44.91
CA LEU C 78 13.79 -14.71 -43.96
C LEU C 78 12.64 -15.67 -43.65
N SER C 79 12.22 -16.44 -44.66
CA SER C 79 11.20 -17.47 -44.48
C SER C 79 11.71 -18.65 -43.65
N ARG C 80 13.00 -18.97 -43.79
CA ARG C 80 13.64 -20.01 -43.00
C ARG C 80 13.87 -19.57 -41.54
N LEU C 81 14.35 -18.34 -41.36
CA LEU C 81 14.60 -17.78 -40.03
C LEU C 81 13.32 -17.61 -39.21
N MET C 82 12.22 -17.34 -39.91
CA MET C 82 10.91 -17.20 -39.27
C MET C 82 10.34 -18.55 -38.87
N HIS C 83 10.65 -19.59 -39.63
CA HIS C 83 10.27 -20.96 -39.31
C HIS C 83 10.99 -21.38 -38.02
N PHE C 84 12.29 -21.13 -37.97
CA PHE C 84 13.09 -21.37 -36.77
C PHE C 84 12.52 -20.62 -35.56
N ALA C 85 12.21 -19.34 -35.75
CA ALA C 85 11.62 -18.50 -34.70
C ALA C 85 10.33 -19.06 -34.12
N ARG C 86 9.42 -19.49 -34.99
CA ARG C 86 8.13 -20.10 -34.59
C ARG C 86 8.28 -21.46 -33.89
N CYS C 87 9.29 -22.22 -34.28
CA CYS C 87 9.63 -23.48 -33.62
C CYS C 87 10.05 -23.27 -32.17
N CYS C 88 10.94 -22.31 -31.95
CA CYS C 88 11.39 -21.92 -30.61
C CYS C 88 10.22 -21.44 -29.75
N ALA C 89 9.34 -20.65 -30.36
CA ALA C 89 8.12 -20.17 -29.72
C ALA C 89 7.20 -21.34 -29.35
N SER C 90 6.85 -22.14 -30.35
CA SER C 90 6.02 -23.34 -30.16
C SER C 90 6.56 -24.30 -29.10
N PHE C 91 7.88 -24.48 -29.07
CA PHE C 91 8.54 -25.40 -28.14
C PHE C 91 8.30 -25.06 -26.67
N LYS C 92 8.34 -23.77 -26.35
CA LYS C 92 8.12 -23.32 -24.96
C LYS C 92 6.69 -22.81 -24.73
N LYS C 93 5.81 -23.12 -25.70
CA LYS C 93 4.39 -22.78 -25.64
C LYS C 93 4.14 -21.27 -25.65
N LYS C 94 4.99 -20.55 -26.39
CA LYS C 94 4.88 -19.11 -26.53
C LYS C 94 4.60 -18.75 -27.98
N THR C 95 4.43 -17.46 -28.26
CA THR C 95 4.20 -16.99 -29.62
C THR C 95 5.21 -15.91 -30.02
N ILE C 96 5.47 -15.80 -31.31
CA ILE C 96 6.31 -14.74 -31.85
C ILE C 96 5.77 -14.24 -33.19
N ASP C 97 5.58 -12.93 -33.29
CA ASP C 97 5.03 -12.30 -34.50
C ASP C 97 5.59 -10.88 -34.69
N ASN C 98 5.10 -10.19 -35.71
CA ASN C 98 5.53 -8.83 -35.99
C ASN C 98 4.59 -7.77 -35.42
N TYR C 99 3.91 -8.11 -34.32
CA TYR C 99 2.93 -7.21 -33.71
C TYR C 99 3.12 -7.06 -32.21
N GLU C 100 2.28 -7.74 -31.42
CA GLU C 100 2.33 -7.65 -29.98
C GLU C 100 3.49 -8.45 -29.38
N ASN C 101 4.01 -9.40 -30.15
CA ASN C 101 4.99 -10.37 -29.63
C ASN C 101 6.32 -10.48 -30.41
N PRO C 102 6.98 -9.33 -30.70
CA PRO C 102 8.20 -9.42 -31.51
C PRO C 102 9.45 -9.90 -30.76
N ILE C 103 9.37 -10.03 -29.43
CA ILE C 103 10.49 -10.47 -28.59
C ILE C 103 10.19 -11.81 -27.91
N LEU C 104 11.08 -12.79 -28.14
CA LEU C 104 10.93 -14.12 -27.55
C LEU C 104 12.15 -14.59 -26.76
N SER C 105 11.89 -15.08 -25.54
CA SER C 105 12.87 -15.85 -24.78
C SER C 105 12.44 -17.31 -24.77
N SER C 106 13.32 -18.17 -25.28
CA SER C 106 13.06 -19.60 -25.34
C SER C 106 14.34 -20.43 -25.18
N ASN C 107 14.26 -21.71 -25.56
CA ASN C 107 15.39 -22.62 -25.51
C ASN C 107 15.46 -23.46 -26.77
N LEU C 108 16.68 -23.86 -27.15
CA LEU C 108 16.87 -24.90 -28.16
C LEU C 108 16.53 -26.27 -27.57
N ALA C 109 16.43 -27.28 -28.42
CA ALA C 109 16.01 -28.64 -28.02
C ALA C 109 16.75 -29.21 -26.81
N ASN C 110 18.08 -29.07 -26.81
CA ASN C 110 18.90 -29.53 -25.69
C ASN C 110 18.65 -28.73 -24.41
N GLY C 111 18.73 -27.40 -24.51
CA GLY C 111 18.42 -26.54 -23.38
C GLY C 111 19.01 -25.14 -23.43
N GLU C 112 19.85 -24.87 -24.41
CA GLU C 112 20.52 -23.56 -24.51
C GLU C 112 19.54 -22.43 -24.81
N ARG C 113 19.71 -21.34 -24.06
CA ARG C 113 18.80 -20.20 -24.09
C ARG C 113 18.93 -19.39 -25.38
N VAL C 114 17.78 -18.97 -25.90
CA VAL C 114 17.68 -18.25 -27.18
C VAL C 114 16.83 -17.00 -26.97
N GLN C 115 17.29 -15.91 -27.57
CA GLN C 115 16.54 -14.66 -27.60
C GLN C 115 16.32 -14.27 -29.04
N ILE C 116 15.05 -14.12 -29.43
CA ILE C 116 14.70 -13.72 -30.80
C ILE C 116 13.95 -12.41 -30.81
N VAL C 117 14.45 -11.47 -31.61
CA VAL C 117 13.80 -10.17 -31.78
C VAL C 117 13.48 -9.94 -33.25
N LEU C 118 12.24 -9.50 -33.53
CA LEU C 118 11.77 -9.24 -34.90
C LEU C 118 11.33 -7.80 -35.07
N SER C 119 11.01 -7.43 -36.31
CA SER C 119 10.36 -6.17 -36.65
C SER C 119 8.97 -6.13 -35.97
N PRO C 120 8.52 -4.95 -35.50
CA PRO C 120 9.09 -3.61 -35.63
C PRO C 120 10.13 -3.20 -34.56
N VAL C 121 10.56 -4.14 -33.72
CA VAL C 121 11.58 -3.83 -32.72
C VAL C 121 12.99 -3.77 -33.34
N THR C 122 13.24 -4.62 -34.33
CA THR C 122 14.46 -4.50 -35.13
C THR C 122 14.34 -3.32 -36.11
N VAL C 123 15.46 -2.98 -36.74
CA VAL C 123 15.59 -1.76 -37.53
C VAL C 123 14.65 -1.68 -38.76
N ASN C 124 14.46 -2.81 -39.43
CA ASN C 124 13.61 -2.84 -40.63
C ASN C 124 12.88 -4.17 -40.91
N ASP C 125 12.26 -4.22 -42.09
CA ASP C 125 11.51 -5.36 -42.62
C ASP C 125 12.34 -6.65 -42.67
N GLU C 126 13.64 -6.51 -42.93
CA GLU C 126 14.51 -7.62 -43.31
C GLU C 126 15.43 -8.09 -42.17
N THR C 127 15.16 -7.62 -40.96
CA THR C 127 16.07 -7.85 -39.83
C THR C 127 15.50 -8.74 -38.71
N ILE C 128 16.16 -9.89 -38.52
CA ILE C 128 15.93 -10.74 -37.36
C ILE C 128 17.18 -10.82 -36.50
N SER C 129 17.00 -10.68 -35.19
CA SER C 129 18.10 -10.81 -34.24
C SER C 129 17.94 -12.12 -33.48
N ILE C 130 19.01 -12.92 -33.43
CA ILE C 130 19.03 -14.18 -32.70
C ILE C 130 20.29 -14.26 -31.83
N SER C 131 20.10 -14.56 -30.54
CA SER C 131 21.24 -14.73 -29.63
C SER C 131 21.15 -16.07 -28.91
N ILE C 132 22.20 -16.89 -29.04
CA ILE C 132 22.24 -18.20 -28.39
C ILE C 132 23.34 -18.25 -27.33
N ARG C 133 22.93 -18.52 -26.09
CA ARG C 133 23.86 -18.66 -24.96
C ARG C 133 24.28 -20.12 -24.80
N ILE C 134 25.59 -20.35 -24.84
CA ILE C 134 26.14 -21.70 -24.70
C ILE C 134 26.66 -21.87 -23.28
N PRO C 135 26.15 -22.90 -22.56
CA PRO C 135 26.60 -23.13 -21.18
C PRO C 135 28.07 -23.53 -21.13
N SER C 136 28.75 -23.13 -20.06
CA SER C 136 30.12 -23.53 -19.79
C SER C 136 30.15 -25.00 -19.40
N LYS C 137 31.21 -25.70 -19.83
CA LYS C 137 31.46 -27.08 -19.38
C LYS C 137 32.94 -27.27 -19.09
N THR C 138 33.65 -26.15 -18.96
CA THR C 138 35.05 -26.13 -18.61
C THR C 138 35.20 -25.66 -17.17
N THR C 139 36.20 -26.22 -16.49
CA THR C 139 36.67 -25.69 -15.22
C THR C 139 38.20 -25.74 -15.20
N TYR C 140 38.83 -24.63 -14.84
CA TYR C 140 40.28 -24.57 -14.68
C TYR C 140 40.67 -25.09 -13.31
N PRO C 141 41.77 -25.86 -13.23
CA PRO C 141 42.25 -26.25 -11.92
C PRO C 141 42.87 -25.05 -11.23
N HIS C 142 42.95 -25.09 -9.90
CA HIS C 142 43.49 -23.96 -9.14
C HIS C 142 45.01 -23.83 -9.32
N SER C 143 45.66 -24.96 -9.63
CA SER C 143 47.08 -25.00 -9.92
C SER C 143 47.42 -24.17 -11.18
N PHE C 144 46.46 -24.06 -12.09
CA PHE C 144 46.58 -23.17 -13.25
C PHE C 144 46.77 -21.71 -12.83
N PHE C 145 45.99 -21.27 -11.84
CA PHE C 145 46.06 -19.89 -11.34
C PHE C 145 47.39 -19.59 -10.66
N GLU C 146 47.86 -20.53 -9.84
CA GLU C 146 49.17 -20.41 -9.20
C GLU C 146 50.33 -20.25 -10.19
N GLU C 147 50.36 -21.07 -11.24
CA GLU C 147 51.48 -21.03 -12.19
C GLU C 147 51.37 -19.91 -13.23
N GLN C 148 50.16 -19.39 -13.43
CA GLN C 148 49.95 -18.25 -14.30
C GLN C 148 50.16 -16.92 -13.54
N GLY C 149 50.61 -17.02 -12.29
CA GLY C 149 50.94 -15.85 -11.48
C GLY C 149 49.78 -15.05 -10.86
N PHE C 150 48.69 -15.72 -10.52
CA PHE C 150 47.50 -15.07 -9.95
C PHE C 150 47.81 -14.38 -8.62
N TYR C 151 48.70 -14.97 -7.83
CA TYR C 151 49.02 -14.51 -6.48
C TYR C 151 50.32 -13.69 -6.39
N ASN C 152 50.95 -13.46 -7.54
CA ASN C 152 52.29 -12.84 -7.61
C ASN C 152 52.37 -11.35 -7.26
N LEU C 153 51.25 -10.64 -7.29
CA LEU C 153 51.21 -9.23 -6.89
C LEU C 153 51.16 -9.06 -5.37
N LEU C 154 50.99 -10.17 -4.66
CA LEU C 154 50.83 -10.14 -3.21
C LEU C 154 52.15 -10.34 -2.48
N ASP C 155 52.40 -9.48 -1.50
CA ASP C 155 53.56 -9.57 -0.61
C ASP C 155 53.48 -10.78 0.31
N ASN C 156 52.25 -11.24 0.57
CA ASN C 156 51.98 -12.41 1.40
C ASN C 156 51.46 -13.59 0.56
N LYS C 157 52.12 -13.82 -0.57
CA LYS C 157 51.70 -14.81 -1.57
C LYS C 157 51.34 -16.19 -0.99
N GLU C 158 52.30 -16.85 -0.37
CA GLU C 158 52.11 -18.21 0.14
C GLU C 158 51.15 -18.32 1.33
N GLN C 159 51.05 -17.25 2.12
CA GLN C 159 50.08 -17.16 3.21
C GLN C 159 48.66 -17.01 2.64
N ALA C 160 48.54 -16.25 1.56
CA ALA C 160 47.27 -16.00 0.90
C ALA C 160 46.71 -17.25 0.23
N ILE C 161 47.61 -18.05 -0.35
CA ILE C 161 47.26 -19.33 -0.96
C ILE C 161 46.79 -20.32 0.10
N SER C 162 47.51 -20.40 1.21
CA SER C 162 47.11 -21.18 2.38
C SER C 162 45.77 -20.72 2.95
N ALA C 163 45.60 -19.41 3.05
CA ALA C 163 44.39 -18.81 3.61
C ALA C 163 43.15 -19.11 2.78
N ILE C 164 43.25 -19.00 1.45
CA ILE C 164 42.12 -19.35 0.58
C ILE C 164 41.78 -20.87 0.60
N LYS C 165 42.80 -21.72 0.62
CA LYS C 165 42.60 -23.18 0.70
C LYS C 165 42.04 -23.63 2.06
N ASP C 166 42.65 -23.16 3.14
CA ASP C 166 42.20 -23.48 4.49
C ASP C 166 40.82 -22.85 4.80
N GLY C 167 40.58 -21.65 4.27
CA GLY C 167 39.34 -20.91 4.44
C GLY C 167 38.12 -21.55 3.79
N ILE C 168 38.24 -21.90 2.52
CA ILE C 168 37.18 -22.59 1.79
C ILE C 168 36.89 -23.98 2.39
N ALA C 169 37.93 -24.68 2.82
CA ALA C 169 37.79 -25.99 3.45
C ALA C 169 36.97 -25.93 4.73
N ILE C 170 37.31 -24.97 5.59
CA ILE C 170 36.72 -24.86 6.93
C ILE C 170 35.36 -24.14 6.93
N GLY C 171 34.98 -23.56 5.80
CA GLY C 171 33.64 -22.97 5.63
C GLY C 171 33.54 -21.46 5.83
N LYS C 172 34.56 -20.73 5.39
CA LYS C 172 34.58 -19.27 5.51
C LYS C 172 33.73 -18.60 4.41
N ASN C 173 33.10 -17.48 4.74
CA ASN C 173 32.32 -16.70 3.77
C ASN C 173 33.26 -15.88 2.89
N VAL C 174 33.25 -16.16 1.59
CA VAL C 174 34.21 -15.58 0.66
C VAL C 174 33.54 -14.86 -0.50
N ILE C 175 34.04 -13.67 -0.80
CA ILE C 175 33.60 -12.91 -1.95
C ILE C 175 34.75 -12.74 -2.92
N VAL C 176 34.49 -12.99 -4.19
CA VAL C 176 35.45 -12.73 -5.24
C VAL C 176 34.93 -11.55 -6.06
N CYS C 177 35.72 -10.48 -6.15
CA CYS C 177 35.25 -9.32 -6.90
C CYS C 177 36.23 -8.82 -7.96
N GLY C 178 35.71 -7.97 -8.85
CA GLY C 178 36.47 -7.42 -9.95
C GLY C 178 35.51 -6.99 -11.05
N GLY C 179 36.05 -6.52 -12.17
CA GLY C 179 35.22 -6.04 -13.27
C GLY C 179 34.97 -7.09 -14.33
N THR C 180 34.18 -6.71 -15.34
CA THR C 180 33.89 -7.59 -16.48
C THR C 180 35.21 -8.01 -17.12
N GLY C 181 35.40 -9.31 -17.29
CA GLY C 181 36.62 -9.86 -17.88
C GLY C 181 37.80 -10.02 -16.90
N SER C 182 37.52 -9.95 -15.60
CA SER C 182 38.58 -10.17 -14.61
C SER C 182 38.76 -11.67 -14.30
N GLY C 183 37.77 -12.47 -14.70
CA GLY C 183 37.78 -13.91 -14.43
C GLY C 183 37.29 -14.26 -13.04
N LYS C 184 36.35 -13.49 -12.52
CA LYS C 184 35.73 -13.75 -11.21
C LYS C 184 35.16 -15.16 -11.12
N THR C 185 34.28 -15.48 -12.07
CA THR C 185 33.58 -16.77 -12.11
C THR C 185 34.56 -17.92 -12.34
N THR C 186 35.52 -17.72 -13.24
CA THR C 186 36.56 -18.70 -13.50
C THR C 186 37.32 -19.06 -12.21
N TYR C 187 37.67 -18.03 -11.43
CA TYR C 187 38.43 -18.23 -10.21
C TYR C 187 37.58 -18.89 -9.13
N ILE C 188 36.34 -18.46 -8.99
CA ILE C 188 35.49 -19.01 -7.93
C ILE C 188 35.17 -20.48 -8.19
N LYS C 189 35.11 -20.87 -9.46
CA LYS C 189 34.92 -22.26 -9.86
C LYS C 189 36.13 -23.14 -9.52
N SER C 190 37.33 -22.59 -9.64
CA SER C 190 38.55 -23.35 -9.34
C SER C 190 38.78 -23.56 -7.84
N ILE C 191 38.42 -22.58 -7.02
CA ILE C 191 38.55 -22.73 -5.57
C ILE C 191 37.49 -23.66 -4.93
N MET C 192 36.47 -24.02 -5.72
CA MET C 192 35.52 -25.08 -5.33
C MET C 192 36.18 -26.43 -5.04
N GLU C 193 37.40 -26.61 -5.56
CA GLU C 193 38.25 -27.77 -5.24
C GLU C 193 38.45 -27.97 -3.74
N PHE C 194 38.41 -26.88 -2.98
CA PHE C 194 38.81 -26.94 -1.58
C PHE C 194 37.64 -27.15 -0.64
N ILE C 195 36.43 -27.13 -1.20
CA ILE C 195 35.23 -27.59 -0.51
C ILE C 195 35.31 -29.12 -0.41
N PRO C 196 35.33 -29.65 0.83
CA PRO C 196 35.31 -31.12 1.00
C PRO C 196 34.25 -31.80 0.13
N LYS C 197 34.63 -32.91 -0.50
CA LYS C 197 33.77 -33.60 -1.47
C LYS C 197 32.47 -34.15 -0.89
N GLU C 198 32.41 -34.27 0.45
CA GLU C 198 31.23 -34.75 1.16
C GLU C 198 30.11 -33.72 1.23
N GLU C 199 30.44 -32.46 0.96
CA GLU C 199 29.50 -31.35 1.10
C GLU C 199 28.44 -31.36 0.02
N ARG C 200 27.19 -31.17 0.44
CA ARG C 200 26.10 -30.92 -0.47
C ARG C 200 26.13 -29.44 -0.88
N ILE C 201 26.17 -29.19 -2.18
CA ILE C 201 26.26 -27.84 -2.68
C ILE C 201 25.04 -27.44 -3.49
N ILE C 202 24.51 -26.25 -3.21
CA ILE C 202 23.45 -25.67 -4.02
C ILE C 202 23.94 -24.35 -4.63
N SER C 203 23.84 -24.25 -5.96
CA SER C 203 24.28 -23.07 -6.68
C SER C 203 23.08 -22.30 -7.22
N ILE C 204 23.23 -20.98 -7.31
CA ILE C 204 22.16 -20.11 -7.78
C ILE C 204 22.72 -19.21 -8.88
N GLU C 205 22.18 -19.37 -10.09
CA GLU C 205 22.75 -18.72 -11.26
C GLU C 205 21.68 -18.20 -12.22
N ASP C 206 22.10 -17.24 -13.04
CA ASP C 206 21.34 -16.77 -14.19
C ASP C 206 21.63 -17.72 -15.34
N THR C 207 22.92 -17.93 -15.62
CA THR C 207 23.35 -18.77 -16.72
C THR C 207 24.25 -19.87 -16.17
N GLU C 208 24.23 -21.03 -16.80
CA GLU C 208 25.02 -22.18 -16.36
C GLU C 208 26.50 -21.96 -16.60
N GLU C 209 27.20 -21.50 -15.57
CA GLU C 209 28.64 -21.33 -15.60
C GLU C 209 29.38 -22.34 -14.71
N ILE C 210 28.83 -22.60 -13.52
CA ILE C 210 29.44 -23.51 -12.56
C ILE C 210 29.41 -24.94 -13.06
N VAL C 211 30.54 -25.64 -12.90
CA VAL C 211 30.70 -27.03 -13.29
C VAL C 211 31.14 -27.80 -12.04
N PHE C 212 30.47 -28.93 -11.78
CA PHE C 212 30.75 -29.70 -10.57
C PHE C 212 31.65 -30.90 -10.88
N LYS C 213 32.92 -30.78 -10.52
CA LYS C 213 33.91 -31.82 -10.82
C LYS C 213 34.38 -32.58 -9.59
N HIS C 214 34.09 -32.05 -8.39
CA HIS C 214 34.57 -32.64 -7.14
C HIS C 214 33.43 -33.05 -6.19
N HIS C 215 32.20 -32.78 -6.60
CA HIS C 215 31.04 -32.98 -5.76
C HIS C 215 29.93 -33.71 -6.53
N LYS C 216 29.45 -34.81 -5.96
CA LYS C 216 28.42 -35.63 -6.58
C LYS C 216 27.03 -35.33 -6.02
N ASN C 217 26.99 -34.76 -4.81
CA ASN C 217 25.75 -34.32 -4.17
C ASN C 217 25.56 -32.81 -4.34
N TYR C 218 24.74 -32.43 -5.32
CA TYR C 218 24.49 -31.02 -5.63
C TYR C 218 23.16 -30.79 -6.36
N THR C 219 22.67 -29.56 -6.30
CA THR C 219 21.54 -29.14 -7.10
C THR C 219 21.74 -27.71 -7.56
N GLN C 220 21.52 -27.47 -8.84
CA GLN C 220 21.64 -26.16 -9.46
C GLN C 220 20.28 -25.48 -9.53
N LEU C 221 20.24 -24.20 -9.13
CA LEU C 221 19.03 -23.40 -9.21
C LEU C 221 19.23 -22.25 -10.18
N PHE C 222 18.20 -21.98 -10.99
CA PHE C 222 18.29 -20.93 -12.00
C PHE C 222 17.10 -19.96 -11.92
N PHE C 223 17.39 -18.67 -11.94
CA PHE C 223 16.35 -17.65 -11.92
C PHE C 223 16.20 -16.96 -13.29
N GLY C 224 15.10 -16.24 -13.45
CA GLY C 224 14.74 -15.60 -14.71
C GLY C 224 13.23 -15.56 -14.90
N GLY C 225 12.74 -14.51 -15.55
CA GLY C 225 11.30 -14.35 -15.74
C GLY C 225 10.68 -13.91 -14.44
N ASN C 226 9.64 -14.62 -14.01
CA ASN C 226 9.00 -14.30 -12.73
C ASN C 226 9.59 -15.01 -11.51
N ILE C 227 10.66 -15.78 -11.74
CA ILE C 227 11.45 -16.42 -10.69
C ILE C 227 12.69 -15.55 -10.45
N THR C 228 12.83 -15.06 -9.22
CA THR C 228 13.94 -14.17 -8.89
C THR C 228 15.07 -14.92 -8.22
N SER C 229 16.21 -14.24 -8.12
CA SER C 229 17.36 -14.73 -7.38
C SER C 229 17.00 -14.97 -5.93
N ALA C 230 16.17 -14.09 -5.39
CA ALA C 230 15.66 -14.17 -4.04
C ALA C 230 14.82 -15.41 -3.78
N ASP C 231 14.05 -15.83 -4.80
CA ASP C 231 13.23 -17.05 -4.75
C ASP C 231 14.07 -18.31 -4.61
N CYS C 232 15.15 -18.38 -5.38
CA CYS C 232 16.08 -19.52 -5.35
C CYS C 232 16.81 -19.60 -4.02
N LEU C 233 17.20 -18.43 -3.50
CA LEU C 233 17.80 -18.30 -2.17
C LEU C 233 16.87 -18.85 -1.07
N LYS C 234 15.60 -18.48 -1.11
CA LYS C 234 14.59 -19.01 -0.19
C LYS C 234 14.43 -20.52 -0.32
N SER C 235 14.37 -21.01 -1.55
CA SER C 235 14.26 -22.44 -1.82
C SER C 235 15.51 -23.18 -1.33
N CYS C 236 16.66 -22.58 -1.61
CA CYS C 236 17.96 -23.11 -1.20
C CYS C 236 18.08 -23.42 0.30
N LEU C 237 17.54 -22.54 1.13
CA LEU C 237 17.54 -22.74 2.60
C LEU C 237 16.68 -23.91 3.07
N ARG C 238 15.76 -24.36 2.23
CA ARG C 238 14.86 -25.46 2.53
C ARG C 238 15.29 -26.78 1.89
N MET C 239 16.52 -26.80 1.36
CA MET C 239 17.01 -27.92 0.56
C MET C 239 18.24 -28.61 1.19
N ARG C 240 18.47 -28.34 2.48
CA ARG C 240 19.55 -28.94 3.29
C ARG C 240 20.97 -28.83 2.69
N PRO C 241 21.36 -27.62 2.26
CA PRO C 241 22.71 -27.45 1.68
C PRO C 241 23.81 -27.42 2.75
N ASP C 242 25.02 -27.85 2.37
CA ASP C 242 26.18 -27.65 3.21
C ASP C 242 26.90 -26.37 2.79
N ARG C 243 26.93 -26.11 1.48
CA ARG C 243 27.47 -24.86 0.93
C ARG C 243 26.53 -24.26 -0.08
N ILE C 244 26.45 -22.93 -0.06
CA ILE C 244 25.66 -22.18 -1.01
C ILE C 244 26.60 -21.36 -1.87
N ILE C 245 26.46 -21.51 -3.19
CA ILE C 245 27.21 -20.72 -4.15
C ILE C 245 26.26 -19.87 -4.97
N LEU C 246 26.23 -18.57 -4.64
CA LEU C 246 25.47 -17.60 -5.37
C LEU C 246 26.36 -17.03 -6.47
N GLY C 247 26.02 -17.33 -7.71
CA GLY C 247 26.84 -16.98 -8.86
C GLY C 247 27.33 -15.54 -8.86
N GLU C 248 26.41 -14.61 -8.62
CA GLU C 248 26.75 -13.19 -8.61
C GLU C 248 25.72 -12.38 -7.82
N LEU C 249 26.20 -11.36 -7.13
CA LEU C 249 25.35 -10.38 -6.47
C LEU C 249 25.12 -9.19 -7.38
N ARG C 250 23.85 -8.87 -7.64
CA ARG C 250 23.52 -7.75 -8.53
C ARG C 250 22.83 -6.60 -7.84
N SER C 251 21.83 -6.92 -7.02
CA SER C 251 20.94 -5.90 -6.49
C SER C 251 20.37 -6.25 -5.12
N SER C 252 19.04 -6.18 -5.04
CA SER C 252 18.31 -6.25 -3.78
C SER C 252 18.41 -7.60 -3.07
N GLU C 253 18.79 -8.66 -3.81
CA GLU C 253 19.00 -10.00 -3.23
C GLU C 253 20.17 -10.02 -2.26
N ALA C 254 20.99 -8.97 -2.27
CA ALA C 254 22.10 -8.85 -1.32
C ALA C 254 21.58 -8.86 0.12
N TYR C 255 20.36 -8.37 0.29
CA TYR C 255 19.68 -8.41 1.58
C TYR C 255 19.27 -9.84 1.98
N ASP C 256 18.76 -10.60 1.01
CA ASP C 256 18.44 -12.01 1.21
C ASP C 256 19.71 -12.80 1.47
N PHE C 257 20.76 -12.47 0.73
CA PHE C 257 22.10 -13.00 0.93
C PHE C 257 22.59 -12.75 2.35
N TYR C 258 22.40 -11.52 2.83
CA TYR C 258 22.75 -11.12 4.19
C TYR C 258 22.09 -11.98 5.27
N ASN C 259 20.80 -12.25 5.09
CA ASN C 259 20.07 -13.10 6.01
C ASN C 259 20.54 -14.56 5.97
N VAL C 260 20.94 -15.03 4.79
CA VAL C 260 21.58 -16.34 4.65
C VAL C 260 22.88 -16.39 5.45
N LEU C 261 23.67 -15.33 5.37
CA LEU C 261 24.90 -15.19 6.17
C LEU C 261 24.62 -15.21 7.69
N CYS C 262 23.38 -14.92 8.08
CA CYS C 262 22.98 -14.89 9.49
C CYS C 262 22.30 -16.19 9.98
N SER C 263 21.94 -17.08 9.04
CA SER C 263 21.00 -18.17 9.30
C SER C 263 21.68 -19.45 9.81
N GLY C 264 22.99 -19.37 10.07
CA GLY C 264 23.72 -20.50 10.64
C GLY C 264 24.22 -21.52 9.62
N HIS C 265 24.60 -21.03 8.44
CA HIS C 265 25.20 -21.88 7.43
C HIS C 265 26.71 -21.65 7.37
N LYS C 266 27.42 -22.64 6.84
CA LYS C 266 28.84 -22.56 6.56
C LYS C 266 29.18 -22.06 5.16
N GLY C 267 30.05 -21.06 5.06
CA GLY C 267 30.88 -20.91 3.86
C GLY C 267 30.20 -20.63 2.52
N THR C 268 29.48 -19.53 2.46
CA THR C 268 28.86 -19.05 1.24
C THR C 268 29.94 -18.45 0.32
N LEU C 269 29.85 -18.77 -0.97
CA LEU C 269 30.71 -18.19 -2.00
C LEU C 269 29.86 -17.36 -2.95
N THR C 270 30.35 -16.16 -3.29
CA THR C 270 29.72 -15.34 -4.32
C THR C 270 30.68 -14.40 -5.03
N THR C 271 30.23 -13.81 -6.13
CA THR C 271 31.02 -12.83 -6.88
C THR C 271 30.30 -11.48 -6.88
N LEU C 272 31.04 -10.41 -7.21
CA LEU C 272 30.53 -9.05 -7.16
C LEU C 272 31.37 -8.12 -8.04
N HIS C 273 30.70 -7.20 -8.73
CA HIS C 273 31.40 -6.11 -9.42
C HIS C 273 31.76 -5.00 -8.46
N ALA C 274 33.04 -4.91 -8.12
CA ALA C 274 33.56 -3.92 -7.18
C ALA C 274 35.08 -3.82 -7.36
N GLY C 275 35.65 -2.68 -6.97
CA GLY C 275 37.06 -2.38 -7.28
C GLY C 275 38.02 -2.55 -6.12
N SER C 276 37.47 -2.89 -4.95
CA SER C 276 38.25 -3.14 -3.75
C SER C 276 37.33 -3.70 -2.67
N SER C 277 37.90 -4.08 -1.53
CA SER C 277 37.10 -4.57 -0.41
C SER C 277 36.24 -3.48 0.21
N GLU C 278 36.77 -2.26 0.30
CA GLU C 278 35.99 -1.15 0.87
C GLU C 278 34.85 -0.72 -0.05
N GLU C 279 35.06 -0.73 -1.37
CA GLU C 279 33.98 -0.59 -2.33
C GLU C 279 32.96 -1.74 -2.24
N ALA C 280 33.43 -2.96 -1.97
CA ALA C 280 32.56 -4.12 -1.89
C ALA C 280 31.52 -3.95 -0.79
N PHE C 281 31.97 -3.65 0.42
CA PHE C 281 31.10 -3.47 1.58
C PHE C 281 30.07 -2.37 1.39
N ILE C 282 30.51 -1.24 0.83
CA ILE C 282 29.65 -0.10 0.46
C ILE C 282 28.58 -0.54 -0.55
N ARG C 283 29.02 -1.24 -1.60
CA ARG C 283 28.13 -1.75 -2.64
C ARG C 283 27.15 -2.78 -2.06
N LEU C 284 27.67 -3.66 -1.20
CA LEU C 284 26.84 -4.64 -0.50
C LEU C 284 25.73 -3.98 0.31
N ALA C 285 26.09 -2.92 1.04
CA ALA C 285 25.15 -2.18 1.86
C ALA C 285 24.11 -1.43 1.02
N ASN C 286 24.57 -0.78 -0.05
CA ASN C 286 23.68 -0.07 -0.98
C ASN C 286 22.76 -1.00 -1.77
N MET C 287 23.27 -2.16 -2.19
CA MET C 287 22.42 -3.18 -2.86
C MET C 287 21.30 -3.69 -1.95
N SER C 288 21.64 -3.94 -0.67
CA SER C 288 20.69 -4.39 0.34
C SER C 288 19.61 -3.35 0.62
N SER C 289 19.99 -2.07 0.58
CA SER C 289 19.10 -0.95 0.88
C SER C 289 17.98 -0.77 -0.14
N SER C 290 18.16 -1.33 -1.33
CA SER C 290 17.15 -1.28 -2.40
C SER C 290 16.14 -2.43 -2.33
N ASN C 291 16.26 -3.27 -1.29
CA ASN C 291 15.27 -4.28 -0.99
C ASN C 291 14.16 -3.65 -0.16
N SER C 292 12.90 -3.93 -0.53
CA SER C 292 11.71 -3.44 0.21
C SER C 292 11.80 -3.72 1.70
N ALA C 293 12.30 -4.91 2.05
CA ALA C 293 12.42 -5.34 3.44
C ALA C 293 13.51 -4.59 4.21
N ALA C 294 14.36 -3.86 3.49
CA ALA C 294 15.42 -3.07 4.11
C ALA C 294 15.02 -1.60 4.35
N ARG C 295 13.78 -1.27 4.03
CA ARG C 295 13.23 0.10 4.18
C ARG C 295 13.59 0.78 5.51
N ASN C 296 13.46 0.05 6.61
CA ASN C 296 13.64 0.62 7.94
C ASN C 296 15.02 0.35 8.59
N ILE C 297 15.98 -0.12 7.78
CA ILE C 297 17.35 -0.34 8.25
C ILE C 297 18.29 0.77 7.79
N LYS C 298 19.10 1.29 8.71
CA LYS C 298 20.12 2.28 8.38
C LYS C 298 21.24 1.64 7.56
N PHE C 299 21.80 2.42 6.63
CA PHE C 299 22.98 2.05 5.85
C PHE C 299 24.10 1.53 6.76
N GLU C 300 24.32 2.24 7.88
CA GLU C 300 25.35 1.92 8.86
C GLU C 300 25.23 0.53 9.50
N SER C 301 23.99 0.10 9.76
CA SER C 301 23.73 -1.24 10.30
C SER C 301 24.05 -2.29 9.27
N LEU C 302 23.70 -2.01 8.01
CA LEU C 302 23.94 -2.92 6.89
C LEU C 302 25.45 -3.15 6.63
N ILE C 303 26.22 -2.07 6.50
CA ILE C 303 27.66 -2.18 6.22
C ILE C 303 28.43 -2.88 7.36
N GLU C 304 28.13 -2.50 8.59
CA GLU C 304 28.75 -3.15 9.76
C GLU C 304 28.36 -4.62 9.86
N GLY C 305 27.15 -4.94 9.42
CA GLY C 305 26.67 -6.31 9.31
C GLY C 305 27.52 -7.18 8.39
N PHE C 306 27.72 -6.72 7.15
CA PHE C 306 28.54 -7.43 6.18
C PHE C 306 30.00 -7.55 6.61
N LYS C 307 30.52 -6.51 7.25
CA LYS C 307 31.89 -6.50 7.77
C LYS C 307 32.12 -7.52 8.88
N ASP C 308 31.08 -7.76 9.67
CA ASP C 308 31.14 -8.77 10.73
C ASP C 308 31.07 -10.21 10.19
N LEU C 309 30.56 -10.36 8.97
CA LEU C 309 30.23 -11.68 8.43
C LEU C 309 31.14 -12.17 7.31
N ILE C 310 31.68 -11.24 6.51
CA ILE C 310 32.56 -11.62 5.39
C ILE C 310 34.00 -11.81 5.86
N ASP C 311 34.52 -13.02 5.61
CA ASP C 311 35.85 -13.42 6.09
C ASP C 311 36.97 -13.06 5.12
N MET C 312 36.72 -13.21 3.84
CA MET C 312 37.74 -13.02 2.82
C MET C 312 37.18 -12.31 1.61
N ILE C 313 37.92 -11.35 1.08
CA ILE C 313 37.58 -10.74 -0.20
C ILE C 313 38.79 -10.74 -1.14
N VAL C 314 38.64 -11.43 -2.27
CA VAL C 314 39.67 -11.52 -3.28
C VAL C 314 39.28 -10.57 -4.42
N HIS C 315 40.03 -9.48 -4.59
CA HIS C 315 39.81 -8.60 -5.72
C HIS C 315 40.80 -8.87 -6.84
N ILE C 316 40.28 -9.08 -8.05
CA ILE C 316 41.08 -9.39 -9.22
C ILE C 316 41.07 -8.19 -10.16
N ASN C 317 42.23 -7.83 -10.70
CA ASN C 317 42.31 -6.74 -11.68
C ASN C 317 42.07 -7.16 -13.14
N HIS C 318 42.17 -6.18 -14.05
CA HIS C 318 41.98 -6.41 -15.50
C HIS C 318 43.02 -7.35 -16.11
N HIS C 319 44.18 -7.50 -15.45
CA HIS C 319 45.20 -8.47 -15.86
C HIS C 319 44.92 -9.88 -15.34
N LYS C 320 43.77 -10.05 -14.69
CA LYS C 320 43.36 -11.34 -14.09
C LYS C 320 44.32 -11.80 -12.99
N GLN C 321 44.73 -10.85 -12.15
CA GLN C 321 45.58 -11.10 -11.00
C GLN C 321 44.95 -10.48 -9.75
N CYS C 322 45.20 -11.09 -8.60
CA CYS C 322 44.73 -10.57 -7.32
C CYS C 322 45.61 -9.41 -6.88
N ASP C 323 45.00 -8.24 -6.71
CA ASP C 323 45.73 -7.05 -6.27
C ASP C 323 45.29 -6.60 -4.88
N GLU C 324 44.33 -7.33 -4.32
CA GLU C 324 43.93 -7.13 -2.92
C GLU C 324 43.42 -8.43 -2.34
N PHE C 325 44.02 -8.86 -1.24
CA PHE C 325 43.58 -10.05 -0.53
C PHE C 325 43.16 -9.64 0.87
N TYR C 326 41.86 -9.37 1.04
CA TYR C 326 41.31 -8.92 2.31
C TYR C 326 40.96 -10.10 3.22
N ILE C 327 41.43 -10.02 4.46
CA ILE C 327 41.11 -10.99 5.49
C ILE C 327 40.50 -10.23 6.68
N LYS C 328 39.39 -10.73 7.21
CA LYS C 328 38.71 -10.05 8.31
C LYS C 328 39.59 -9.94 9.56
N LEU D 6 -26.74 -41.47 21.97
CA LEU D 6 -26.26 -40.20 21.35
C LEU D 6 -24.72 -40.16 21.30
N SER D 7 -24.09 -40.69 22.34
CA SER D 7 -22.64 -40.91 22.36
C SER D 7 -22.22 -41.99 21.37
N ALA D 8 -23.10 -42.98 21.18
CA ALA D 8 -22.86 -44.08 20.24
C ALA D 8 -22.96 -43.63 18.79
N GLU D 9 -23.80 -42.62 18.53
CA GLU D 9 -23.92 -42.01 17.22
C GLU D 9 -22.72 -41.11 16.90
N ASP D 10 -22.21 -40.41 17.91
CA ASP D 10 -21.01 -39.57 17.77
C ASP D 10 -19.74 -40.43 17.63
N LYS D 11 -19.73 -41.56 18.32
CA LYS D 11 -18.62 -42.52 18.28
C LYS D 11 -18.55 -43.16 16.90
N LYS D 12 -19.72 -43.40 16.31
CA LYS D 12 -19.84 -44.01 15.00
C LYS D 12 -19.44 -43.02 13.89
N PHE D 13 -19.87 -41.77 14.03
CA PHE D 13 -19.53 -40.73 13.06
C PHE D 13 -18.04 -40.38 13.04
N LEU D 14 -17.36 -40.54 14.17
CA LEU D 14 -15.91 -40.38 14.25
C LEU D 14 -15.19 -41.35 13.29
N GLU D 15 -15.72 -42.56 13.18
CA GLU D 15 -15.19 -43.59 12.28
C GLU D 15 -15.42 -43.25 10.80
N VAL D 16 -16.48 -42.49 10.53
CA VAL D 16 -16.76 -41.98 9.18
C VAL D 16 -15.73 -40.90 8.83
N GLU D 17 -15.42 -40.04 9.80
CA GLU D 17 -14.43 -38.97 9.65
C GLU D 17 -13.03 -39.52 9.40
N ARG D 18 -12.64 -40.51 10.19
CA ARG D 18 -11.34 -41.18 10.05
C ARG D 18 -11.17 -41.89 8.70
N ALA D 19 -12.25 -42.51 8.21
CA ALA D 19 -12.23 -43.19 6.91
C ALA D 19 -12.09 -42.20 5.76
N LEU D 20 -12.76 -41.06 5.89
CA LEU D 20 -12.67 -39.99 4.90
C LEU D 20 -11.32 -39.22 4.92
N LYS D 21 -10.71 -39.11 6.10
CA LYS D 21 -9.36 -38.55 6.26
C LYS D 21 -8.32 -39.46 5.63
N GLU D 22 -8.46 -40.75 5.88
CA GLU D 22 -7.56 -41.77 5.34
C GLU D 22 -7.68 -41.85 3.81
N ALA D 23 -8.90 -41.72 3.30
CA ALA D 23 -9.14 -41.67 1.87
C ALA D 23 -8.38 -40.52 1.20
N ALA D 24 -8.37 -39.35 1.84
CA ALA D 24 -7.69 -38.15 1.35
C ALA D 24 -6.17 -38.32 1.27
N LEU D 25 -5.62 -39.01 2.27
CA LEU D 25 -4.18 -39.14 2.46
C LEU D 25 -3.57 -40.32 1.70
N ASN D 26 -4.42 -41.22 1.23
CA ASN D 26 -3.98 -42.48 0.61
C ASN D 26 -3.13 -42.34 -0.65
N PRO D 27 -3.52 -41.45 -1.60
CA PRO D 27 -2.68 -41.25 -2.79
C PRO D 27 -1.29 -40.71 -2.46
N LEU D 28 -1.20 -39.82 -1.47
CA LEU D 28 0.08 -39.29 -1.00
C LEU D 28 0.89 -40.35 -0.26
N ARG D 29 0.23 -41.10 0.61
CA ARG D 29 0.85 -42.17 1.36
C ARG D 29 1.38 -43.28 0.44
N HIS D 30 0.66 -43.53 -0.65
CA HIS D 30 1.08 -44.55 -1.62
C HIS D 30 2.24 -44.10 -2.51
N ALA D 31 2.15 -42.88 -3.02
CA ALA D 31 3.21 -42.28 -3.85
C ALA D 31 4.51 -42.09 -3.08
N THR D 32 4.39 -41.80 -1.78
CA THR D 32 5.53 -41.64 -0.88
C THR D 32 6.28 -42.97 -0.68
N GLU D 33 5.51 -44.02 -0.39
CA GLU D 33 6.04 -45.37 -0.17
C GLU D 33 6.74 -45.90 -1.43
N GLU D 34 6.10 -45.65 -2.57
CA GLU D 34 6.59 -46.12 -3.86
C GLU D 34 7.98 -45.58 -4.16
N LEU D 35 8.18 -44.29 -3.88
CA LEU D 35 9.49 -43.64 -4.12
C LEU D 35 10.46 -43.80 -2.95
N PHE D 36 10.02 -43.41 -1.75
CA PHE D 36 10.96 -43.22 -0.64
C PHE D 36 10.80 -44.19 0.53
N GLY D 37 9.93 -45.19 0.37
CA GLY D 37 9.62 -46.15 1.42
C GLY D 37 10.84 -46.77 2.08
N ASP D 38 11.77 -47.26 1.26
CA ASP D 38 12.99 -47.90 1.76
C ASP D 38 13.90 -46.97 2.54
N PHE D 39 13.87 -45.70 2.19
CA PHE D 39 14.72 -44.67 2.79
C PHE D 39 14.09 -44.06 4.04
N LEU D 40 12.77 -43.89 4.03
CA LEU D 40 12.03 -43.40 5.17
C LEU D 40 12.04 -44.39 6.35
N LYS D 41 12.28 -45.66 6.04
CA LYS D 41 12.37 -46.72 7.05
C LYS D 41 13.75 -46.82 7.71
N MET D 42 14.73 -46.13 7.14
CA MET D 42 16.08 -46.14 7.67
C MET D 42 16.17 -45.46 9.03
N GLU D 43 17.03 -46.00 9.89
CA GLU D 43 17.23 -45.52 11.23
C GLU D 43 18.21 -44.36 11.21
N ASN D 44 17.99 -43.39 12.10
CA ASN D 44 18.91 -42.26 12.28
C ASN D 44 19.12 -41.38 11.05
N ILE D 45 18.02 -40.99 10.40
CA ILE D 45 18.09 -40.13 9.23
C ILE D 45 17.49 -38.75 9.49
N THR D 46 18.09 -37.72 8.89
CA THR D 46 17.64 -36.34 9.05
C THR D 46 17.05 -35.74 7.77
N GLU D 47 17.58 -36.15 6.63
CA GLU D 47 17.16 -35.62 5.33
C GLU D 47 17.30 -36.69 4.24
N ILE D 48 16.37 -36.66 3.28
CA ILE D 48 16.47 -37.46 2.07
C ILE D 48 16.39 -36.50 0.86
N CYS D 49 17.37 -36.60 -0.03
CA CYS D 49 17.43 -35.73 -1.20
C CYS D 49 17.49 -36.49 -2.51
N TYR D 50 16.68 -36.05 -3.47
CA TYR D 50 16.82 -36.51 -4.84
C TYR D 50 17.20 -35.32 -5.72
N ASN D 51 18.24 -35.50 -6.54
CA ASN D 51 18.83 -34.39 -7.29
C ASN D 51 18.57 -34.44 -8.79
N GLY D 52 17.73 -35.36 -9.24
CA GLY D 52 17.36 -35.43 -10.65
C GLY D 52 18.32 -36.23 -11.52
N ASN D 53 19.12 -37.10 -10.89
CA ASN D 53 20.00 -38.00 -11.65
C ASN D 53 20.16 -39.41 -11.07
N LYS D 54 19.05 -40.04 -10.73
CA LYS D 54 18.99 -41.45 -10.36
C LYS D 54 19.79 -41.85 -9.12
N VAL D 55 20.05 -40.88 -8.25
CA VAL D 55 20.69 -41.11 -6.96
C VAL D 55 19.88 -40.45 -5.84
N VAL D 56 19.53 -41.26 -4.84
CA VAL D 56 18.90 -40.78 -3.63
C VAL D 56 19.96 -40.62 -2.56
N TRP D 57 20.03 -39.42 -1.99
CA TRP D 57 21.02 -39.10 -0.97
C TRP D 57 20.35 -39.03 0.38
N VAL D 58 20.93 -39.76 1.34
CA VAL D 58 20.43 -39.80 2.69
C VAL D 58 21.45 -39.16 3.62
N LEU D 59 20.99 -38.23 4.46
CA LEU D 59 21.82 -37.63 5.49
C LEU D 59 21.48 -38.24 6.86
N LYS D 60 22.48 -38.88 7.44
CA LYS D 60 22.36 -39.50 8.76
C LYS D 60 22.55 -38.49 9.89
N ASN D 61 22.08 -38.84 11.09
CA ASN D 61 22.24 -38.00 12.29
C ASN D 61 23.69 -37.63 12.61
N ASN D 62 24.63 -38.51 12.26
CA ASN D 62 26.06 -38.29 12.52
C ASN D 62 26.73 -37.35 11.51
N GLY D 63 25.95 -36.89 10.53
CA GLY D 63 26.42 -35.92 9.54
C GLY D 63 26.94 -36.49 8.24
N GLU D 64 26.81 -37.80 8.07
CA GLU D 64 27.29 -38.48 6.86
C GLU D 64 26.23 -38.57 5.75
N TRP D 65 26.61 -38.17 4.54
CA TRP D 65 25.76 -38.34 3.36
C TRP D 65 26.00 -39.70 2.71
N GLN D 66 24.94 -40.46 2.47
CA GLN D 66 25.08 -41.75 1.81
C GLN D 66 24.23 -41.83 0.54
N PRO D 67 24.86 -42.13 -0.61
CA PRO D 67 24.16 -42.24 -1.90
C PRO D 67 23.56 -43.61 -2.15
N PHE D 68 22.45 -43.65 -2.89
CA PHE D 68 21.82 -44.88 -3.32
C PHE D 68 21.35 -44.78 -4.76
N ASP D 69 21.84 -45.68 -5.61
CA ASP D 69 21.43 -45.73 -7.01
C ASP D 69 19.99 -46.21 -7.16
N VAL D 70 19.21 -45.50 -7.96
CA VAL D 70 17.81 -45.84 -8.20
C VAL D 70 17.46 -45.87 -9.70
N ARG D 71 18.49 -46.04 -10.52
CA ARG D 71 18.35 -46.12 -11.97
C ARG D 71 17.50 -47.30 -12.42
N ASP D 72 17.45 -48.32 -11.57
CA ASP D 72 16.73 -49.58 -11.81
C ASP D 72 15.24 -49.51 -11.44
N ARG D 73 14.86 -48.45 -10.73
CA ARG D 73 13.53 -48.38 -10.16
C ARG D 73 12.55 -47.58 -11.03
N LYS D 74 11.43 -48.22 -11.34
CA LYS D 74 10.35 -47.60 -12.10
C LYS D 74 9.79 -46.33 -11.42
N ALA D 75 9.85 -46.32 -10.08
CA ALA D 75 9.35 -45.21 -9.28
C ALA D 75 10.04 -43.87 -9.54
N PHE D 76 11.29 -43.92 -9.99
CA PHE D 76 12.06 -42.69 -10.25
C PHE D 76 12.04 -42.21 -11.71
N SER D 77 11.04 -42.69 -12.43
CA SER D 77 10.66 -42.16 -13.74
C SER D 77 10.14 -40.74 -13.56
N LEU D 78 10.19 -39.94 -14.62
CA LEU D 78 9.74 -38.55 -14.57
C LEU D 78 8.27 -38.39 -14.22
N SER D 79 7.41 -39.24 -14.81
CA SER D 79 5.97 -39.13 -14.61
C SER D 79 5.55 -39.55 -13.21
N ARG D 80 6.29 -40.49 -12.64
CA ARG D 80 6.03 -40.97 -11.29
C ARG D 80 6.52 -39.97 -10.24
N LEU D 81 7.58 -39.23 -10.59
CA LEU D 81 8.08 -38.13 -9.78
C LEU D 81 7.19 -36.90 -9.89
N MET D 82 6.60 -36.68 -11.05
CA MET D 82 5.63 -35.59 -11.23
C MET D 82 4.30 -35.89 -10.53
N HIS D 83 3.89 -37.16 -10.55
CA HIS D 83 2.72 -37.61 -9.79
C HIS D 83 2.87 -37.34 -8.30
N PHE D 84 4.02 -37.74 -7.75
CA PHE D 84 4.34 -37.52 -6.34
C PHE D 84 4.33 -36.03 -5.98
N ALA D 85 4.96 -35.21 -6.83
CA ALA D 85 5.00 -33.77 -6.63
C ALA D 85 3.60 -33.13 -6.62
N ARG D 86 2.73 -33.59 -7.52
CA ARG D 86 1.36 -33.10 -7.61
C ARG D 86 0.51 -33.50 -6.41
N CYS D 87 0.75 -34.70 -5.89
CA CYS D 87 0.12 -35.16 -4.65
C CYS D 87 0.56 -34.28 -3.49
N CYS D 88 1.86 -33.97 -3.43
CA CYS D 88 2.41 -33.10 -2.40
C CYS D 88 1.80 -31.73 -2.45
N ALA D 89 1.78 -31.15 -3.66
CA ALA D 89 1.17 -29.85 -3.91
C ALA D 89 -0.28 -29.79 -3.46
N SER D 90 -1.11 -30.69 -3.99
CA SER D 90 -2.55 -30.71 -3.71
C SER D 90 -2.89 -30.97 -2.24
N PHE D 91 -2.00 -31.67 -1.53
CA PHE D 91 -2.17 -31.92 -0.09
C PHE D 91 -2.14 -30.65 0.76
N LYS D 92 -1.35 -29.66 0.36
CA LYS D 92 -1.33 -28.37 1.07
C LYS D 92 -2.01 -27.28 0.26
N LYS D 93 -2.90 -27.70 -0.64
CA LYS D 93 -3.74 -26.82 -1.45
C LYS D 93 -2.91 -25.86 -2.29
N LYS D 94 -1.83 -26.39 -2.84
CA LYS D 94 -0.92 -25.65 -3.71
C LYS D 94 -0.88 -26.32 -5.08
N THR D 95 -0.24 -25.64 -6.03
CA THR D 95 0.02 -26.23 -7.34
C THR D 95 1.52 -26.24 -7.64
N ILE D 96 1.95 -27.24 -8.40
CA ILE D 96 3.32 -27.28 -8.90
C ILE D 96 3.31 -27.55 -10.41
N ASP D 97 4.05 -26.75 -11.15
CA ASP D 97 4.08 -26.84 -12.60
C ASP D 97 5.43 -26.35 -13.16
N ASN D 98 5.60 -26.52 -14.47
CA ASN D 98 6.83 -26.10 -15.16
C ASN D 98 6.73 -24.68 -15.69
N TYR D 99 5.93 -23.84 -15.04
CA TYR D 99 5.66 -22.48 -15.53
C TYR D 99 5.76 -21.41 -14.45
N GLU D 100 4.66 -21.14 -13.77
CA GLU D 100 4.67 -20.10 -12.74
C GLU D 100 4.89 -20.63 -11.31
N ASN D 101 4.66 -21.91 -11.10
CA ASN D 101 4.87 -22.54 -9.79
C ASN D 101 5.87 -23.71 -9.81
N PRO D 102 7.14 -23.47 -10.20
CA PRO D 102 8.10 -24.57 -10.27
C PRO D 102 8.75 -24.91 -8.93
N ILE D 103 8.42 -24.13 -7.88
CA ILE D 103 8.94 -24.32 -6.53
C ILE D 103 7.80 -24.58 -5.55
N LEU D 104 7.92 -25.67 -4.78
CA LEU D 104 6.91 -26.08 -3.80
C LEU D 104 7.50 -26.36 -2.43
N SER D 105 6.90 -25.77 -1.41
CA SER D 105 7.10 -26.18 -0.03
C SER D 105 5.84 -26.84 0.49
N SER D 106 5.92 -28.11 0.81
CA SER D 106 4.75 -28.86 1.26
C SER D 106 5.11 -29.81 2.40
N ASN D 107 4.27 -30.79 2.66
CA ASN D 107 4.51 -31.80 3.70
C ASN D 107 4.12 -33.19 3.22
N LEU D 108 4.70 -34.21 3.85
CA LEU D 108 4.21 -35.58 3.69
C LEU D 108 3.16 -35.85 4.76
N ALA D 109 2.46 -36.99 4.67
CA ALA D 109 1.36 -37.33 5.57
C ALA D 109 1.71 -37.28 7.07
N ASN D 110 2.85 -37.85 7.45
CA ASN D 110 3.31 -37.80 8.85
C ASN D 110 3.94 -36.45 9.23
N GLY D 111 3.80 -35.46 8.34
CA GLY D 111 4.17 -34.09 8.65
C GLY D 111 5.58 -33.63 8.31
N GLU D 112 6.40 -34.51 7.76
CA GLU D 112 7.75 -34.11 7.34
C GLU D 112 7.70 -33.12 6.17
N ARG D 113 8.63 -32.16 6.18
CA ARG D 113 8.65 -31.09 5.21
C ARG D 113 9.27 -31.56 3.90
N VAL D 114 8.64 -31.18 2.79
CA VAL D 114 9.12 -31.51 1.45
C VAL D 114 9.36 -30.22 0.68
N GLN D 115 10.52 -30.14 0.04
CA GLN D 115 10.82 -29.07 -0.89
C GLN D 115 11.01 -29.68 -2.27
N ILE D 116 10.21 -29.22 -3.23
CA ILE D 116 10.29 -29.69 -4.60
C ILE D 116 10.58 -28.53 -5.57
N VAL D 117 11.55 -28.74 -6.47
CA VAL D 117 11.91 -27.77 -7.50
C VAL D 117 11.85 -28.43 -8.88
N LEU D 118 11.25 -27.74 -9.84
CA LEU D 118 11.11 -28.25 -11.21
C LEU D 118 11.80 -27.34 -12.22
N SER D 119 11.90 -27.81 -13.46
CA SER D 119 12.21 -27.00 -14.60
C SER D 119 11.13 -25.93 -14.73
N PRO D 120 11.50 -24.67 -15.06
CA PRO D 120 12.83 -24.18 -15.47
C PRO D 120 13.77 -23.67 -14.37
N VAL D 121 13.44 -23.90 -13.11
CA VAL D 121 14.35 -23.52 -12.02
C VAL D 121 15.52 -24.52 -11.89
N THR D 122 15.24 -25.80 -12.19
CA THR D 122 16.31 -26.80 -12.25
C THR D 122 17.00 -26.77 -13.61
N VAL D 123 18.10 -27.52 -13.73
CA VAL D 123 18.98 -27.45 -14.89
C VAL D 123 18.34 -27.78 -16.27
N ASN D 124 17.42 -28.74 -16.31
CA ASN D 124 16.73 -29.14 -17.58
C ASN D 124 15.36 -29.78 -17.31
N ASP D 125 14.59 -30.10 -18.37
CA ASP D 125 13.25 -30.69 -18.15
C ASP D 125 13.20 -32.10 -17.58
N GLU D 126 14.35 -32.75 -17.49
CA GLU D 126 14.39 -34.10 -16.93
C GLU D 126 14.95 -34.14 -15.52
N THR D 127 15.06 -32.96 -14.91
CA THR D 127 15.61 -32.78 -13.56
C THR D 127 14.54 -32.31 -12.57
N ILE D 128 14.24 -33.16 -11.59
CA ILE D 128 13.33 -32.86 -10.50
C ILE D 128 14.07 -32.96 -9.15
N SER D 129 14.04 -31.87 -8.39
CA SER D 129 14.71 -31.83 -7.09
C SER D 129 13.72 -32.02 -5.94
N ILE D 130 14.04 -32.93 -5.03
CA ILE D 130 13.23 -33.22 -3.86
C ILE D 130 14.11 -33.26 -2.60
N SER D 131 13.67 -32.55 -1.55
CA SER D 131 14.35 -32.56 -0.25
C SER D 131 13.32 -32.80 0.86
N ILE D 132 13.47 -33.92 1.58
CA ILE D 132 12.58 -34.27 2.69
C ILE D 132 13.33 -34.14 4.02
N ARG D 133 12.85 -33.27 4.89
CA ARG D 133 13.39 -33.13 6.24
C ARG D 133 12.68 -34.09 7.20
N ILE D 134 13.46 -34.85 7.94
CA ILE D 134 12.94 -35.81 8.93
C ILE D 134 12.95 -35.20 10.33
N PRO D 135 11.78 -35.15 10.99
CA PRO D 135 11.64 -34.51 12.30
C PRO D 135 12.51 -35.15 13.38
N SER D 136 12.94 -34.33 14.36
CA SER D 136 13.73 -34.79 15.50
C SER D 136 12.91 -35.74 16.36
N LYS D 137 13.26 -37.03 16.33
CA LYS D 137 12.47 -38.07 16.99
C LYS D 137 12.96 -38.46 18.40
N THR D 138 14.15 -39.05 18.47
CA THR D 138 14.73 -39.54 19.72
C THR D 138 14.93 -38.44 20.78
N THR D 139 14.51 -38.74 22.01
CA THR D 139 14.65 -37.84 23.15
C THR D 139 15.81 -38.25 24.03
N TYR D 140 16.76 -37.32 24.21
CA TYR D 140 17.93 -37.52 25.04
C TYR D 140 17.77 -36.79 26.37
N PRO D 141 18.26 -37.39 27.47
CA PRO D 141 18.36 -36.65 28.73
C PRO D 141 19.51 -35.65 28.65
N HIS D 142 19.45 -34.61 29.47
CA HIS D 142 20.50 -33.59 29.51
C HIS D 142 21.88 -34.15 29.92
N SER D 143 21.85 -35.27 30.65
CA SER D 143 23.07 -36.00 31.04
C SER D 143 23.89 -36.40 29.82
N PHE D 144 23.21 -36.77 28.73
CA PHE D 144 23.86 -37.14 27.47
C PHE D 144 24.71 -35.99 26.93
N PHE D 145 24.18 -34.77 27.00
CA PHE D 145 24.91 -33.58 26.57
C PHE D 145 26.13 -33.31 27.44
N GLU D 146 25.99 -33.52 28.76
CA GLU D 146 27.10 -33.36 29.70
C GLU D 146 28.18 -34.43 29.52
N GLU D 147 27.75 -35.64 29.19
CA GLU D 147 28.64 -36.79 29.04
C GLU D 147 29.41 -36.80 27.73
N GLN D 148 28.78 -36.24 26.68
CA GLN D 148 29.32 -36.34 25.33
C GLN D 148 30.03 -35.08 24.85
N GLY D 149 30.25 -34.13 25.76
CA GLY D 149 31.11 -32.98 25.51
C GLY D 149 30.48 -31.78 24.86
N PHE D 150 29.17 -31.61 25.05
CA PHE D 150 28.41 -30.47 24.51
C PHE D 150 28.94 -29.12 24.98
N TYR D 151 29.39 -29.06 26.23
CA TYR D 151 29.84 -27.81 26.83
C TYR D 151 31.37 -27.65 26.84
N ASN D 152 32.09 -28.63 26.29
CA ASN D 152 33.55 -28.70 26.39
C ASN D 152 34.34 -27.54 25.81
N LEU D 153 33.78 -26.82 24.84
CA LEU D 153 34.46 -25.69 24.21
C LEU D 153 34.43 -24.43 25.06
N LEU D 154 33.48 -24.37 26.00
CA LEU D 154 33.33 -23.20 26.89
C LEU D 154 34.38 -23.24 28.00
N ASP D 155 35.09 -22.12 28.17
CA ASP D 155 36.17 -22.07 29.15
C ASP D 155 35.68 -21.93 30.59
N ASN D 156 34.35 -21.89 30.75
CA ASN D 156 33.70 -21.83 32.06
C ASN D 156 32.63 -22.93 32.19
N LYS D 157 33.03 -24.16 31.82
CA LYS D 157 32.10 -25.29 31.64
C LYS D 157 31.00 -25.40 32.70
N GLU D 158 31.39 -25.72 33.94
CA GLU D 158 30.42 -26.00 35.01
C GLU D 158 29.58 -24.79 35.44
N GLN D 159 30.12 -23.59 35.26
CA GLN D 159 29.39 -22.34 35.51
C GLN D 159 28.27 -22.12 34.50
N ALA D 160 28.52 -22.49 33.24
CA ALA D 160 27.53 -22.37 32.16
C ALA D 160 26.38 -23.36 32.32
N ILE D 161 26.73 -24.59 32.72
CA ILE D 161 25.74 -25.64 32.97
C ILE D 161 24.81 -25.25 34.12
N SER D 162 25.39 -24.70 35.19
CA SER D 162 24.61 -24.18 36.31
C SER D 162 23.70 -23.04 35.89
N ALA D 163 24.22 -22.15 35.04
CA ALA D 163 23.47 -21.00 34.55
C ALA D 163 22.22 -21.40 33.74
N ILE D 164 22.38 -22.39 32.86
CA ILE D 164 21.24 -22.90 32.07
C ILE D 164 20.21 -23.59 32.95
N LYS D 165 20.67 -24.42 33.88
CA LYS D 165 19.79 -25.13 34.82
C LYS D 165 19.03 -24.17 35.73
N ASP D 166 19.75 -23.22 36.32
CA ASP D 166 19.16 -22.25 37.24
C ASP D 166 18.31 -21.19 36.52
N GLY D 167 18.71 -20.82 35.31
CA GLY D 167 17.96 -19.87 34.48
C GLY D 167 16.64 -20.42 33.97
N ILE D 168 16.66 -21.67 33.52
CA ILE D 168 15.44 -22.38 33.11
C ILE D 168 14.49 -22.56 34.30
N ALA D 169 15.06 -22.86 35.46
CA ALA D 169 14.27 -23.07 36.70
C ALA D 169 13.53 -21.81 37.18
N ILE D 170 14.18 -20.66 37.08
CA ILE D 170 13.62 -19.40 37.60
C ILE D 170 12.73 -18.69 36.58
N GLY D 171 12.75 -19.14 35.33
CA GLY D 171 11.87 -18.59 34.31
C GLY D 171 12.50 -17.53 33.41
N LYS D 172 13.77 -17.71 33.08
CA LYS D 172 14.43 -16.83 32.14
C LYS D 172 14.00 -17.16 30.71
N ASN D 173 13.97 -16.12 29.87
CA ASN D 173 13.69 -16.27 28.45
C ASN D 173 14.91 -16.79 27.71
N VAL D 174 14.82 -18.03 27.23
CA VAL D 174 15.96 -18.72 26.62
C VAL D 174 15.73 -19.02 25.15
N ILE D 175 16.76 -18.75 24.35
CA ILE D 175 16.77 -19.13 22.93
C ILE D 175 17.95 -20.08 22.63
N VAL D 176 17.65 -21.16 21.94
CA VAL D 176 18.67 -22.09 21.48
C VAL D 176 18.77 -21.93 19.96
N CYS D 177 19.94 -21.54 19.47
CA CYS D 177 20.14 -21.40 18.02
C CYS D 177 21.31 -22.21 17.44
N GLY D 178 21.29 -22.36 16.12
CA GLY D 178 22.31 -23.09 15.39
C GLY D 178 21.80 -23.27 13.98
N GLY D 179 22.55 -24.00 13.18
CA GLY D 179 22.11 -24.29 11.81
C GLY D 179 21.27 -25.54 11.78
N THR D 180 20.86 -25.94 10.58
CA THR D 180 20.08 -27.16 10.40
C THR D 180 20.94 -28.36 10.78
N GLY D 181 20.38 -29.26 11.59
CA GLY D 181 21.14 -30.39 12.12
C GLY D 181 22.16 -30.07 13.21
N SER D 182 21.96 -28.95 13.92
CA SER D 182 22.76 -28.66 15.12
C SER D 182 22.21 -29.40 16.34
N GLY D 183 20.97 -29.88 16.22
CA GLY D 183 20.29 -30.57 17.31
C GLY D 183 19.60 -29.62 18.26
N LYS D 184 19.18 -28.46 17.74
CA LYS D 184 18.45 -27.42 18.50
C LYS D 184 17.31 -28.00 19.32
N THR D 185 16.41 -28.71 18.65
CA THR D 185 15.20 -29.27 19.26
C THR D 185 15.47 -30.39 20.26
N THR D 186 16.39 -31.30 19.92
CA THR D 186 16.85 -32.33 20.84
C THR D 186 17.38 -31.71 22.15
N TYR D 187 18.12 -30.61 22.02
CA TYR D 187 18.62 -29.86 23.17
C TYR D 187 17.54 -29.10 24.00
N ILE D 188 16.55 -28.48 23.33
CA ILE D 188 15.43 -27.82 24.03
C ILE D 188 14.73 -28.80 24.94
N LYS D 189 14.51 -29.99 24.41
CA LYS D 189 13.79 -31.06 25.09
C LYS D 189 14.54 -31.54 26.32
N SER D 190 15.86 -31.62 26.23
CA SER D 190 16.70 -32.07 27.34
C SER D 190 16.64 -31.11 28.54
N ILE D 191 16.59 -29.80 28.24
CA ILE D 191 16.57 -28.77 29.28
C ILE D 191 15.18 -28.50 29.88
N MET D 192 14.15 -29.12 29.32
CA MET D 192 12.79 -29.10 29.89
C MET D 192 12.75 -29.79 31.25
N GLU D 193 13.74 -30.65 31.49
CA GLU D 193 13.99 -31.29 32.78
C GLU D 193 14.00 -30.27 33.92
N PHE D 194 14.48 -29.06 33.62
CA PHE D 194 14.76 -28.06 34.68
C PHE D 194 13.63 -27.04 34.89
N ILE D 195 12.54 -27.22 34.17
CA ILE D 195 11.30 -26.49 34.42
C ILE D 195 10.62 -27.20 35.59
N PRO D 196 10.28 -26.47 36.67
CA PRO D 196 9.64 -27.13 37.81
C PRO D 196 8.44 -27.95 37.35
N LYS D 197 8.30 -29.16 37.89
CA LYS D 197 7.28 -30.11 37.43
C LYS D 197 5.84 -29.61 37.58
N GLU D 198 5.69 -28.55 38.39
CA GLU D 198 4.37 -28.01 38.75
C GLU D 198 3.87 -26.97 37.76
N GLU D 199 4.72 -26.62 36.80
CA GLU D 199 4.38 -25.61 35.81
C GLU D 199 3.56 -26.16 34.65
N ARG D 200 2.56 -25.39 34.24
CA ARG D 200 1.71 -25.71 33.12
C ARG D 200 2.40 -25.23 31.87
N ILE D 201 2.74 -26.18 30.99
CA ILE D 201 3.43 -25.87 29.75
C ILE D 201 2.46 -25.91 28.58
N ILE D 202 2.65 -24.97 27.66
CA ILE D 202 1.96 -25.00 26.38
C ILE D 202 3.01 -24.88 25.29
N SER D 203 3.07 -25.89 24.42
CA SER D 203 4.01 -25.88 23.30
C SER D 203 3.28 -25.50 22.01
N ILE D 204 4.03 -24.92 21.07
CA ILE D 204 3.50 -24.53 19.77
C ILE D 204 4.48 -24.98 18.68
N GLU D 205 4.02 -25.90 17.84
CA GLU D 205 4.83 -26.52 16.79
C GLU D 205 3.97 -26.71 15.56
N ASP D 206 4.57 -27.10 14.43
CA ASP D 206 3.76 -27.56 13.29
C ASP D 206 3.65 -29.10 13.23
N THR D 207 4.64 -29.80 13.77
CA THR D 207 4.55 -31.26 14.00
C THR D 207 5.06 -31.63 15.37
N GLU D 208 4.58 -32.77 15.87
CA GLU D 208 4.93 -33.23 17.22
C GLU D 208 6.38 -33.68 17.31
N GLU D 209 7.18 -32.87 18.00
CA GLU D 209 8.58 -33.19 18.24
C GLU D 209 8.86 -33.19 19.74
N ILE D 210 8.41 -32.13 20.41
CA ILE D 210 8.56 -31.97 21.85
C ILE D 210 7.85 -33.09 22.61
N VAL D 211 8.53 -33.62 23.62
CA VAL D 211 8.01 -34.70 24.45
C VAL D 211 7.90 -34.19 25.89
N PHE D 212 6.91 -34.69 26.62
CA PHE D 212 6.71 -34.28 28.00
C PHE D 212 6.99 -35.44 28.95
N LYS D 213 8.19 -35.47 29.49
CA LYS D 213 8.64 -36.55 30.37
C LYS D 213 8.59 -36.18 31.85
N HIS D 214 8.60 -34.88 32.16
CA HIS D 214 8.66 -34.41 33.54
C HIS D 214 7.43 -33.56 33.91
N HIS D 215 6.46 -33.46 33.00
CA HIS D 215 5.32 -32.58 33.20
C HIS D 215 3.98 -33.23 32.85
N LYS D 216 3.00 -33.03 33.72
CA LYS D 216 1.69 -33.66 33.60
C LYS D 216 0.59 -32.69 33.12
N ASN D 217 0.76 -31.43 33.45
CA ASN D 217 -0.18 -30.37 33.06
C ASN D 217 0.37 -29.63 31.85
N TYR D 218 -0.11 -30.02 30.66
CA TYR D 218 0.40 -29.48 29.41
C TYR D 218 -0.62 -29.62 28.28
N THR D 219 -0.50 -28.73 27.29
CA THR D 219 -1.28 -28.83 26.06
C THR D 219 -0.37 -28.48 24.89
N GLN D 220 -0.42 -29.33 23.85
CA GLN D 220 0.29 -29.11 22.60
C GLN D 220 -0.63 -28.43 21.59
N LEU D 221 -0.11 -27.37 20.96
CA LEU D 221 -0.84 -26.69 19.91
C LEU D 221 -0.06 -26.82 18.62
N PHE D 222 -0.80 -26.96 17.51
CA PHE D 222 -0.21 -27.17 16.20
C PHE D 222 -0.80 -26.26 15.15
N PHE D 223 0.07 -25.69 14.32
CA PHE D 223 -0.39 -24.83 13.24
C PHE D 223 -0.17 -25.52 11.89
N GLY D 224 -0.86 -25.03 10.87
CA GLY D 224 -0.87 -25.63 9.56
C GLY D 224 -2.11 -25.16 8.84
N GLY D 225 -2.04 -25.12 7.51
CA GLY D 225 -3.14 -24.62 6.70
C GLY D 225 -3.47 -23.18 7.06
N ASN D 226 -4.73 -22.94 7.42
CA ASN D 226 -5.20 -21.61 7.76
C ASN D 226 -5.02 -21.26 9.25
N ILE D 227 -4.43 -22.18 10.01
CA ILE D 227 -4.03 -21.89 11.39
C ILE D 227 -2.55 -21.53 11.41
N THR D 228 -2.26 -20.31 11.86
CA THR D 228 -0.88 -19.83 11.89
C THR D 228 -0.31 -20.01 13.30
N SER D 229 1.01 -19.92 13.42
CA SER D 229 1.70 -19.95 14.71
C SER D 229 1.18 -18.84 15.64
N ALA D 230 0.88 -17.68 15.06
CA ALA D 230 0.38 -16.53 15.78
C ALA D 230 -1.03 -16.77 16.30
N ASP D 231 -1.84 -17.52 15.55
CA ASP D 231 -3.17 -17.96 16.01
C ASP D 231 -3.05 -18.86 17.25
N CYS D 232 -2.04 -19.73 17.25
CA CYS D 232 -1.78 -20.62 18.38
C CYS D 232 -1.24 -19.86 19.58
N LEU D 233 -0.39 -18.86 19.33
CA LEU D 233 0.16 -18.00 20.38
C LEU D 233 -0.92 -17.15 21.04
N LYS D 234 -1.84 -16.62 20.24
CA LYS D 234 -2.99 -15.85 20.72
C LYS D 234 -3.91 -16.72 21.61
N SER D 235 -4.12 -17.96 21.19
CA SER D 235 -4.92 -18.93 21.96
C SER D 235 -4.19 -19.30 23.24
N CYS D 236 -2.90 -19.58 23.11
CA CYS D 236 -2.02 -19.91 24.23
C CYS D 236 -2.15 -18.95 25.42
N LEU D 237 -2.23 -17.65 25.13
CA LEU D 237 -2.35 -16.61 26.16
C LEU D 237 -3.69 -16.61 26.90
N ARG D 238 -4.66 -17.32 26.34
CA ARG D 238 -5.99 -17.42 26.93
C ARG D 238 -6.16 -18.78 27.63
N MET D 239 -5.07 -19.53 27.74
CA MET D 239 -5.07 -20.88 28.28
C MET D 239 -4.28 -21.01 29.59
N ARG D 240 -3.98 -19.87 30.22
CA ARG D 240 -3.26 -19.79 31.49
C ARG D 240 -1.98 -20.65 31.58
N PRO D 241 -1.00 -20.39 30.68
CA PRO D 241 0.25 -21.15 30.79
C PRO D 241 1.19 -20.55 31.82
N ASP D 242 2.07 -21.39 32.38
CA ASP D 242 3.22 -20.91 33.16
C ASP D 242 4.41 -20.79 32.23
N ARG D 243 4.53 -21.74 31.31
CA ARG D 243 5.63 -21.79 30.35
C ARG D 243 5.11 -21.92 28.95
N ILE D 244 5.71 -21.16 28.04
CA ILE D 244 5.38 -21.23 26.63
C ILE D 244 6.62 -21.71 25.89
N ILE D 245 6.52 -22.88 25.26
CA ILE D 245 7.59 -23.37 24.39
C ILE D 245 7.17 -23.21 22.93
N LEU D 246 7.89 -22.34 22.23
CA LEU D 246 7.64 -22.07 20.83
C LEU D 246 8.70 -22.86 20.06
N GLY D 247 8.27 -23.93 19.39
CA GLY D 247 9.20 -24.82 18.68
C GLY D 247 10.27 -24.12 17.87
N GLU D 248 9.86 -23.19 17.02
CA GLU D 248 10.80 -22.49 16.13
C GLU D 248 10.25 -21.14 15.69
N LEU D 249 11.14 -20.18 15.54
CA LEU D 249 10.82 -18.89 14.94
C LEU D 249 11.26 -18.90 13.49
N ARG D 250 10.37 -18.51 12.58
CA ARG D 250 10.68 -18.51 11.12
C ARG D 250 10.41 -17.18 10.43
N SER D 251 9.23 -16.60 10.64
CA SER D 251 8.96 -15.27 10.12
C SER D 251 8.23 -14.34 11.07
N SER D 252 7.07 -13.83 10.63
CA SER D 252 6.39 -12.70 11.27
C SER D 252 5.93 -12.95 12.69
N GLU D 253 5.82 -14.23 13.08
CA GLU D 253 5.40 -14.59 14.44
C GLU D 253 6.47 -14.24 15.49
N ALA D 254 7.68 -13.94 15.01
CA ALA D 254 8.75 -13.44 15.88
C ALA D 254 8.36 -12.14 16.58
N TYR D 255 7.51 -11.32 15.94
CA TYR D 255 7.04 -10.09 16.59
C TYR D 255 5.86 -10.31 17.51
N ASP D 256 5.05 -11.32 17.21
CA ASP D 256 4.02 -11.81 18.15
C ASP D 256 4.69 -12.33 19.42
N PHE D 257 5.81 -13.05 19.25
CA PHE D 257 6.69 -13.52 20.32
C PHE D 257 7.31 -12.35 21.11
N TYR D 258 7.66 -11.27 20.42
CA TYR D 258 8.17 -10.06 21.08
C TYR D 258 7.13 -9.44 22.02
N ASN D 259 5.90 -9.31 21.53
CA ASN D 259 4.79 -8.80 22.33
C ASN D 259 4.42 -9.64 23.55
N VAL D 260 4.59 -10.97 23.44
CA VAL D 260 4.43 -11.90 24.57
C VAL D 260 5.46 -11.59 25.67
N LEU D 261 6.71 -11.38 25.25
CA LEU D 261 7.79 -11.00 26.16
C LEU D 261 7.50 -9.67 26.86
N CYS D 262 6.85 -8.77 26.15
CA CYS D 262 6.45 -7.45 26.65
C CYS D 262 5.20 -7.48 27.53
N SER D 263 4.42 -8.54 27.40
CA SER D 263 3.16 -8.67 28.13
C SER D 263 3.36 -9.11 29.58
N GLY D 264 4.61 -9.19 30.02
CA GLY D 264 4.93 -9.63 31.37
C GLY D 264 5.03 -11.14 31.51
N HIS D 265 5.12 -11.83 30.37
CA HIS D 265 5.32 -13.28 30.38
C HIS D 265 6.82 -13.60 30.39
N LYS D 266 7.23 -14.34 31.42
CA LYS D 266 8.60 -14.82 31.52
C LYS D 266 8.60 -16.31 31.20
N GLY D 267 9.78 -16.92 31.18
CA GLY D 267 9.90 -18.37 31.02
C GLY D 267 9.43 -18.87 29.67
N THR D 268 9.85 -18.18 28.60
CA THR D 268 9.61 -18.65 27.25
C THR D 268 10.84 -19.36 26.73
N LEU D 269 10.61 -20.35 25.87
CA LEU D 269 11.68 -21.17 25.34
C LEU D 269 11.43 -21.34 23.85
N THR D 270 12.44 -21.01 23.03
CA THR D 270 12.29 -21.10 21.58
C THR D 270 13.63 -21.39 20.88
N THR D 271 13.55 -21.69 19.59
CA THR D 271 14.73 -21.86 18.73
C THR D 271 14.59 -21.04 17.45
N LEU D 272 15.74 -20.71 16.85
CA LEU D 272 15.81 -20.13 15.52
C LEU D 272 17.14 -20.52 14.85
N HIS D 273 17.23 -20.29 13.54
CA HIS D 273 18.46 -20.50 12.78
C HIS D 273 19.35 -19.26 12.81
N ALA D 274 20.52 -19.41 13.43
CA ALA D 274 21.47 -18.32 13.57
C ALA D 274 22.86 -18.88 13.82
N GLY D 275 23.87 -18.07 13.54
CA GLY D 275 25.27 -18.51 13.65
C GLY D 275 25.95 -18.02 14.91
N SER D 276 25.26 -17.15 15.64
CA SER D 276 25.75 -16.61 16.92
C SER D 276 24.62 -15.83 17.59
N SER D 277 24.90 -15.32 18.79
CA SER D 277 23.90 -14.56 19.54
C SER D 277 23.56 -13.24 18.84
N GLU D 278 24.57 -12.58 18.28
CA GLU D 278 24.35 -11.31 17.57
C GLU D 278 23.53 -11.53 16.32
N GLU D 279 23.82 -12.62 15.62
CA GLU D 279 23.09 -13.04 14.44
C GLU D 279 21.66 -13.47 14.80
N ALA D 280 21.47 -13.92 16.04
CA ALA D 280 20.14 -14.28 16.52
C ALA D 280 19.25 -13.05 16.68
N PHE D 281 19.82 -11.99 17.25
CA PHE D 281 19.13 -10.72 17.41
C PHE D 281 18.76 -10.06 16.09
N ILE D 282 19.70 -10.09 15.13
CA ILE D 282 19.48 -9.58 13.77
C ILE D 282 18.35 -10.37 13.10
N ARG D 283 18.45 -11.69 13.22
CA ARG D 283 17.50 -12.62 12.64
C ARG D 283 16.09 -12.42 13.24
N LEU D 284 16.04 -12.25 14.56
CA LEU D 284 14.80 -11.88 15.26
C LEU D 284 14.16 -10.60 14.75
N ALA D 285 14.98 -9.56 14.57
CA ALA D 285 14.52 -8.26 14.09
C ALA D 285 14.06 -8.34 12.64
N ASN D 286 14.80 -9.06 11.81
CA ASN D 286 14.42 -9.25 10.40
C ASN D 286 13.14 -10.07 10.20
N MET D 287 12.95 -11.11 11.02
CA MET D 287 11.71 -11.90 11.00
C MET D 287 10.52 -11.08 11.49
N SER D 288 10.73 -10.27 12.52
CA SER D 288 9.70 -9.38 13.07
C SER D 288 9.24 -8.31 12.08
N SER D 289 10.16 -7.84 11.23
CA SER D 289 9.94 -6.79 10.22
C SER D 289 8.78 -7.07 9.26
N SER D 290 8.56 -8.34 8.94
CA SER D 290 7.52 -8.73 8.01
C SER D 290 6.11 -8.69 8.62
N ASN D 291 6.03 -8.27 9.88
CA ASN D 291 4.76 -8.22 10.60
C ASN D 291 4.07 -6.84 10.58
N SER D 292 2.73 -6.86 10.58
CA SER D 292 1.87 -5.67 10.52
C SER D 292 2.28 -4.56 11.49
N ALA D 293 2.36 -4.89 12.77
CA ALA D 293 2.66 -3.94 13.83
C ALA D 293 4.05 -3.35 13.69
N ALA D 294 4.95 -4.09 13.01
CA ALA D 294 6.36 -3.71 12.91
C ALA D 294 6.77 -3.03 11.59
N ARG D 295 5.80 -2.83 10.71
CA ARG D 295 6.08 -2.23 9.39
C ARG D 295 6.70 -0.81 9.41
N ASN D 296 6.40 -0.03 10.46
CA ASN D 296 6.96 1.31 10.61
C ASN D 296 7.93 1.42 11.79
N ILE D 297 8.58 0.32 12.15
CA ILE D 297 9.53 0.30 13.27
C ILE D 297 10.96 0.25 12.77
N LYS D 298 11.82 1.10 13.32
CA LYS D 298 13.24 1.12 12.98
C LYS D 298 13.89 -0.21 13.37
N PHE D 299 14.65 -0.78 12.44
CA PHE D 299 15.39 -2.03 12.67
C PHE D 299 16.19 -2.01 13.98
N GLU D 300 16.79 -0.86 14.25
CA GLU D 300 17.62 -0.67 15.43
C GLU D 300 16.81 -0.73 16.73
N SER D 301 15.55 -0.26 16.68
CA SER D 301 14.63 -0.36 17.82
C SER D 301 14.18 -1.79 18.02
N LEU D 302 13.90 -2.50 16.92
CA LEU D 302 13.59 -3.93 16.98
C LEU D 302 14.71 -4.74 17.64
N ILE D 303 15.96 -4.46 17.27
CA ILE D 303 17.11 -5.14 17.84
C ILE D 303 17.29 -4.88 19.33
N GLU D 304 17.25 -3.61 19.72
CA GLU D 304 17.39 -3.22 21.13
C GLU D 304 16.26 -3.75 22.03
N GLY D 305 15.07 -3.90 21.44
CA GLY D 305 13.91 -4.47 22.12
C GLY D 305 14.09 -5.92 22.50
N PHE D 306 14.61 -6.73 21.58
CA PHE D 306 14.95 -8.13 21.88
C PHE D 306 16.10 -8.27 22.88
N LYS D 307 17.09 -7.38 22.76
CA LYS D 307 18.26 -7.39 23.66
C LYS D 307 17.92 -7.07 25.11
N ASP D 308 16.86 -6.30 25.32
CA ASP D 308 16.38 -6.01 26.66
C ASP D 308 15.57 -7.17 27.24
N LEU D 309 15.14 -8.11 26.40
CA LEU D 309 14.19 -9.13 26.85
C LEU D 309 14.69 -10.58 26.81
N ILE D 310 15.71 -10.86 26.01
CA ILE D 310 16.28 -12.21 25.93
C ILE D 310 17.37 -12.40 26.98
N ASP D 311 17.17 -13.39 27.84
CA ASP D 311 18.08 -13.63 28.96
C ASP D 311 19.31 -14.45 28.55
N MET D 312 19.09 -15.55 27.87
CA MET D 312 20.17 -16.47 27.52
C MET D 312 20.01 -16.92 26.08
N ILE D 313 21.14 -16.98 25.37
CA ILE D 313 21.19 -17.60 24.05
C ILE D 313 22.30 -18.63 24.04
N VAL D 314 21.91 -19.85 23.67
CA VAL D 314 22.85 -20.96 23.52
C VAL D 314 22.99 -21.20 22.02
N HIS D 315 24.19 -21.00 21.50
CA HIS D 315 24.46 -21.35 20.10
C HIS D 315 25.24 -22.67 19.95
N ILE D 316 24.77 -23.52 19.04
CA ILE D 316 25.34 -24.83 18.78
C ILE D 316 26.00 -24.87 17.40
N ASN D 317 27.26 -25.31 17.35
CA ASN D 317 28.00 -25.37 16.09
C ASN D 317 27.60 -26.57 15.25
N HIS D 318 28.33 -26.81 14.16
CA HIS D 318 27.99 -27.88 13.22
C HIS D 318 28.40 -29.25 13.71
N HIS D 319 29.19 -29.29 14.80
CA HIS D 319 29.60 -30.53 15.44
C HIS D 319 28.85 -30.77 16.75
N LYS D 320 27.71 -30.11 16.90
CA LYS D 320 26.77 -30.32 18.00
C LYS D 320 27.35 -29.99 19.39
N GLN D 321 28.19 -28.96 19.41
CA GLN D 321 28.75 -28.42 20.63
C GLN D 321 28.38 -26.95 20.74
N CYS D 322 28.14 -26.49 21.97
CA CYS D 322 27.97 -25.06 22.24
C CYS D 322 29.30 -24.29 22.07
N ASP D 323 29.31 -23.30 21.17
CA ASP D 323 30.49 -22.45 20.99
C ASP D 323 30.27 -21.02 21.51
N GLU D 324 29.03 -20.72 21.90
CA GLU D 324 28.69 -19.45 22.53
C GLU D 324 27.54 -19.59 23.53
N PHE D 325 27.79 -19.19 24.77
CA PHE D 325 26.77 -19.16 25.80
C PHE D 325 26.53 -17.72 26.24
N TYR D 326 25.66 -17.02 25.51
CA TYR D 326 25.34 -15.63 25.78
C TYR D 326 24.45 -15.50 27.02
N ILE D 327 24.92 -14.71 27.98
CA ILE D 327 24.14 -14.36 29.15
C ILE D 327 23.93 -12.85 29.12
N LYS D 328 22.72 -12.40 29.45
CA LYS D 328 22.42 -10.96 29.48
C LYS D 328 23.04 -10.30 30.70
N LYS E 21 -33.66 -16.61 24.47
CA LYS E 21 -32.38 -16.62 25.24
C LYS E 21 -32.23 -17.87 26.11
N GLU E 22 -33.33 -18.31 26.71
CA GLU E 22 -33.31 -19.46 27.63
C GLU E 22 -33.43 -20.81 26.96
N ALA E 23 -33.75 -20.79 25.66
CA ALA E 23 -33.73 -21.99 24.85
C ALA E 23 -32.28 -22.39 24.56
N ALA E 24 -31.42 -21.38 24.46
CA ALA E 24 -29.99 -21.59 24.23
C ALA E 24 -29.23 -21.74 25.55
N LEU E 25 -29.81 -21.21 26.62
CA LEU E 25 -29.16 -21.10 27.92
C LEU E 25 -29.18 -22.41 28.71
N ASN E 26 -30.34 -23.06 28.75
CA ASN E 26 -30.52 -24.31 29.49
C ASN E 26 -29.57 -25.46 29.12
N PRO E 27 -29.42 -25.76 27.80
CA PRO E 27 -28.47 -26.80 27.42
C PRO E 27 -27.05 -26.55 27.96
N LEU E 28 -26.56 -25.31 27.86
CA LEU E 28 -25.21 -24.95 28.33
C LEU E 28 -25.04 -25.04 29.84
N ARG E 29 -26.04 -24.60 30.59
CA ARG E 29 -26.01 -24.65 32.06
C ARG E 29 -25.93 -26.07 32.59
N HIS E 30 -26.72 -26.97 32.00
CA HIS E 30 -26.73 -28.37 32.41
C HIS E 30 -25.44 -29.08 32.02
N ALA E 31 -24.94 -28.79 30.82
CA ALA E 31 -23.69 -29.34 30.33
C ALA E 31 -22.49 -28.88 31.16
N THR E 32 -22.53 -27.62 31.61
CA THR E 32 -21.48 -27.05 32.46
C THR E 32 -21.47 -27.72 33.84
N GLU E 33 -22.66 -27.84 34.43
CA GLU E 33 -22.85 -28.51 35.71
C GLU E 33 -22.39 -29.97 35.67
N GLU E 34 -22.83 -30.69 34.63
CA GLU E 34 -22.46 -32.09 34.42
C GLU E 34 -20.95 -32.32 34.44
N LEU E 35 -20.22 -31.42 33.77
CA LEU E 35 -18.77 -31.54 33.59
C LEU E 35 -17.94 -30.88 34.69
N PHE E 36 -18.21 -29.61 34.96
CA PHE E 36 -17.32 -28.81 35.80
C PHE E 36 -17.98 -28.27 37.06
N GLY E 37 -19.20 -28.75 37.34
CA GLY E 37 -19.98 -28.32 38.50
C GLY E 37 -19.30 -28.42 39.83
N ASP E 38 -18.61 -29.54 40.08
CA ASP E 38 -17.88 -29.77 41.34
C ASP E 38 -16.69 -28.83 41.48
N PHE E 39 -16.15 -28.40 40.35
CA PHE E 39 -14.95 -27.56 40.33
C PHE E 39 -15.31 -26.09 40.38
N LEU E 40 -16.45 -25.73 39.81
CA LEU E 40 -16.93 -24.36 39.81
C LEU E 40 -17.48 -23.93 41.18
N LYS E 41 -17.79 -24.91 42.03
CA LYS E 41 -18.23 -24.66 43.39
C LYS E 41 -17.06 -24.45 44.36
N MET E 42 -15.86 -24.81 43.91
CA MET E 42 -14.65 -24.63 44.70
C MET E 42 -14.35 -23.17 44.98
N GLU E 43 -13.87 -22.90 46.18
CA GLU E 43 -13.61 -21.54 46.64
C GLU E 43 -12.15 -21.19 46.48
N ASN E 44 -11.90 -19.90 46.26
CA ASN E 44 -10.55 -19.35 46.10
C ASN E 44 -9.73 -20.02 45.00
N ILE E 45 -10.37 -20.14 43.83
CA ILE E 45 -9.76 -20.69 42.63
C ILE E 45 -9.76 -19.64 41.53
N THR E 46 -8.82 -19.72 40.61
CA THR E 46 -8.66 -18.70 39.57
C THR E 46 -8.76 -19.28 38.14
N GLU E 47 -8.53 -20.59 38.01
CA GLU E 47 -8.52 -21.26 36.71
C GLU E 47 -8.94 -22.72 36.80
N ILE E 48 -9.73 -23.18 35.83
CA ILE E 48 -10.02 -24.61 35.66
C ILE E 48 -9.60 -25.03 34.23
N CYS E 49 -8.74 -26.04 34.16
CA CYS E 49 -8.22 -26.53 32.87
C CYS E 49 -8.45 -28.01 32.65
N TYR E 50 -8.80 -28.35 31.41
CA TYR E 50 -8.88 -29.74 30.95
C TYR E 50 -7.96 -29.90 29.73
N ASN E 51 -7.09 -30.91 29.75
CA ASN E 51 -6.10 -31.12 28.70
C ASN E 51 -6.36 -32.34 27.80
N GLY E 52 -7.54 -32.93 27.91
CA GLY E 52 -7.91 -34.08 27.06
C GLY E 52 -7.34 -35.42 27.48
N ASN E 53 -7.16 -35.63 28.79
CA ASN E 53 -6.62 -36.90 29.29
C ASN E 53 -7.13 -37.30 30.68
N LYS E 54 -8.40 -36.99 30.92
CA LYS E 54 -9.15 -37.41 32.13
C LYS E 54 -8.68 -36.77 33.43
N VAL E 55 -8.10 -35.57 33.33
CA VAL E 55 -7.63 -34.84 34.51
C VAL E 55 -8.10 -33.39 34.45
N VAL E 56 -8.84 -32.96 35.47
CA VAL E 56 -9.23 -31.57 35.62
C VAL E 56 -8.25 -30.86 36.55
N TRP E 57 -7.56 -29.87 35.99
CA TRP E 57 -6.56 -29.10 36.73
C TRP E 57 -7.17 -27.79 37.23
N VAL E 58 -7.07 -27.58 38.53
CA VAL E 58 -7.57 -26.38 39.18
C VAL E 58 -6.38 -25.55 39.67
N LEU E 59 -6.33 -24.28 39.27
CA LEU E 59 -5.33 -23.35 39.80
C LEU E 59 -5.91 -22.56 40.95
N LYS E 60 -5.31 -22.73 42.13
CA LYS E 60 -5.78 -22.06 43.35
C LYS E 60 -5.21 -20.66 43.46
N ASN E 61 -5.82 -19.84 44.31
CA ASN E 61 -5.37 -18.47 44.54
C ASN E 61 -3.93 -18.38 45.07
N ASN E 62 -3.53 -19.38 45.86
CA ASN E 62 -2.16 -19.46 46.38
C ASN E 62 -1.13 -19.87 45.33
N GLY E 63 -1.58 -20.10 44.11
CA GLY E 63 -0.69 -20.42 42.98
C GLY E 63 -0.38 -21.89 42.76
N GLU E 64 -1.08 -22.78 43.46
CA GLU E 64 -0.87 -24.22 43.29
C GLU E 64 -1.86 -24.84 42.29
N TRP E 65 -1.34 -25.64 41.37
CA TRP E 65 -2.18 -26.44 40.48
C TRP E 65 -2.55 -27.74 41.19
N GLN E 66 -3.83 -28.07 41.20
CA GLN E 66 -4.29 -29.31 41.80
C GLN E 66 -5.00 -30.19 40.76
N PRO E 67 -4.46 -31.40 40.52
CA PRO E 67 -5.06 -32.32 39.56
C PRO E 67 -6.17 -33.19 40.17
N PHE E 68 -7.29 -33.28 39.46
CA PHE E 68 -8.42 -34.12 39.84
C PHE E 68 -8.71 -35.12 38.72
N ASP E 69 -8.54 -36.40 39.02
CA ASP E 69 -8.85 -37.46 38.08
C ASP E 69 -10.37 -37.60 37.87
N VAL E 70 -10.77 -37.66 36.60
CA VAL E 70 -12.18 -37.78 36.21
C VAL E 70 -12.40 -38.93 35.22
N ARG E 71 -11.49 -39.89 35.22
CA ARG E 71 -11.59 -41.08 34.37
C ARG E 71 -12.78 -41.96 34.75
N ASP E 72 -13.13 -41.92 36.04
CA ASP E 72 -14.24 -42.72 36.58
C ASP E 72 -15.60 -42.05 36.36
N ARG E 73 -15.60 -40.84 35.81
CA ARG E 73 -16.82 -40.10 35.57
C ARG E 73 -17.34 -40.29 34.14
N LYS E 74 -18.57 -40.81 34.06
CA LYS E 74 -19.28 -41.05 32.80
C LYS E 74 -19.49 -39.73 32.04
N ALA E 75 -19.59 -38.64 32.80
CA ALA E 75 -19.77 -37.29 32.26
C ALA E 75 -18.68 -36.88 31.29
N PHE E 76 -17.47 -37.35 31.53
CA PHE E 76 -16.33 -37.05 30.66
C PHE E 76 -16.17 -38.08 29.55
N SER E 77 -16.78 -37.80 28.40
CA SER E 77 -16.55 -38.56 27.19
C SER E 77 -16.33 -37.56 26.08
N LEU E 78 -15.80 -38.03 24.95
CA LEU E 78 -15.52 -37.18 23.81
C LEU E 78 -16.79 -36.45 23.33
N SER E 79 -17.92 -37.15 23.32
CA SER E 79 -19.16 -36.60 22.80
C SER E 79 -19.79 -35.57 23.75
N ARG E 80 -19.64 -35.78 25.05
CA ARG E 80 -20.16 -34.86 26.06
C ARG E 80 -19.34 -33.58 26.11
N LEU E 81 -18.02 -33.73 26.00
CA LEU E 81 -17.11 -32.59 25.93
C LEU E 81 -17.37 -31.78 24.65
N MET E 82 -17.65 -32.47 23.55
CA MET E 82 -17.95 -31.85 22.28
C MET E 82 -19.33 -31.19 22.25
N HIS E 83 -20.29 -31.77 22.97
CA HIS E 83 -21.60 -31.16 23.15
C HIS E 83 -21.52 -29.86 23.96
N PHE E 84 -20.74 -29.88 25.04
CA PHE E 84 -20.49 -28.71 25.88
C PHE E 84 -19.83 -27.58 25.08
N ALA E 85 -18.83 -27.94 24.26
CA ALA E 85 -18.11 -27.00 23.42
C ALA E 85 -19.03 -26.28 22.44
N ARG E 86 -19.93 -27.02 21.78
CA ARG E 86 -20.90 -26.44 20.84
C ARG E 86 -21.94 -25.56 21.54
N CYS E 87 -22.35 -25.97 22.74
CA CYS E 87 -23.26 -25.19 23.58
C CYS E 87 -22.62 -23.88 24.00
N CYS E 88 -21.34 -23.95 24.34
CA CYS E 88 -20.55 -22.80 24.72
C CYS E 88 -20.40 -21.83 23.54
N ALA E 89 -20.22 -22.39 22.33
CA ALA E 89 -20.11 -21.60 21.10
C ALA E 89 -21.43 -20.89 20.72
N SER E 90 -22.53 -21.65 20.73
CA SER E 90 -23.85 -21.14 20.35
C SER E 90 -24.36 -20.03 21.24
N PHE E 91 -24.04 -20.11 22.54
CA PHE E 91 -24.43 -19.12 23.53
C PHE E 91 -23.97 -17.72 23.13
N LYS E 92 -22.79 -17.65 22.51
CA LYS E 92 -22.23 -16.38 22.06
C LYS E 92 -22.34 -16.22 20.54
N LYS E 93 -23.33 -16.88 19.94
CA LYS E 93 -23.56 -16.87 18.48
C LYS E 93 -22.29 -17.16 17.65
N LYS E 94 -21.47 -18.08 18.17
CA LYS E 94 -20.24 -18.52 17.52
C LYS E 94 -20.34 -19.99 17.14
N THR E 95 -19.35 -20.46 16.40
CA THR E 95 -19.27 -21.86 15.98
C THR E 95 -17.91 -22.46 16.34
N ILE E 96 -17.92 -23.75 16.67
CA ILE E 96 -16.70 -24.50 16.92
C ILE E 96 -16.76 -25.85 16.18
N ASP E 97 -15.66 -26.21 15.52
CA ASP E 97 -15.60 -27.44 14.74
C ASP E 97 -14.15 -27.87 14.50
N ASN E 98 -13.97 -29.05 13.92
CA ASN E 98 -12.64 -29.56 13.61
C ASN E 98 -12.14 -29.11 12.25
N TYR E 99 -12.71 -28.02 11.73
CA TYR E 99 -12.44 -27.59 10.35
C TYR E 99 -11.93 -26.16 10.25
N GLU E 100 -12.82 -25.20 10.04
CA GLU E 100 -12.39 -23.80 9.97
C GLU E 100 -12.31 -23.09 11.32
N ASN E 101 -12.99 -23.64 12.34
CA ASN E 101 -13.09 -22.97 13.64
C ASN E 101 -12.69 -23.81 14.86
N PRO E 102 -11.46 -24.37 14.85
CA PRO E 102 -11.08 -25.27 15.94
C PRO E 102 -10.64 -24.55 17.22
N ILE E 103 -10.57 -23.21 17.17
CA ILE E 103 -10.23 -22.38 18.32
C ILE E 103 -11.42 -21.50 18.70
N LEU E 104 -11.81 -21.54 19.97
CA LEU E 104 -12.94 -20.76 20.44
C LEU E 104 -12.62 -19.97 21.70
N SER E 105 -13.01 -18.70 21.70
CA SER E 105 -13.07 -17.90 22.91
C SER E 105 -14.53 -17.53 23.16
N SER E 106 -15.07 -17.97 24.29
CA SER E 106 -16.48 -17.78 24.62
C SER E 106 -16.69 -17.61 26.13
N ASN E 107 -17.93 -17.80 26.57
CA ASN E 107 -18.25 -17.66 28.00
C ASN E 107 -19.18 -18.74 28.50
N LEU E 108 -19.09 -19.04 29.79
CA LEU E 108 -20.10 -19.82 30.48
C LEU E 108 -21.34 -18.94 30.74
N ALA E 109 -22.43 -19.55 31.21
CA ALA E 109 -23.70 -18.86 31.39
C ALA E 109 -23.61 -17.66 32.31
N ASN E 110 -22.86 -17.79 33.41
CA ASN E 110 -22.65 -16.70 34.36
C ASN E 110 -21.48 -15.77 33.97
N GLY E 111 -20.93 -15.98 32.78
CA GLY E 111 -19.99 -15.02 32.19
C GLY E 111 -18.50 -15.33 32.23
N GLU E 112 -18.10 -16.33 33.01
CA GLU E 112 -16.68 -16.70 33.07
C GLU E 112 -16.13 -17.13 31.71
N ARG E 113 -14.92 -16.69 31.41
CA ARG E 113 -14.27 -16.89 30.12
C ARG E 113 -13.86 -18.33 29.84
N VAL E 114 -14.11 -18.77 28.61
CA VAL E 114 -13.77 -20.14 28.21
C VAL E 114 -12.98 -20.13 26.91
N GLN E 115 -11.82 -20.78 26.95
CA GLN E 115 -11.02 -21.02 25.76
C GLN E 115 -11.09 -22.51 25.44
N ILE E 116 -11.59 -22.83 24.24
CA ILE E 116 -11.66 -24.21 23.80
C ILE E 116 -10.87 -24.39 22.51
N VAL E 117 -10.08 -25.47 22.47
CA VAL E 117 -9.28 -25.82 21.31
C VAL E 117 -9.53 -27.28 20.95
N LEU E 118 -9.78 -27.52 19.65
CA LEU E 118 -10.02 -28.86 19.12
C LEU E 118 -8.94 -29.28 18.12
N SER E 119 -8.97 -30.56 17.74
CA SER E 119 -8.20 -31.09 16.62
C SER E 119 -8.65 -30.34 15.37
N PRO E 120 -7.71 -30.03 14.43
CA PRO E 120 -6.32 -30.44 14.33
C PRO E 120 -5.30 -29.50 14.99
N VAL E 121 -5.77 -28.59 15.85
CA VAL E 121 -4.87 -27.71 16.61
C VAL E 121 -4.35 -28.40 17.88
N THR E 122 -5.14 -29.31 18.43
CA THR E 122 -4.67 -30.23 19.48
C THR E 122 -3.98 -31.45 18.83
N VAL E 123 -3.34 -32.27 19.66
CA VAL E 123 -2.46 -33.33 19.18
C VAL E 123 -3.15 -34.47 18.40
N ASN E 124 -4.41 -34.76 18.73
CA ASN E 124 -5.17 -35.79 18.00
C ASN E 124 -6.68 -35.65 18.06
N ASP E 125 -7.34 -36.50 17.26
CA ASP E 125 -8.79 -36.76 17.21
C ASP E 125 -9.61 -36.72 18.50
N GLU E 126 -8.97 -37.11 19.60
CA GLU E 126 -9.69 -37.35 20.85
C GLU E 126 -9.27 -36.40 21.96
N THR E 127 -8.58 -35.32 21.56
CA THR E 127 -8.06 -34.34 22.52
C THR E 127 -8.80 -33.00 22.41
N ILE E 128 -9.42 -32.61 23.52
CA ILE E 128 -10.10 -31.32 23.63
C ILE E 128 -9.48 -30.56 24.79
N SER E 129 -9.04 -29.35 24.51
CA SER E 129 -8.48 -28.46 25.52
C SER E 129 -9.53 -27.44 25.98
N ILE E 130 -9.72 -27.34 27.29
CA ILE E 130 -10.66 -26.37 27.86
C ILE E 130 -9.99 -25.56 28.96
N SER E 131 -10.03 -24.23 28.85
CA SER E 131 -9.51 -23.36 29.89
C SER E 131 -10.56 -22.35 30.36
N ILE E 132 -10.96 -22.46 31.62
CA ILE E 132 -11.96 -21.55 32.20
C ILE E 132 -11.32 -20.59 33.20
N ARG E 133 -11.51 -19.29 32.95
CA ARG E 133 -10.99 -18.25 33.83
C ARG E 133 -12.02 -17.89 34.89
N ILE E 134 -11.66 -18.08 36.15
CA ILE E 134 -12.55 -17.77 37.27
C ILE E 134 -12.32 -16.34 37.76
N PRO E 135 -13.31 -15.44 37.55
CA PRO E 135 -13.14 -14.06 38.00
C PRO E 135 -13.13 -13.96 39.52
N SER E 136 -12.32 -13.04 40.04
CA SER E 136 -12.38 -12.66 41.43
C SER E 136 -13.45 -11.57 41.52
N LYS E 137 -14.65 -11.96 41.95
CA LYS E 137 -15.80 -11.06 41.92
C LYS E 137 -15.98 -10.18 43.17
N THR E 138 -15.15 -10.44 44.19
CA THR E 138 -15.17 -9.65 45.44
C THR E 138 -14.54 -8.26 45.27
N THR E 139 -15.19 -7.26 45.86
CA THR E 139 -14.76 -5.86 45.74
C THR E 139 -14.19 -5.33 47.07
N TYR E 140 -12.91 -4.98 47.04
CA TYR E 140 -12.23 -4.44 48.22
C TYR E 140 -12.20 -2.91 48.19
N PRO E 141 -12.29 -2.27 49.37
CA PRO E 141 -12.03 -0.83 49.43
C PRO E 141 -10.55 -0.54 49.23
N HIS E 142 -10.22 0.69 48.82
CA HIS E 142 -8.83 1.09 48.61
C HIS E 142 -8.02 1.09 49.92
N SER E 143 -8.70 1.38 51.03
CA SER E 143 -8.10 1.31 52.36
C SER E 143 -7.50 -0.07 52.64
N PHE E 144 -8.16 -1.11 52.16
CA PHE E 144 -7.68 -2.49 52.29
C PHE E 144 -6.37 -2.72 51.53
N PHE E 145 -6.25 -2.10 50.35
CA PHE E 145 -5.01 -2.17 49.57
C PHE E 145 -3.84 -1.50 50.28
N GLU E 146 -4.09 -0.30 50.80
CA GLU E 146 -3.10 0.46 51.58
C GLU E 146 -2.60 -0.31 52.80
N GLU E 147 -3.53 -0.97 53.48
CA GLU E 147 -3.23 -1.67 54.73
C GLU E 147 -2.44 -2.95 54.53
N GLN E 148 -2.61 -3.58 53.36
CA GLN E 148 -1.91 -4.83 53.03
C GLN E 148 -0.52 -4.60 52.41
N GLY E 149 -0.13 -3.34 52.27
CA GLY E 149 1.18 -2.98 51.74
C GLY E 149 1.28 -3.07 50.23
N PHE E 150 0.22 -2.64 49.54
CA PHE E 150 0.21 -2.57 48.07
C PHE E 150 1.28 -1.61 47.56
N TYR E 151 1.46 -0.49 48.25
CA TYR E 151 2.40 0.55 47.85
C TYR E 151 3.73 0.47 48.61
N ASN E 152 3.89 -0.56 49.44
CA ASN E 152 5.02 -0.65 50.38
C ASN E 152 6.40 -0.89 49.78
N LEU E 153 6.45 -1.54 48.62
CA LEU E 153 7.72 -1.77 47.91
C LEU E 153 8.30 -0.49 47.31
N LEU E 154 7.43 0.50 47.08
CA LEU E 154 7.77 1.70 46.32
C LEU E 154 8.67 2.68 47.07
N ASP E 155 9.66 3.21 46.35
CA ASP E 155 10.49 4.31 46.82
C ASP E 155 9.66 5.60 46.86
N ASN E 156 8.86 5.82 45.80
CA ASN E 156 7.96 6.97 45.71
C ASN E 156 6.57 6.67 46.28
N LYS E 157 6.55 6.06 47.47
CA LYS E 157 5.32 5.52 48.07
C LYS E 157 4.23 6.55 48.34
N GLU E 158 4.58 7.61 49.08
CA GLU E 158 3.60 8.62 49.48
C GLU E 158 3.14 9.49 48.31
N GLN E 159 4.03 9.71 47.34
CA GLN E 159 3.70 10.45 46.12
C GLN E 159 2.78 9.65 45.20
N ALA E 160 2.83 8.32 45.33
CA ALA E 160 1.97 7.42 44.56
C ALA E 160 0.53 7.44 45.07
N ILE E 161 0.38 7.31 46.39
CA ILE E 161 -0.93 7.35 47.05
C ILE E 161 -1.62 8.72 46.85
N SER E 162 -0.83 9.79 46.90
CA SER E 162 -1.34 11.13 46.67
C SER E 162 -1.76 11.33 45.21
N ALA E 163 -0.99 10.73 44.31
CA ALA E 163 -1.30 10.79 42.87
C ALA E 163 -2.54 9.98 42.52
N ILE E 164 -2.72 8.84 43.19
CA ILE E 164 -3.92 8.03 43.03
C ILE E 164 -5.16 8.75 43.54
N LYS E 165 -5.06 9.36 44.72
CA LYS E 165 -6.22 9.99 45.33
C LYS E 165 -6.54 11.37 44.72
N ASP E 166 -5.54 12.24 44.63
CA ASP E 166 -5.73 13.59 44.11
C ASP E 166 -5.80 13.62 42.60
N GLY E 167 -4.90 12.86 41.96
CA GLY E 167 -4.85 12.77 40.50
C GLY E 167 -6.13 12.26 39.86
N ILE E 168 -6.72 11.21 40.45
CA ILE E 168 -7.97 10.65 39.95
C ILE E 168 -9.18 11.53 40.31
N ALA E 169 -9.03 12.37 41.33
CA ALA E 169 -10.08 13.32 41.70
C ALA E 169 -10.18 14.46 40.69
N ILE E 170 -9.02 14.98 40.26
CA ILE E 170 -8.97 16.05 39.27
C ILE E 170 -9.36 15.52 37.89
N GLY E 171 -8.92 14.30 37.59
CA GLY E 171 -9.22 13.66 36.32
C GLY E 171 -7.95 13.42 35.54
N LYS E 172 -7.39 12.23 35.70
CA LYS E 172 -6.19 11.85 34.98
C LYS E 172 -6.36 10.52 34.27
N ASN E 173 -5.53 10.29 33.26
CA ASN E 173 -5.51 9.05 32.51
C ASN E 173 -4.55 8.05 33.14
N VAL E 174 -5.12 6.99 33.70
CA VAL E 174 -4.32 5.96 34.36
C VAL E 174 -4.48 4.57 33.75
N ILE E 175 -3.36 3.87 33.63
CA ILE E 175 -3.35 2.47 33.20
C ILE E 175 -2.86 1.61 34.37
N VAL E 176 -3.57 0.52 34.62
CA VAL E 176 -3.13 -0.46 35.59
C VAL E 176 -2.65 -1.66 34.79
N CYS E 177 -1.37 -1.97 34.91
CA CYS E 177 -0.84 -3.12 34.16
C CYS E 177 -0.28 -4.24 35.06
N GLY E 178 -0.07 -5.41 34.43
CA GLY E 178 0.45 -6.59 35.11
C GLY E 178 0.03 -7.85 34.39
N GLY E 179 0.42 -9.01 34.93
CA GLY E 179 0.06 -10.30 34.35
C GLY E 179 -1.30 -10.79 34.77
N THR E 180 -1.69 -11.96 34.27
CA THR E 180 -2.97 -12.59 34.60
C THR E 180 -3.02 -12.99 36.07
N GLY E 181 -4.12 -12.69 36.74
CA GLY E 181 -4.27 -12.99 38.16
C GLY E 181 -3.70 -11.97 39.13
N SER E 182 -3.07 -10.91 38.60
CA SER E 182 -2.44 -9.89 39.44
C SER E 182 -3.47 -8.98 40.14
N GLY E 183 -4.73 -9.07 39.73
CA GLY E 183 -5.81 -8.31 40.33
C GLY E 183 -5.91 -6.88 39.84
N LYS E 184 -5.74 -6.69 38.52
CA LYS E 184 -5.83 -5.38 37.89
C LYS E 184 -7.24 -4.78 37.98
N THR E 185 -8.25 -5.57 37.63
CA THR E 185 -9.66 -5.16 37.70
C THR E 185 -10.07 -4.86 39.14
N THR E 186 -9.64 -5.70 40.08
CA THR E 186 -9.90 -5.49 41.51
C THR E 186 -9.38 -4.12 41.94
N TYR E 187 -8.10 -3.85 41.66
CA TYR E 187 -7.47 -2.57 41.97
C TYR E 187 -8.20 -1.39 41.31
N ILE E 188 -8.62 -1.57 40.06
CA ILE E 188 -9.40 -0.56 39.33
C ILE E 188 -10.68 -0.18 40.07
N LYS E 189 -11.44 -1.18 40.51
CA LYS E 189 -12.65 -0.97 41.30
C LYS E 189 -12.38 -0.14 42.56
N SER E 190 -11.25 -0.40 43.22
CA SER E 190 -10.88 0.29 44.46
C SER E 190 -10.59 1.77 44.25
N ILE E 191 -9.91 2.10 43.15
CA ILE E 191 -9.53 3.49 42.88
C ILE E 191 -10.69 4.35 42.37
N MET E 192 -11.80 3.70 42.04
CA MET E 192 -13.04 4.38 41.60
C MET E 192 -13.71 5.21 42.69
N GLU E 193 -13.35 4.95 43.94
CA GLU E 193 -13.76 5.78 45.08
C GLU E 193 -13.37 7.22 44.86
N PHE E 194 -12.21 7.42 44.23
CA PHE E 194 -11.58 8.72 44.11
C PHE E 194 -12.05 9.52 42.89
N ILE E 195 -12.90 8.91 42.08
CA ILE E 195 -13.67 9.66 41.08
C ILE E 195 -14.86 10.28 41.82
N PRO E 196 -14.98 11.63 41.79
CA PRO E 196 -16.06 12.30 42.51
C PRO E 196 -17.44 11.74 42.13
N LYS E 197 -18.30 11.54 43.12
CA LYS E 197 -19.61 10.91 42.94
C LYS E 197 -20.53 11.60 41.92
N GLU E 198 -20.23 12.86 41.62
CA GLU E 198 -21.03 13.66 40.70
C GLU E 198 -20.78 13.33 39.22
N GLU E 199 -19.64 12.69 38.95
CA GLU E 199 -19.21 12.43 37.57
C GLU E 199 -19.93 11.28 36.90
N ARG E 200 -20.34 11.50 35.65
CA ARG E 200 -20.96 10.47 34.82
C ARG E 200 -19.90 9.48 34.33
N ILE E 201 -20.13 8.20 34.60
CA ILE E 201 -19.20 7.14 34.24
C ILE E 201 -19.74 6.27 33.11
N ILE E 202 -18.90 6.02 32.11
CA ILE E 202 -19.20 5.01 31.09
C ILE E 202 -18.10 3.96 31.07
N SER E 203 -18.50 2.71 31.24
CA SER E 203 -17.59 1.57 31.19
C SER E 203 -17.79 0.78 29.91
N ILE E 204 -16.71 0.15 29.44
CA ILE E 204 -16.73 -0.68 28.24
C ILE E 204 -16.04 -2.00 28.55
N GLU E 205 -16.80 -3.10 28.45
CA GLU E 205 -16.35 -4.40 28.93
C GLU E 205 -16.73 -5.56 28.02
N ASP E 206 -15.96 -6.64 28.16
CA ASP E 206 -16.26 -7.93 27.57
C ASP E 206 -17.33 -8.59 28.43
N THR E 207 -17.03 -8.70 29.72
CA THR E 207 -17.94 -9.26 30.72
C THR E 207 -18.13 -8.24 31.83
N GLU E 208 -19.29 -8.29 32.49
CA GLU E 208 -19.59 -7.40 33.60
C GLU E 208 -18.73 -7.68 34.85
N GLU E 209 -17.74 -6.83 35.09
CA GLU E 209 -16.87 -6.97 36.26
C GLU E 209 -16.84 -5.70 37.11
N ILE E 210 -16.77 -4.54 36.47
CA ILE E 210 -16.77 -3.25 37.17
C ILE E 210 -18.08 -3.01 37.90
N VAL E 211 -17.98 -2.57 39.15
CA VAL E 211 -19.15 -2.22 39.97
C VAL E 211 -19.19 -0.72 40.30
N PHE E 212 -20.39 -0.24 40.62
CA PHE E 212 -20.59 1.19 40.86
C PHE E 212 -21.10 1.46 42.27
N LYS E 213 -20.15 1.46 43.20
CA LYS E 213 -20.42 1.58 44.63
C LYS E 213 -20.62 3.03 45.06
N HIS E 214 -20.14 3.97 44.24
CA HIS E 214 -20.08 5.39 44.61
C HIS E 214 -20.74 6.31 43.58
N HIS E 215 -21.23 5.75 42.48
CA HIS E 215 -21.77 6.54 41.36
C HIS E 215 -23.16 6.12 40.93
N LYS E 216 -24.05 7.11 40.85
CA LYS E 216 -25.46 6.87 40.49
C LYS E 216 -25.72 7.08 39.01
N ASN E 217 -24.97 8.00 38.41
CA ASN E 217 -25.08 8.33 36.99
C ASN E 217 -24.01 7.59 36.15
N TYR E 218 -24.41 6.46 35.58
CA TYR E 218 -23.48 5.62 34.82
C TYR E 218 -24.20 4.77 33.77
N THR E 219 -23.47 4.42 32.70
CA THR E 219 -23.96 3.49 31.69
C THR E 219 -22.88 2.46 31.36
N GLN E 220 -23.26 1.19 31.40
CA GLN E 220 -22.38 0.09 31.04
C GLN E 220 -22.55 -0.27 29.58
N LEU E 221 -21.42 -0.41 28.87
CA LEU E 221 -21.42 -0.88 27.49
C LEU E 221 -20.67 -2.20 27.34
N PHE E 222 -21.22 -3.09 26.52
CA PHE E 222 -20.68 -4.43 26.30
C PHE E 222 -20.58 -4.75 24.83
N PHE E 223 -19.39 -5.16 24.41
CA PHE E 223 -19.15 -5.48 23.01
C PHE E 223 -19.28 -6.99 22.76
N GLY E 224 -19.62 -7.34 21.53
CA GLY E 224 -19.86 -8.73 21.13
C GLY E 224 -20.56 -8.78 19.78
N GLY E 225 -20.28 -9.84 19.03
CA GLY E 225 -20.88 -10.04 17.71
C GLY E 225 -20.49 -8.96 16.72
N ASN E 226 -21.49 -8.20 16.27
CA ASN E 226 -21.26 -7.13 15.30
C ASN E 226 -20.63 -5.89 15.92
N ILE E 227 -20.84 -5.70 17.22
CA ILE E 227 -20.35 -4.52 17.94
C ILE E 227 -19.01 -4.80 18.59
N THR E 228 -17.98 -4.12 18.11
CA THR E 228 -16.62 -4.29 18.62
C THR E 228 -16.36 -3.32 19.78
N SER E 229 -15.23 -3.54 20.46
CA SER E 229 -14.75 -2.66 21.51
C SER E 229 -14.57 -1.22 21.00
N ALA E 230 -14.14 -1.11 19.74
CA ALA E 230 -13.95 0.18 19.07
C ALA E 230 -15.27 0.91 18.78
N ASP E 231 -16.33 0.16 18.52
CA ASP E 231 -17.68 0.74 18.35
C ASP E 231 -18.20 1.34 19.65
N CYS E 232 -17.91 0.66 20.77
CA CYS E 232 -18.24 1.17 22.10
C CYS E 232 -17.43 2.43 22.45
N LEU E 233 -16.15 2.42 22.11
CA LEU E 233 -15.30 3.61 22.30
C LEU E 233 -15.82 4.81 21.50
N LYS E 234 -16.21 4.60 20.26
CA LYS E 234 -16.79 5.67 19.42
C LYS E 234 -18.13 6.14 19.95
N SER E 235 -18.95 5.21 20.42
CA SER E 235 -20.25 5.52 21.01
C SER E 235 -20.11 6.38 22.27
N CYS E 236 -19.20 5.99 23.18
CA CYS E 236 -19.05 6.68 24.46
C CYS E 236 -18.72 8.17 24.31
N LEU E 237 -18.05 8.52 23.21
CA LEU E 237 -17.72 9.92 22.91
C LEU E 237 -18.96 10.78 22.61
N ARG E 238 -20.07 10.13 22.29
CA ARG E 238 -21.33 10.84 22.01
C ARG E 238 -22.36 10.63 23.12
N MET E 239 -21.91 10.10 24.25
CA MET E 239 -22.80 9.85 25.40
C MET E 239 -22.44 10.75 26.59
N ARG E 240 -21.74 11.85 26.32
CA ARG E 240 -21.23 12.80 27.32
C ARG E 240 -20.73 12.16 28.63
N PRO E 241 -19.62 11.41 28.57
CA PRO E 241 -19.05 10.93 29.83
C PRO E 241 -18.14 11.97 30.48
N ASP E 242 -18.02 11.87 31.80
CA ASP E 242 -16.95 12.53 32.53
C ASP E 242 -15.77 11.56 32.63
N ARG E 243 -16.05 10.30 32.94
CA ARG E 243 -15.03 9.25 32.98
C ARG E 243 -15.37 8.08 32.06
N ILE E 244 -14.34 7.59 31.37
CA ILE E 244 -14.46 6.38 30.56
C ILE E 244 -13.56 5.30 31.16
N ILE E 245 -14.18 4.19 31.53
CA ILE E 245 -13.45 3.03 32.03
C ILE E 245 -13.47 1.90 30.99
N LEU E 246 -12.33 1.69 30.35
CA LEU E 246 -12.18 0.59 29.41
C LEU E 246 -11.60 -0.59 30.15
N GLY E 247 -12.34 -1.69 30.15
CA GLY E 247 -11.95 -2.91 30.86
C GLY E 247 -10.51 -3.34 30.61
N GLU E 248 -10.16 -3.50 29.34
CA GLU E 248 -8.82 -3.96 28.94
C GLU E 248 -8.47 -3.56 27.49
N LEU E 249 -7.18 -3.29 27.25
CA LEU E 249 -6.62 -3.15 25.90
C LEU E 249 -6.05 -4.48 25.42
N ARG E 250 -6.47 -4.92 24.23
CA ARG E 250 -6.04 -6.19 23.66
C ARG E 250 -5.36 -6.06 22.30
N SER E 251 -5.96 -5.28 21.38
CA SER E 251 -5.38 -5.06 20.06
C SER E 251 -5.71 -3.69 19.44
N SER E 252 -6.25 -3.71 18.22
CA SER E 252 -6.43 -2.52 17.37
C SER E 252 -7.23 -1.38 17.97
N GLU E 253 -8.08 -1.69 18.94
CA GLU E 253 -8.90 -0.70 19.64
C GLU E 253 -8.05 0.25 20.50
N ALA E 254 -6.76 -0.07 20.67
CA ALA E 254 -5.83 0.83 21.34
C ALA E 254 -5.66 2.14 20.56
N TYR E 255 -5.87 2.08 19.25
CA TYR E 255 -5.83 3.26 18.41
C TYR E 255 -7.09 4.11 18.62
N ASP E 256 -8.23 3.45 18.77
CA ASP E 256 -9.50 4.12 19.06
C ASP E 256 -9.54 4.64 20.49
N PHE E 257 -8.86 3.93 21.40
CA PHE E 257 -8.67 4.39 22.78
C PHE E 257 -7.86 5.67 22.81
N TYR E 258 -6.81 5.75 21.99
CA TYR E 258 -6.03 6.97 21.86
C TYR E 258 -6.86 8.15 21.37
N ASN E 259 -7.81 7.91 20.46
CA ASN E 259 -8.72 8.95 20.00
C ASN E 259 -9.65 9.42 21.14
N VAL E 260 -10.09 8.47 21.96
CA VAL E 260 -10.89 8.79 23.15
C VAL E 260 -10.10 9.74 24.07
N LEU E 261 -8.80 9.47 24.23
CA LEU E 261 -7.91 10.34 25.02
C LEU E 261 -7.70 11.73 24.40
N CYS E 262 -7.70 11.80 23.07
CA CYS E 262 -7.41 13.03 22.33
C CYS E 262 -8.56 14.02 22.40
N SER E 263 -9.77 13.47 22.45
CA SER E 263 -10.96 14.28 22.77
C SER E 263 -11.09 14.55 24.26
N GLY E 264 -10.00 14.41 25.01
CA GLY E 264 -9.88 15.12 26.28
C GLY E 264 -11.23 15.26 26.96
N HIS E 265 -11.70 14.12 27.46
CA HIS E 265 -12.70 14.12 28.51
C HIS E 265 -11.94 14.20 29.82
N LYS E 266 -12.66 14.27 30.94
CA LYS E 266 -12.05 14.46 32.25
C LYS E 266 -10.98 13.42 32.62
N GLY E 267 -11.23 12.14 32.34
CA GLY E 267 -10.28 11.07 32.65
C GLY E 267 -10.68 9.68 32.17
N THR E 268 -9.71 8.78 32.13
CA THR E 268 -9.91 7.38 31.75
C THR E 268 -9.17 6.41 32.66
N LEU E 269 -9.76 5.23 32.84
CA LEU E 269 -9.13 4.09 33.52
C LEU E 269 -9.11 2.90 32.59
N THR E 270 -8.00 2.18 32.53
CA THR E 270 -7.91 0.97 31.71
C THR E 270 -6.86 -0.01 32.22
N THR E 271 -6.91 -1.25 31.73
CA THR E 271 -5.91 -2.27 32.05
C THR E 271 -5.23 -2.81 30.80
N LEU E 272 -4.08 -3.45 31.02
CA LEU E 272 -3.21 -3.87 29.96
C LEU E 272 -2.25 -4.91 30.53
N HIS E 273 -1.75 -5.81 29.67
CA HIS E 273 -0.72 -6.76 30.06
C HIS E 273 0.64 -6.21 29.67
N ALA E 274 1.48 -5.93 30.67
CA ALA E 274 2.82 -5.39 30.45
C ALA E 274 3.65 -5.64 31.69
N GLY E 275 4.98 -5.68 31.54
CA GLY E 275 5.86 -5.99 32.65
C GLY E 275 6.41 -4.75 33.35
N SER E 276 6.24 -3.60 32.71
CA SER E 276 6.72 -2.33 33.23
C SER E 276 5.96 -1.17 32.58
N SER E 277 6.31 0.05 32.97
CA SER E 277 5.77 1.26 32.37
C SER E 277 6.26 1.46 30.94
N GLU E 278 7.57 1.29 30.73
CA GLU E 278 8.14 1.46 29.39
C GLU E 278 7.61 0.40 28.42
N GLU E 279 7.38 -0.82 28.93
CA GLU E 279 6.77 -1.90 28.14
C GLU E 279 5.30 -1.63 27.87
N ALA E 280 4.64 -0.93 28.78
CA ALA E 280 3.25 -0.47 28.57
C ALA E 280 3.12 0.45 27.36
N PHE E 281 4.05 1.41 27.24
CA PHE E 281 4.06 2.36 26.12
C PHE E 281 4.35 1.69 24.78
N ILE E 282 5.40 0.85 24.76
CA ILE E 282 5.73 -0.01 23.60
C ILE E 282 4.51 -0.82 23.20
N ARG E 283 3.90 -1.45 24.19
CA ARG E 283 2.72 -2.30 24.01
C ARG E 283 1.50 -1.53 23.45
N LEU E 284 1.21 -0.35 24.00
CA LEU E 284 0.16 0.54 23.46
C LEU E 284 0.36 0.93 22.00
N ALA E 285 1.58 1.32 21.66
CA ALA E 285 1.93 1.66 20.29
C ALA E 285 1.86 0.46 19.35
N ASN E 286 2.31 -0.71 19.83
CA ASN E 286 2.24 -1.97 19.10
C ASN E 286 0.81 -2.38 18.74
N MET E 287 -0.10 -2.20 19.69
CA MET E 287 -1.50 -2.54 19.50
C MET E 287 -2.15 -1.56 18.53
N SER E 288 -1.77 -0.28 18.64
CA SER E 288 -2.27 0.79 17.76
C SER E 288 -1.76 0.64 16.33
N SER E 289 -0.55 0.10 16.17
CA SER E 289 0.11 -0.09 14.87
C SER E 289 -0.62 -1.09 13.97
N SER E 290 -1.15 -2.14 14.58
CA SER E 290 -1.86 -3.20 13.87
C SER E 290 -3.25 -2.75 13.38
N ASN E 291 -3.59 -1.50 13.66
CA ASN E 291 -4.81 -0.88 13.14
C ASN E 291 -4.54 -0.32 11.74
N SER E 292 -5.49 -0.54 10.82
CA SER E 292 -5.42 -0.06 9.44
C SER E 292 -5.22 1.46 9.31
N ALA E 293 -5.82 2.22 10.23
CA ALA E 293 -5.76 3.68 10.22
C ALA E 293 -4.39 4.22 10.64
N ALA E 294 -3.54 3.33 11.16
CA ALA E 294 -2.21 3.67 11.64
C ALA E 294 -1.07 3.11 10.77
N ARG E 295 -1.40 2.59 9.60
CA ARG E 295 -0.43 1.86 8.77
C ARG E 295 0.69 2.73 8.18
N ASN E 296 0.48 4.05 8.14
CA ASN E 296 1.50 4.98 7.65
C ASN E 296 1.94 6.00 8.71
N ILE E 297 1.72 5.66 9.97
CA ILE E 297 2.20 6.47 11.09
C ILE E 297 3.47 5.85 11.69
N LYS E 298 4.48 6.68 11.89
CA LYS E 298 5.72 6.27 12.57
C LYS E 298 5.45 5.70 13.94
N PHE E 299 6.12 4.61 14.26
CA PHE E 299 6.01 3.99 15.56
C PHE E 299 6.37 4.94 16.70
N GLU E 300 7.32 5.84 16.44
CA GLU E 300 7.78 6.85 17.38
C GLU E 300 6.63 7.79 17.76
N SER E 301 5.89 8.23 16.74
CA SER E 301 4.76 9.14 16.90
C SER E 301 3.64 8.51 17.71
N LEU E 302 3.45 7.20 17.53
CA LEU E 302 2.45 6.47 18.34
C LEU E 302 2.83 6.45 19.81
N ILE E 303 4.07 6.03 20.09
CA ILE E 303 4.62 6.03 21.45
C ILE E 303 4.46 7.42 22.09
N GLU E 304 5.00 8.43 21.41
CA GLU E 304 5.01 9.80 21.91
C GLU E 304 3.62 10.33 22.22
N GLY E 305 2.67 10.04 21.35
CA GLY E 305 1.26 10.35 21.56
C GLY E 305 0.75 9.82 22.88
N PHE E 306 0.98 8.53 23.15
CA PHE E 306 0.60 7.95 24.45
C PHE E 306 1.37 8.54 25.63
N LYS E 307 2.66 8.87 25.42
CA LYS E 307 3.47 9.49 26.46
C LYS E 307 2.97 10.89 26.83
N ASP E 308 2.42 11.60 25.83
CA ASP E 308 1.75 12.87 26.08
C ASP E 308 0.53 12.70 26.96
N LEU E 309 -0.29 11.69 26.70
CA LEU E 309 -1.63 11.63 27.27
C LEU E 309 -1.81 10.79 28.54
N ILE E 310 -0.92 9.83 28.78
CA ILE E 310 -1.04 8.95 29.93
C ILE E 310 -0.33 9.54 31.14
N ASP E 311 -1.06 9.70 32.25
CA ASP E 311 -0.56 10.41 33.43
C ASP E 311 0.08 9.51 34.48
N MET E 312 -0.54 8.35 34.73
CA MET E 312 0.05 7.38 35.65
C MET E 312 -0.14 5.92 35.20
N ILE E 313 0.91 5.14 35.37
CA ILE E 313 0.86 3.72 35.11
C ILE E 313 1.24 2.97 36.38
N VAL E 314 0.37 2.06 36.80
CA VAL E 314 0.58 1.28 38.00
C VAL E 314 0.86 -0.15 37.56
N HIS E 315 2.09 -0.62 37.78
CA HIS E 315 2.40 -2.03 37.51
C HIS E 315 2.30 -2.91 38.77
N ILE E 316 1.48 -3.94 38.69
CA ILE E 316 1.29 -4.89 39.78
C ILE E 316 2.06 -6.18 39.48
N ASN E 317 2.92 -6.60 40.42
CA ASN E 317 3.71 -7.82 40.26
C ASN E 317 2.92 -9.09 40.52
N HIS E 318 3.59 -10.23 40.42
CA HIS E 318 2.94 -11.54 40.54
C HIS E 318 2.45 -11.85 41.96
N HIS E 319 2.94 -11.11 42.95
CA HIS E 319 2.50 -11.25 44.35
C HIS E 319 1.46 -10.21 44.76
N LYS E 320 0.86 -9.57 43.75
CA LYS E 320 -0.21 -8.57 43.91
C LYS E 320 0.24 -7.31 44.65
N GLN E 321 1.46 -6.87 44.36
CA GLN E 321 1.97 -5.61 44.88
C GLN E 321 2.49 -4.74 43.76
N CYS E 322 2.34 -3.43 43.91
CA CYS E 322 2.90 -2.46 42.98
C CYS E 322 4.41 -2.39 43.11
N ASP E 323 5.13 -2.74 42.04
CA ASP E 323 6.60 -2.62 42.04
C ASP E 323 7.09 -1.49 41.13
N GLU E 324 6.17 -0.81 40.45
CA GLU E 324 6.48 0.42 39.72
C GLU E 324 5.24 1.31 39.61
N PHE E 325 5.41 2.59 39.97
CA PHE E 325 4.35 3.56 39.87
C PHE E 325 4.86 4.76 39.07
N TYR E 326 4.56 4.75 37.78
CA TYR E 326 5.00 5.80 36.88
C TYR E 326 4.08 6.99 37.00
N ILE E 327 4.67 8.16 37.20
CA ILE E 327 3.95 9.42 37.23
C ILE E 327 4.59 10.31 36.18
N LYS E 328 3.77 10.81 35.26
CA LYS E 328 4.23 11.75 34.26
C LYS E 328 4.73 13.04 34.92
N GLU F 22 -43.79 18.09 6.29
CA GLU F 22 -44.00 18.24 7.78
C GLU F 22 -44.76 17.05 8.37
N ALA F 23 -45.35 16.23 7.50
CA ALA F 23 -46.03 15.01 7.93
C ALA F 23 -45.04 13.97 8.47
N ALA F 24 -43.97 13.73 7.70
CA ALA F 24 -42.90 12.82 8.12
C ALA F 24 -42.01 13.46 9.19
N LEU F 25 -42.32 14.71 9.53
CA LEU F 25 -41.61 15.45 10.56
C LEU F 25 -42.58 15.81 11.70
N ASN F 26 -43.44 14.85 12.04
CA ASN F 26 -44.48 15.04 13.07
C ASN F 26 -44.63 13.90 14.09
N PRO F 27 -44.54 12.62 13.66
CA PRO F 27 -44.60 11.54 14.65
C PRO F 27 -43.37 11.49 15.55
N LEU F 28 -42.25 12.01 15.05
CA LEU F 28 -41.04 12.16 15.87
C LEU F 28 -41.23 13.31 16.85
N ARG F 29 -41.77 14.43 16.39
CA ARG F 29 -42.05 15.60 17.23
C ARG F 29 -42.92 15.25 18.44
N HIS F 30 -43.98 14.48 18.20
CA HIS F 30 -44.90 14.03 19.25
C HIS F 30 -44.27 13.01 20.19
N ALA F 31 -43.42 12.14 19.63
CA ALA F 31 -42.69 11.14 20.41
C ALA F 31 -41.63 11.77 21.32
N THR F 32 -41.01 12.85 20.83
CA THR F 32 -40.01 13.58 21.61
C THR F 32 -40.69 14.45 22.67
N GLU F 33 -41.84 15.03 22.29
CA GLU F 33 -42.65 15.87 23.16
C GLU F 33 -43.16 15.08 24.38
N GLU F 34 -43.58 13.85 24.13
CA GLU F 34 -44.19 12.99 25.15
C GLU F 34 -43.19 12.53 26.21
N LEU F 35 -41.94 12.36 25.79
CA LEU F 35 -40.90 11.80 26.66
C LEU F 35 -39.99 12.84 27.30
N PHE F 36 -39.44 13.74 26.49
CA PHE F 36 -38.43 14.68 26.97
C PHE F 36 -38.86 16.15 26.97
N GLY F 37 -40.16 16.38 26.86
CA GLY F 37 -40.72 17.72 26.75
C GLY F 37 -40.38 18.67 27.89
N ASP F 38 -40.48 18.16 29.12
CA ASP F 38 -40.22 18.96 30.33
C ASP F 38 -38.75 19.35 30.43
N PHE F 39 -37.89 18.45 29.98
CA PHE F 39 -36.44 18.60 30.10
C PHE F 39 -35.88 19.48 29.00
N LEU F 40 -36.42 19.34 27.78
CA LEU F 40 -35.99 20.13 26.63
C LEU F 40 -36.32 21.62 26.76
N LYS F 41 -37.36 21.94 27.52
CA LYS F 41 -37.79 23.34 27.72
C LYS F 41 -37.02 24.05 28.84
N MET F 42 -36.11 23.34 29.50
CA MET F 42 -35.27 23.91 30.55
C MET F 42 -34.22 24.85 29.97
N GLU F 43 -34.00 25.98 30.64
CA GLU F 43 -33.03 26.98 30.20
C GLU F 43 -31.62 26.64 30.66
N ASN F 44 -30.63 27.01 29.85
CA ASN F 44 -29.21 26.88 30.21
C ASN F 44 -28.74 25.42 30.39
N ILE F 45 -29.26 24.53 29.55
CA ILE F 45 -28.87 23.11 29.58
C ILE F 45 -28.04 22.71 28.38
N THR F 46 -27.22 21.68 28.56
CA THR F 46 -26.30 21.24 27.54
C THR F 46 -26.42 19.75 27.17
N GLU F 47 -26.98 18.95 28.09
CA GLU F 47 -27.16 17.52 27.84
C GLU F 47 -28.36 16.94 28.58
N ILE F 48 -29.03 15.98 27.95
CA ILE F 48 -30.09 15.19 28.57
C ILE F 48 -29.76 13.70 28.40
N CYS F 49 -29.65 12.98 29.51
CA CYS F 49 -29.34 11.55 29.50
C CYS F 49 -30.38 10.68 30.21
N TYR F 50 -30.74 9.57 29.57
CA TYR F 50 -31.51 8.52 30.21
C TYR F 50 -30.66 7.24 30.22
N ASN F 51 -30.54 6.64 31.41
CA ASN F 51 -29.66 5.47 31.59
C ASN F 51 -30.41 4.15 31.82
N GLY F 52 -31.68 4.11 31.42
CA GLY F 52 -32.51 2.91 31.51
C GLY F 52 -33.02 2.56 32.90
N ASN F 53 -32.92 3.49 33.84
CA ASN F 53 -33.23 3.22 35.24
C ASN F 53 -34.22 4.23 35.86
N LYS F 54 -35.16 4.70 35.05
CA LYS F 54 -36.20 5.65 35.46
C LYS F 54 -35.71 7.00 36.02
N VAL F 55 -34.46 7.36 35.69
CA VAL F 55 -33.91 8.66 36.08
C VAL F 55 -33.40 9.42 34.85
N VAL F 56 -33.90 10.64 34.66
CA VAL F 56 -33.43 11.51 33.58
C VAL F 56 -32.40 12.48 34.17
N TRP F 57 -31.17 12.38 33.67
CA TRP F 57 -30.07 13.23 34.11
C TRP F 57 -29.88 14.40 33.15
N VAL F 58 -29.90 15.61 33.69
CA VAL F 58 -29.73 16.81 32.89
C VAL F 58 -28.43 17.48 33.31
N LEU F 59 -27.58 17.81 32.33
CA LEU F 59 -26.37 18.58 32.60
C LEU F 59 -26.60 20.05 32.30
N LYS F 60 -26.39 20.88 33.32
CA LYS F 60 -26.59 22.32 33.20
C LYS F 60 -25.32 23.00 32.70
N ASN F 61 -25.44 24.24 32.25
CA ASN F 61 -24.28 25.00 31.77
C ASN F 61 -23.23 25.29 32.84
N ASN F 62 -23.65 25.28 34.10
CA ASN F 62 -22.73 25.46 35.23
C ASN F 62 -21.89 24.21 35.55
N GLY F 63 -22.17 23.12 34.83
CA GLY F 63 -21.39 21.89 34.94
C GLY F 63 -21.94 20.85 35.89
N GLU F 64 -23.17 21.06 36.37
CA GLU F 64 -23.77 20.16 37.35
C GLU F 64 -24.82 19.25 36.72
N TRP F 65 -24.81 17.99 37.14
CA TRP F 65 -25.82 17.01 36.73
C TRP F 65 -26.99 17.00 37.73
N GLN F 66 -28.20 17.11 37.22
CA GLN F 66 -29.40 17.06 38.06
C GLN F 66 -30.30 15.88 37.67
N PRO F 67 -30.49 14.92 38.60
CA PRO F 67 -31.39 13.79 38.39
C PRO F 67 -32.88 14.15 38.51
N PHE F 68 -33.69 13.54 37.66
CA PHE F 68 -35.14 13.67 37.70
C PHE F 68 -35.76 12.29 37.63
N ASP F 69 -36.43 11.88 38.71
CA ASP F 69 -37.08 10.57 38.76
C ASP F 69 -38.36 10.57 37.91
N VAL F 70 -38.42 9.64 36.96
CA VAL F 70 -39.56 9.51 36.04
C VAL F 70 -40.23 8.13 36.13
N ARG F 71 -40.16 7.54 37.32
CA ARG F 71 -40.74 6.23 37.60
C ARG F 71 -42.27 6.25 37.57
N ASP F 72 -42.86 7.38 37.93
CA ASP F 72 -44.30 7.54 38.00
C ASP F 72 -44.90 8.03 36.67
N ARG F 73 -44.23 7.69 35.57
CA ARG F 73 -44.65 8.10 34.24
C ARG F 73 -44.81 6.89 33.33
N LYS F 74 -45.96 6.82 32.66
CA LYS F 74 -46.22 5.75 31.69
C LYS F 74 -45.45 5.99 30.39
N ALA F 75 -45.02 7.23 30.19
CA ALA F 75 -44.31 7.65 28.97
C ALA F 75 -42.91 7.06 28.84
N PHE F 76 -42.31 6.64 29.96
CA PHE F 76 -40.98 6.04 29.94
C PHE F 76 -41.02 4.50 30.00
N SER F 77 -42.06 3.91 29.43
CA SER F 77 -42.18 2.47 29.28
C SER F 77 -41.22 1.98 28.19
N LEU F 78 -40.77 0.73 28.31
CA LEU F 78 -39.86 0.13 27.32
C LEU F 78 -40.45 0.11 25.90
N SER F 79 -41.76 -0.11 25.80
CA SER F 79 -42.45 -0.07 24.51
C SER F 79 -42.51 1.35 23.95
N ARG F 80 -42.64 2.33 24.84
CA ARG F 80 -42.64 3.75 24.47
C ARG F 80 -41.24 4.24 24.05
N LEU F 81 -40.23 3.84 24.82
CA LEU F 81 -38.85 4.20 24.54
C LEU F 81 -38.33 3.59 23.24
N MET F 82 -38.86 2.41 22.90
CA MET F 82 -38.49 1.71 21.68
C MET F 82 -39.15 2.35 20.46
N HIS F 83 -40.36 2.88 20.64
CA HIS F 83 -41.07 3.64 19.62
C HIS F 83 -40.28 4.92 19.29
N PHE F 84 -39.86 5.63 20.33
CA PHE F 84 -39.01 6.80 20.19
C PHE F 84 -37.71 6.46 19.44
N ALA F 85 -37.06 5.38 19.85
CA ALA F 85 -35.83 4.90 19.22
C ALA F 85 -35.98 4.65 17.73
N ARG F 86 -37.05 3.96 17.33
CA ARG F 86 -37.32 3.65 15.91
C ARG F 86 -37.67 4.89 15.09
N CYS F 87 -38.32 5.86 15.72
CA CYS F 87 -38.61 7.15 15.08
C CYS F 87 -37.33 7.91 14.71
N CYS F 88 -36.40 7.99 15.67
CA CYS F 88 -35.08 8.60 15.44
C CYS F 88 -34.31 7.88 14.34
N ALA F 89 -34.38 6.55 14.34
CA ALA F 89 -33.79 5.72 13.29
C ALA F 89 -34.42 6.01 11.93
N SER F 90 -35.74 5.84 11.84
CA SER F 90 -36.51 6.14 10.63
C SER F 90 -36.27 7.56 10.08
N PHE F 91 -36.16 8.54 10.97
CA PHE F 91 -35.98 9.95 10.57
C PHE F 91 -34.70 10.18 9.77
N LYS F 92 -33.61 9.53 10.16
CA LYS F 92 -32.33 9.68 9.46
C LYS F 92 -32.07 8.52 8.48
N LYS F 93 -33.11 7.73 8.22
CA LYS F 93 -33.06 6.60 7.30
C LYS F 93 -32.10 5.50 7.76
N LYS F 94 -32.06 5.29 9.07
CA LYS F 94 -31.25 4.25 9.68
C LYS F 94 -32.15 3.24 10.41
N THR F 95 -31.54 2.18 10.96
CA THR F 95 -32.28 1.16 11.70
C THR F 95 -31.70 0.98 13.11
N ILE F 96 -32.56 0.57 14.03
CA ILE F 96 -32.12 0.22 15.39
C ILE F 96 -32.88 -1.00 15.92
N ASP F 97 -32.12 -2.00 16.38
CA ASP F 97 -32.69 -3.26 16.87
C ASP F 97 -31.81 -3.85 17.97
N ASN F 98 -32.18 -5.03 18.45
CA ASN F 98 -31.44 -5.70 19.50
C ASN F 98 -30.47 -6.76 18.96
N TYR F 99 -29.98 -6.54 17.74
CA TYR F 99 -29.11 -7.50 17.07
C TYR F 99 -27.87 -6.86 16.47
N GLU F 100 -27.85 -6.67 15.15
CA GLU F 100 -26.72 -6.08 14.45
C GLU F 100 -26.61 -4.57 14.68
N ASN F 101 -27.72 -3.94 15.07
CA ASN F 101 -27.81 -2.48 15.10
C ASN F 101 -28.25 -1.86 16.43
N PRO F 102 -27.61 -2.25 17.55
CA PRO F 102 -28.08 -1.72 18.85
C PRO F 102 -27.63 -0.29 19.17
N ILE F 103 -26.74 0.28 18.35
CA ILE F 103 -26.24 1.65 18.54
C ILE F 103 -26.67 2.58 17.39
N LEU F 104 -27.34 3.67 17.75
CA LEU F 104 -27.80 4.64 16.75
C LEU F 104 -27.32 6.07 17.04
N SER F 105 -26.80 6.72 16.00
CA SER F 105 -26.57 8.17 16.01
C SER F 105 -27.58 8.82 15.08
N SER F 106 -28.36 9.75 15.62
CA SER F 106 -29.39 10.43 14.84
C SER F 106 -29.62 11.85 15.37
N ASN F 107 -30.74 12.45 14.97
CA ASN F 107 -31.15 13.78 15.39
C ASN F 107 -32.62 13.84 15.75
N LEU F 108 -32.97 14.75 16.66
CA LEU F 108 -34.37 15.09 16.92
C LEU F 108 -34.87 15.98 15.78
N ALA F 109 -36.19 16.20 15.73
CA ALA F 109 -36.83 16.93 14.62
C ALA F 109 -36.17 18.28 14.30
N ASN F 110 -35.89 19.07 15.33
CA ASN F 110 -35.23 20.35 15.15
C ASN F 110 -33.81 20.22 14.64
N GLY F 111 -33.00 19.41 15.31
CA GLY F 111 -31.64 19.13 14.84
C GLY F 111 -30.66 18.65 15.89
N GLU F 112 -31.09 18.57 17.15
CA GLU F 112 -30.19 18.15 18.23
C GLU F 112 -29.82 16.67 18.15
N ARG F 113 -28.53 16.41 18.36
CA ARG F 113 -27.94 15.10 18.18
C ARG F 113 -28.35 14.14 19.28
N VAL F 114 -28.65 12.90 18.89
CA VAL F 114 -29.14 11.85 19.79
C VAL F 114 -28.32 10.59 19.60
N GLN F 115 -27.95 9.97 20.72
CA GLN F 115 -27.30 8.68 20.72
C GLN F 115 -28.15 7.68 21.49
N ILE F 116 -28.53 6.59 20.82
CA ILE F 116 -29.35 5.55 21.44
C ILE F 116 -28.61 4.21 21.46
N VAL F 117 -28.51 3.62 22.64
CA VAL F 117 -27.88 2.31 22.79
C VAL F 117 -28.85 1.33 23.42
N LEU F 118 -28.98 0.14 22.83
CA LEU F 118 -29.88 -0.91 23.32
C LEU F 118 -29.14 -2.18 23.69
N SER F 119 -29.88 -3.11 24.31
CA SER F 119 -29.42 -4.48 24.53
C SER F 119 -29.13 -5.15 23.17
N PRO F 120 -28.07 -5.99 23.07
CA PRO F 120 -27.20 -6.50 24.13
C PRO F 120 -25.97 -5.65 24.49
N VAL F 121 -25.89 -4.43 23.99
CA VAL F 121 -24.76 -3.54 24.33
C VAL F 121 -24.96 -2.93 25.73
N THR F 122 -26.21 -2.62 26.07
CA THR F 122 -26.54 -2.21 27.43
C THR F 122 -26.54 -3.43 28.37
N VAL F 123 -26.59 -3.17 29.67
CA VAL F 123 -26.36 -4.18 30.69
C VAL F 123 -27.36 -5.36 30.67
N ASN F 124 -28.63 -5.07 30.41
CA ASN F 124 -29.67 -6.10 30.41
C ASN F 124 -30.87 -5.84 29.48
N ASP F 125 -31.88 -6.70 29.63
CA ASP F 125 -33.13 -6.71 28.88
C ASP F 125 -33.90 -5.38 28.96
N GLU F 126 -33.77 -4.72 30.11
CA GLU F 126 -34.64 -3.60 30.49
C GLU F 126 -33.96 -2.24 30.37
N THR F 127 -32.80 -2.20 29.71
CA THR F 127 -31.98 -1.00 29.70
C THR F 127 -31.85 -0.35 28.32
N ILE F 128 -32.33 0.89 28.22
CA ILE F 128 -32.06 1.76 27.07
C ILE F 128 -31.26 2.99 27.51
N SER F 129 -30.24 3.33 26.73
CA SER F 129 -29.45 4.53 26.97
C SER F 129 -29.75 5.56 25.90
N ILE F 130 -30.10 6.78 26.33
CA ILE F 130 -30.37 7.90 25.42
C ILE F 130 -29.58 9.13 25.87
N SER F 131 -28.86 9.75 24.93
CA SER F 131 -28.10 10.97 25.20
C SER F 131 -28.44 12.05 24.18
N ILE F 132 -28.92 13.19 24.67
CA ILE F 132 -29.28 14.31 23.81
C ILE F 132 -28.34 15.50 24.04
N ARG F 133 -27.68 15.94 22.97
CA ARG F 133 -26.78 17.10 23.00
C ARG F 133 -27.52 18.36 22.60
N ILE F 134 -27.55 19.34 23.50
CA ILE F 134 -28.23 20.62 23.28
C ILE F 134 -27.20 21.66 22.82
N PRO F 135 -27.43 22.26 21.63
CA PRO F 135 -26.50 23.27 21.13
C PRO F 135 -26.50 24.52 22.01
N SER F 136 -25.33 25.15 22.11
CA SER F 136 -25.19 26.42 22.80
C SER F 136 -25.85 27.54 22.00
N LYS F 137 -26.46 28.49 22.71
CA LYS F 137 -26.98 29.72 22.08
C LYS F 137 -26.65 30.93 22.94
N THR F 138 -25.70 30.74 23.86
CA THR F 138 -25.22 31.81 24.73
C THR F 138 -23.82 32.22 24.29
N THR F 139 -23.53 33.51 24.41
CA THR F 139 -22.17 34.02 24.29
C THR F 139 -21.97 35.06 25.41
N TYR F 140 -20.88 34.92 26.13
CA TYR F 140 -20.48 35.89 27.15
C TYR F 140 -19.74 37.05 26.49
N PRO F 141 -20.01 38.28 26.93
CA PRO F 141 -19.21 39.40 26.42
C PRO F 141 -17.82 39.34 27.02
N HIS F 142 -16.85 39.97 26.36
CA HIS F 142 -15.47 39.93 26.84
C HIS F 142 -15.29 40.80 28.10
N SER F 143 -16.14 41.81 28.25
CA SER F 143 -16.17 42.64 29.45
C SER F 143 -16.51 41.83 30.70
N PHE F 144 -17.26 40.74 30.53
CA PHE F 144 -17.52 39.77 31.61
C PHE F 144 -16.21 39.16 32.14
N PHE F 145 -15.31 38.78 31.23
CA PHE F 145 -14.03 38.16 31.60
C PHE F 145 -13.11 39.11 32.34
N GLU F 146 -13.05 40.36 31.88
CA GLU F 146 -12.29 41.40 32.55
C GLU F 146 -12.74 41.65 33.99
N GLU F 147 -14.04 41.77 34.21
CA GLU F 147 -14.55 42.08 35.54
C GLU F 147 -14.60 40.88 36.49
N GLN F 148 -14.59 39.68 35.93
CA GLN F 148 -14.52 38.45 36.72
C GLN F 148 -13.07 38.07 37.03
N GLY F 149 -12.14 38.93 36.63
CA GLY F 149 -10.73 38.77 36.95
C GLY F 149 -9.93 37.78 36.11
N PHE F 150 -10.30 37.61 34.85
CA PHE F 150 -9.64 36.66 33.95
C PHE F 150 -8.14 36.96 33.75
N TYR F 151 -7.80 38.25 33.75
CA TYR F 151 -6.44 38.73 33.47
C TYR F 151 -5.65 39.12 34.73
N ASN F 152 -6.24 38.90 35.90
CA ASN F 152 -5.69 39.37 37.18
C ASN F 152 -4.43 38.64 37.68
N LEU F 153 -4.18 37.45 37.15
CA LEU F 153 -2.98 36.70 37.52
C LEU F 153 -1.75 37.21 36.77
N LEU F 154 -1.96 38.10 35.81
CA LEU F 154 -0.89 38.55 34.93
C LEU F 154 -0.27 39.86 35.40
N ASP F 155 1.06 39.86 35.46
CA ASP F 155 1.84 41.05 35.80
C ASP F 155 1.72 42.13 34.73
N ASN F 156 1.44 41.70 33.50
CA ASN F 156 1.24 42.60 32.38
C ASN F 156 -0.24 42.66 31.94
N LYS F 157 -1.13 42.76 32.92
CA LYS F 157 -2.59 42.70 32.72
C LYS F 157 -3.12 43.56 31.58
N GLU F 158 -2.92 44.88 31.66
CA GLU F 158 -3.47 45.84 30.69
C GLU F 158 -2.82 45.77 29.31
N GLN F 159 -1.55 45.37 29.27
CA GLN F 159 -0.84 45.11 28.01
C GLN F 159 -1.39 43.84 27.34
N ALA F 160 -1.70 42.83 28.16
CA ALA F 160 -2.22 41.56 27.68
C ALA F 160 -3.63 41.70 27.09
N ILE F 161 -4.43 42.57 27.71
CA ILE F 161 -5.78 42.88 27.23
C ILE F 161 -5.71 43.62 25.89
N SER F 162 -4.79 44.59 25.82
CA SER F 162 -4.54 45.34 24.58
C SER F 162 -4.03 44.43 23.48
N ALA F 163 -3.13 43.52 23.85
CA ALA F 163 -2.53 42.59 22.91
C ALA F 163 -3.55 41.62 22.32
N ILE F 164 -4.42 41.05 23.14
CA ILE F 164 -5.47 40.15 22.61
C ILE F 164 -6.49 40.89 21.72
N LYS F 165 -6.90 42.09 22.12
CA LYS F 165 -7.81 42.91 21.30
C LYS F 165 -7.18 43.39 19.99
N ASP F 166 -5.96 43.94 20.07
CA ASP F 166 -5.26 44.41 18.87
C ASP F 166 -4.84 43.24 17.96
N GLY F 167 -4.48 42.11 18.58
CA GLY F 167 -4.05 40.91 17.86
C GLY F 167 -5.14 40.24 17.03
N ILE F 168 -6.29 40.00 17.66
CA ILE F 168 -7.45 39.44 16.98
C ILE F 168 -7.94 40.37 15.85
N ALA F 169 -7.92 41.68 16.10
CA ALA F 169 -8.36 42.67 15.11
C ALA F 169 -7.51 42.63 13.86
N ILE F 170 -6.18 42.59 14.05
CA ILE F 170 -5.22 42.70 12.97
C ILE F 170 -4.96 41.35 12.26
N GLY F 171 -5.47 40.25 12.80
CA GLY F 171 -5.39 38.95 12.16
C GLY F 171 -4.26 38.04 12.63
N LYS F 172 -3.96 38.06 13.93
CA LYS F 172 -2.93 37.21 14.50
C LYS F 172 -3.44 35.78 14.76
N ASN F 173 -2.57 34.79 14.58
CA ASN F 173 -2.90 33.38 14.85
C ASN F 173 -2.87 33.11 16.35
N VAL F 174 -4.02 32.74 16.90
CA VAL F 174 -4.20 32.62 18.35
C VAL F 174 -4.70 31.24 18.75
N ILE F 175 -4.07 30.70 19.79
CA ILE F 175 -4.51 29.44 20.40
C ILE F 175 -4.89 29.70 21.85
N VAL F 176 -6.06 29.20 22.23
CA VAL F 176 -6.51 29.21 23.61
C VAL F 176 -6.44 27.78 24.15
N CYS F 177 -5.67 27.57 25.21
CA CYS F 177 -5.55 26.21 25.75
C CYS F 177 -5.85 26.11 27.24
N GLY F 178 -6.01 24.88 27.71
CA GLY F 178 -6.38 24.59 29.09
C GLY F 178 -7.05 23.23 29.15
N GLY F 179 -7.49 22.84 30.34
CA GLY F 179 -8.13 21.52 30.50
C GLY F 179 -9.64 21.57 30.44
N THR F 180 -10.26 20.40 30.49
CA THR F 180 -11.71 20.27 30.55
C THR F 180 -12.24 21.15 31.70
N GLY F 181 -13.20 22.01 31.37
CA GLY F 181 -13.79 22.92 32.36
C GLY F 181 -13.00 24.19 32.64
N SER F 182 -12.02 24.51 31.80
CA SER F 182 -11.28 25.76 31.96
C SER F 182 -12.00 26.94 31.28
N GLY F 183 -12.98 26.62 30.45
CA GLY F 183 -13.72 27.63 29.68
C GLY F 183 -12.99 28.12 28.43
N LYS F 184 -12.27 27.21 27.78
CA LYS F 184 -11.56 27.51 26.52
C LYS F 184 -12.49 28.07 25.47
N THR F 185 -13.57 27.33 25.19
CA THR F 185 -14.54 27.66 24.15
C THR F 185 -15.32 28.92 24.49
N THR F 186 -15.67 29.06 25.76
CA THR F 186 -16.34 30.25 26.27
C THR F 186 -15.51 31.52 26.02
N TYR F 187 -14.22 31.43 26.31
CA TYR F 187 -13.31 32.55 26.13
C TYR F 187 -13.08 32.87 24.65
N ILE F 188 -12.89 31.84 23.84
CA ILE F 188 -12.61 32.05 22.42
C ILE F 188 -13.81 32.65 21.69
N LYS F 189 -15.01 32.32 22.17
CA LYS F 189 -16.24 32.90 21.63
C LYS F 189 -16.39 34.38 21.98
N SER F 190 -15.88 34.79 23.15
CA SER F 190 -15.98 36.20 23.56
C SER F 190 -14.97 37.11 22.83
N ILE F 191 -13.78 36.58 22.55
CA ILE F 191 -12.78 37.37 21.82
C ILE F 191 -13.08 37.52 20.31
N MET F 192 -14.05 36.76 19.81
CA MET F 192 -14.61 36.96 18.46
C MET F 192 -15.15 38.38 18.23
N GLU F 193 -15.47 39.08 19.32
CA GLU F 193 -15.88 40.50 19.29
C GLU F 193 -14.88 41.39 18.57
N PHE F 194 -13.61 40.99 18.61
CA PHE F 194 -12.54 41.86 18.15
C PHE F 194 -12.16 41.58 16.71
N ILE F 195 -12.79 40.56 16.12
CA ILE F 195 -12.74 40.35 14.68
C ILE F 195 -13.65 41.41 14.03
N PRO F 196 -13.10 42.26 13.15
CA PRO F 196 -13.93 43.24 12.44
C PRO F 196 -15.17 42.62 11.82
N LYS F 197 -16.29 43.31 11.93
CA LYS F 197 -17.61 42.78 11.53
C LYS F 197 -17.76 42.51 10.03
N GLU F 198 -16.87 43.09 9.23
CA GLU F 198 -16.82 42.91 7.78
C GLU F 198 -16.25 41.55 7.37
N GLU F 199 -15.59 40.86 8.30
CA GLU F 199 -14.90 39.60 7.99
C GLU F 199 -15.88 38.46 7.79
N ARG F 200 -15.65 37.69 6.72
CA ARG F 200 -16.35 36.45 6.50
C ARG F 200 -15.68 35.39 7.37
N ILE F 201 -16.47 34.71 8.21
CA ILE F 201 -15.93 33.71 9.12
C ILE F 201 -16.45 32.31 8.81
N ILE F 202 -15.53 31.34 8.77
CA ILE F 202 -15.92 29.94 8.67
C ILE F 202 -15.42 29.18 9.92
N SER F 203 -16.36 28.53 10.59
CA SER F 203 -16.07 27.77 11.79
C SER F 203 -16.16 26.28 11.49
N ILE F 204 -15.34 25.50 12.19
CA ILE F 204 -15.31 24.05 12.05
C ILE F 204 -15.46 23.39 13.42
N GLU F 205 -16.54 22.64 13.59
CA GLU F 205 -16.89 22.09 14.91
C GLU F 205 -17.43 20.67 14.84
N ASP F 206 -17.33 19.99 15.98
CA ASP F 206 -17.99 18.72 16.24
C ASP F 206 -19.43 19.02 16.67
N THR F 207 -19.57 19.87 17.68
CA THR F 207 -20.87 20.25 18.21
C THR F 207 -21.04 21.76 18.09
N GLU F 208 -22.29 22.21 17.93
CA GLU F 208 -22.57 23.64 17.80
C GLU F 208 -22.37 24.40 19.11
N GLU F 209 -21.19 25.00 19.27
CA GLU F 209 -20.86 25.83 20.42
C GLU F 209 -20.74 27.31 20.06
N ILE F 210 -20.11 27.60 18.92
CA ILE F 210 -19.89 28.97 18.48
C ILE F 210 -21.22 29.65 18.11
N VAL F 211 -21.39 30.89 18.57
CA VAL F 211 -22.57 31.70 18.31
C VAL F 211 -22.09 32.99 17.65
N PHE F 212 -22.72 33.37 16.54
CA PHE F 212 -22.28 34.54 15.78
C PHE F 212 -23.16 35.75 16.10
N LYS F 213 -22.60 36.68 16.86
CA LYS F 213 -23.34 37.86 17.33
C LYS F 213 -22.84 39.18 16.72
N HIS F 214 -21.68 39.15 16.09
CA HIS F 214 -21.05 40.36 15.53
C HIS F 214 -20.79 40.25 14.04
N HIS F 215 -21.11 39.10 13.45
CA HIS F 215 -20.81 38.82 12.06
C HIS F 215 -22.02 38.21 11.34
N LYS F 216 -22.40 38.84 10.21
CA LYS F 216 -23.57 38.42 9.43
C LYS F 216 -23.18 37.54 8.22
N ASN F 217 -21.92 37.64 7.81
CA ASN F 217 -21.36 36.82 6.74
C ASN F 217 -20.53 35.68 7.35
N TYR F 218 -21.12 34.49 7.41
CA TYR F 218 -20.45 33.33 8.00
C TYR F 218 -21.05 32.01 7.51
N THR F 219 -20.27 30.93 7.63
CA THR F 219 -20.79 29.58 7.42
C THR F 219 -20.17 28.63 8.44
N GLN F 220 -21.01 27.80 9.03
CA GLN F 220 -20.61 26.79 9.98
C GLN F 220 -20.43 25.43 9.30
N LEU F 221 -19.32 24.77 9.62
CA LEU F 221 -19.04 23.45 9.09
C LEU F 221 -18.96 22.46 10.25
N PHE F 222 -19.54 21.29 10.05
CA PHE F 222 -19.58 20.25 11.09
C PHE F 222 -19.07 18.90 10.57
N PHE F 223 -18.21 18.25 11.34
CA PHE F 223 -17.69 16.94 11.01
C PHE F 223 -18.28 15.83 11.91
N GLY F 224 -18.07 14.58 11.51
CA GLY F 224 -18.67 13.43 12.17
C GLY F 224 -19.04 12.35 11.17
N GLY F 225 -18.87 11.09 11.58
CA GLY F 225 -19.14 9.96 10.70
C GLY F 225 -18.00 9.80 9.73
N ASN F 226 -18.33 9.76 8.44
CA ASN F 226 -17.28 9.65 7.42
C ASN F 226 -16.75 10.99 6.89
N ILE F 227 -17.23 12.08 7.49
CA ILE F 227 -16.75 13.45 7.25
C ILE F 227 -15.81 13.81 8.40
N THR F 228 -14.56 14.11 8.07
CA THR F 228 -13.56 14.40 9.08
C THR F 228 -13.39 15.91 9.27
N SER F 229 -12.67 16.28 10.33
CA SER F 229 -12.25 17.66 10.55
C SER F 229 -11.40 18.16 9.40
N ALA F 230 -10.56 17.26 8.88
CA ALA F 230 -9.69 17.54 7.74
C ALA F 230 -10.46 17.88 6.48
N ASP F 231 -11.61 17.22 6.29
CA ASP F 231 -12.49 17.46 5.15
C ASP F 231 -13.07 18.88 5.16
N CYS F 232 -13.52 19.32 6.33
CA CYS F 232 -14.10 20.64 6.52
C CYS F 232 -13.03 21.72 6.33
N LEU F 233 -11.83 21.45 6.82
CA LEU F 233 -10.66 22.32 6.64
C LEU F 233 -10.36 22.54 5.14
N LYS F 234 -10.33 21.44 4.39
CA LYS F 234 -10.16 21.49 2.93
C LYS F 234 -11.28 22.27 2.22
N SER F 235 -12.52 22.02 2.63
CA SER F 235 -13.66 22.75 2.08
C SER F 235 -13.58 24.23 2.43
N CYS F 236 -13.25 24.51 3.68
CA CYS F 236 -13.08 25.86 4.19
C CYS F 236 -12.16 26.75 3.34
N LEU F 237 -11.05 26.18 2.85
CA LEU F 237 -10.09 26.92 2.03
C LEU F 237 -10.63 27.29 0.64
N ARG F 238 -11.71 26.63 0.23
CA ARG F 238 -12.33 26.86 -1.06
C ARG F 238 -13.61 27.71 -0.95
N MET F 239 -13.81 28.29 0.21
CA MET F 239 -15.05 29.01 0.53
C MET F 239 -14.83 30.51 0.80
N ARG F 240 -13.68 31.03 0.37
CA ARG F 240 -13.27 32.43 0.49
C ARG F 240 -13.40 33.08 1.90
N PRO F 241 -12.86 32.40 2.95
CA PRO F 241 -12.98 32.95 4.31
C PRO F 241 -12.01 34.09 4.58
N ASP F 242 -12.36 34.96 5.51
CA ASP F 242 -11.42 35.95 6.02
C ASP F 242 -10.77 35.41 7.29
N ARG F 243 -11.58 34.75 8.12
CA ARG F 243 -11.12 34.11 9.34
C ARG F 243 -11.63 32.68 9.42
N ILE F 244 -10.76 31.81 9.93
CA ILE F 244 -11.09 30.42 10.17
C ILE F 244 -11.05 30.15 11.66
N ILE F 245 -12.14 29.61 12.19
CA ILE F 245 -12.19 29.23 13.59
C ILE F 245 -12.39 27.74 13.66
N LEU F 246 -11.32 27.06 14.05
CA LEU F 246 -11.36 25.63 14.26
C LEU F 246 -11.68 25.42 15.74
N GLY F 247 -12.86 24.87 16.02
CA GLY F 247 -13.34 24.68 17.38
C GLY F 247 -12.33 24.10 18.34
N GLU F 248 -11.68 23.01 17.93
CA GLU F 248 -10.69 22.35 18.77
C GLU F 248 -9.73 21.49 17.94
N LEU F 249 -8.50 21.40 18.41
CA LEU F 249 -7.50 20.55 17.80
C LEU F 249 -7.42 19.25 18.61
N ARG F 250 -7.57 18.11 17.95
CA ARG F 250 -7.58 16.81 18.63
C ARG F 250 -6.43 15.89 18.26
N SER F 251 -6.27 15.62 16.97
CA SER F 251 -5.10 14.86 16.51
C SER F 251 -4.55 15.24 15.16
N SER F 252 -4.66 14.33 14.20
CA SER F 252 -3.90 14.42 12.95
C SER F 252 -4.24 15.63 12.08
N GLU F 253 -5.41 16.24 12.30
CA GLU F 253 -5.83 17.47 11.60
C GLU F 253 -4.95 18.66 11.93
N ALA F 254 -4.12 18.54 12.97
CA ALA F 254 -3.17 19.58 13.33
C ALA F 254 -2.20 19.85 12.19
N TYR F 255 -1.91 18.81 11.42
CA TYR F 255 -1.11 18.93 10.20
C TYR F 255 -1.84 19.71 9.09
N ASP F 256 -3.12 19.45 8.91
CA ASP F 256 -3.97 20.22 7.98
C ASP F 256 -4.09 21.66 8.44
N PHE F 257 -4.23 21.83 9.76
CA PHE F 257 -4.22 23.13 10.42
C PHE F 257 -2.92 23.88 10.14
N TYR F 258 -1.80 23.17 10.24
CA TYR F 258 -0.47 23.71 9.96
C TYR F 258 -0.35 24.27 8.53
N ASN F 259 -0.86 23.53 7.56
CA ASN F 259 -0.87 23.96 6.17
C ASN F 259 -1.77 25.17 5.92
N VAL F 260 -2.89 25.23 6.63
CA VAL F 260 -3.73 26.43 6.64
C VAL F 260 -2.96 27.65 7.15
N LEU F 261 -2.20 27.47 8.24
CA LEU F 261 -1.32 28.54 8.76
C LEU F 261 -0.27 29.00 7.75
N CYS F 262 0.03 28.17 6.75
CA CYS F 262 1.04 28.47 5.72
C CYS F 262 0.40 28.98 4.39
N SER F 263 -0.95 28.90 4.30
CA SER F 263 -1.62 29.12 2.93
C SER F 263 -1.97 30.58 2.67
N GLY F 264 -1.47 31.47 3.54
CA GLY F 264 -1.66 32.91 3.34
C GLY F 264 -3.00 33.47 3.77
N HIS F 265 -3.56 32.94 4.86
CA HIS F 265 -4.77 33.50 5.47
C HIS F 265 -4.42 34.31 6.71
N LYS F 266 -5.28 35.28 7.05
CA LYS F 266 -5.10 35.89 8.37
C LYS F 266 -5.93 35.33 9.52
N GLY F 267 -5.26 35.13 10.64
CA GLY F 267 -5.93 35.10 11.94
C GLY F 267 -6.78 33.91 12.31
N THR F 268 -6.20 32.71 12.23
CA THR F 268 -6.86 31.49 12.64
C THR F 268 -6.97 31.44 14.18
N LEU F 269 -8.17 31.09 14.66
CA LEU F 269 -8.42 30.85 16.08
C LEU F 269 -8.70 29.37 16.31
N THR F 270 -8.13 28.81 17.38
CA THR F 270 -8.43 27.44 17.79
C THR F 270 -8.22 27.18 19.29
N THR F 271 -8.73 26.06 19.78
CA THR F 271 -8.50 25.63 21.16
C THR F 271 -7.74 24.30 21.22
N LEU F 272 -7.14 24.02 22.38
CA LEU F 272 -6.31 22.85 22.55
C LEU F 272 -6.25 22.44 24.01
N HIS F 273 -6.27 21.13 24.28
CA HIS F 273 -5.93 20.63 25.61
C HIS F 273 -4.43 20.56 25.84
N ALA F 274 -3.92 21.51 26.62
CA ALA F 274 -2.50 21.62 26.94
C ALA F 274 -2.33 22.48 28.18
N GLY F 275 -1.22 22.29 28.90
CA GLY F 275 -1.02 22.90 30.22
C GLY F 275 -0.12 24.13 30.23
N SER F 276 0.44 24.45 29.08
CA SER F 276 1.32 25.61 28.91
C SER F 276 1.60 25.80 27.43
N SER F 277 2.27 26.91 27.08
CA SER F 277 2.65 27.15 25.70
C SER F 277 3.67 26.13 25.19
N GLU F 278 4.64 25.77 26.04
CA GLU F 278 5.65 24.80 25.64
C GLU F 278 5.07 23.39 25.44
N GLU F 279 4.14 22.99 26.31
CA GLU F 279 3.35 21.78 26.09
C GLU F 279 2.50 21.86 24.82
N ALA F 280 1.97 23.04 24.52
CA ALA F 280 1.12 23.24 23.33
C ALA F 280 1.89 22.93 22.05
N PHE F 281 3.06 23.53 21.88
CA PHE F 281 3.89 23.32 20.70
C PHE F 281 4.28 21.85 20.53
N ILE F 282 4.67 21.21 21.62
CA ILE F 282 5.02 19.77 21.65
C ILE F 282 3.81 18.92 21.23
N ARG F 283 2.66 19.21 21.83
CA ARG F 283 1.41 18.53 21.48
C ARG F 283 1.02 18.79 20.02
N LEU F 284 1.17 20.04 19.56
CA LEU F 284 0.93 20.38 18.16
C LEU F 284 1.79 19.54 17.20
N ALA F 285 3.07 19.39 17.54
CA ALA F 285 4.02 18.68 16.71
C ALA F 285 3.72 17.17 16.70
N ASN F 286 3.42 16.62 17.87
CA ASN F 286 3.06 15.22 18.01
C ASN F 286 1.71 14.87 17.37
N MET F 287 0.74 15.77 17.48
CA MET F 287 -0.55 15.60 16.79
C MET F 287 -0.36 15.55 15.27
N SER F 288 0.46 16.46 14.74
CA SER F 288 0.76 16.54 13.30
C SER F 288 1.47 15.27 12.79
N SER F 289 2.37 14.72 13.61
CA SER F 289 3.16 13.54 13.29
C SER F 289 2.33 12.27 13.10
N SER F 290 1.11 12.27 13.62
CA SER F 290 0.20 11.12 13.48
C SER F 290 -0.66 11.19 12.20
N ASN F 291 -0.43 12.22 11.39
CA ASN F 291 -1.01 12.34 10.06
C ASN F 291 -0.17 11.56 9.06
N SER F 292 -0.83 10.78 8.20
CA SER F 292 -0.16 9.98 7.16
C SER F 292 0.79 10.82 6.31
N ALA F 293 0.36 12.05 6.01
CA ALA F 293 1.13 12.97 5.17
C ALA F 293 2.35 13.54 5.88
N ALA F 294 2.42 13.35 7.20
CA ALA F 294 3.57 13.80 7.99
C ALA F 294 4.62 12.71 8.20
N ARG F 295 4.41 11.55 7.57
CA ARG F 295 5.33 10.40 7.66
C ARG F 295 6.81 10.75 7.53
N ASN F 296 7.13 11.58 6.54
CA ASN F 296 8.52 11.91 6.20
C ASN F 296 9.04 13.23 6.77
N ILE F 297 8.29 13.83 7.70
CA ILE F 297 8.71 15.06 8.37
C ILE F 297 9.26 14.79 9.76
N LYS F 298 10.40 15.40 10.08
CA LYS F 298 10.97 15.31 11.43
C LYS F 298 10.10 16.09 12.43
N PHE F 299 10.03 15.58 13.66
CA PHE F 299 9.39 16.28 14.78
C PHE F 299 9.91 17.72 14.90
N GLU F 300 11.23 17.88 14.77
CA GLU F 300 11.92 19.18 14.87
C GLU F 300 11.44 20.22 13.85
N SER F 301 11.16 19.78 12.63
CA SER F 301 10.65 20.67 11.59
C SER F 301 9.24 21.12 11.94
N LEU F 302 8.45 20.20 12.48
CA LEU F 302 7.07 20.46 12.85
C LEU F 302 6.95 21.48 14.00
N ILE F 303 7.70 21.24 15.08
CA ILE F 303 7.64 22.13 16.25
C ILE F 303 8.12 23.55 15.94
N GLU F 304 9.24 23.65 15.23
CA GLU F 304 9.77 24.95 14.81
C GLU F 304 8.82 25.67 13.85
N GLY F 305 8.10 24.89 13.03
CA GLY F 305 7.07 25.43 12.15
C GLY F 305 5.94 26.13 12.90
N PHE F 306 5.36 25.44 13.88
CA PHE F 306 4.30 26.02 14.71
C PHE F 306 4.77 27.24 15.49
N LYS F 307 6.01 27.19 16.00
CA LYS F 307 6.63 28.30 16.74
C LYS F 307 6.81 29.56 15.90
N ASP F 308 7.07 29.36 14.61
CA ASP F 308 7.22 30.46 13.66
C ASP F 308 5.89 31.11 13.28
N LEU F 309 4.79 30.37 13.45
CA LEU F 309 3.46 30.78 12.94
C LEU F 309 2.46 31.22 14.00
N ILE F 310 2.56 30.65 15.21
CA ILE F 310 1.64 31.01 16.30
C ILE F 310 2.10 32.28 17.00
N ASP F 311 1.20 33.26 17.04
CA ASP F 311 1.50 34.58 17.60
C ASP F 311 1.18 34.69 19.08
N MET F 312 0.05 34.11 19.49
CA MET F 312 -0.39 34.21 20.87
C MET F 312 -0.91 32.88 21.41
N ILE F 313 -0.52 32.55 22.64
CA ILE F 313 -1.11 31.41 23.35
C ILE F 313 -1.64 31.85 24.73
N VAL F 314 -2.94 31.69 24.92
CA VAL F 314 -3.60 32.00 26.16
C VAL F 314 -3.89 30.68 26.89
N HIS F 315 -3.20 30.43 27.98
CA HIS F 315 -3.50 29.26 28.80
C HIS F 315 -4.35 29.63 30.00
N ILE F 316 -5.47 28.93 30.16
CA ILE F 316 -6.41 29.15 31.25
C ILE F 316 -6.34 27.99 32.24
N ASN F 317 -6.32 28.30 33.53
CA ASN F 317 -6.29 27.26 34.58
C ASN F 317 -7.68 26.78 35.01
N HIS F 318 -7.71 25.85 35.96
CA HIS F 318 -8.97 25.29 36.47
C HIS F 318 -9.86 26.30 37.19
N HIS F 319 -9.29 27.42 37.63
CA HIS F 319 -10.06 28.54 38.19
C HIS F 319 -10.63 29.46 37.11
N LYS F 320 -10.43 29.08 35.85
CA LYS F 320 -10.90 29.85 34.68
C LYS F 320 -10.23 31.23 34.61
N GLN F 321 -8.93 31.25 34.91
CA GLN F 321 -8.11 32.45 34.79
C GLN F 321 -6.88 32.16 33.94
N CYS F 322 -6.39 33.19 33.25
CA CYS F 322 -5.19 33.08 32.45
C CYS F 322 -3.96 33.12 33.37
N ASP F 323 -3.17 32.05 33.31
CA ASP F 323 -1.93 31.97 34.11
C ASP F 323 -0.68 31.96 33.23
N GLU F 324 -0.89 32.03 31.91
CA GLU F 324 0.21 32.23 30.98
C GLU F 324 -0.32 32.95 29.75
N PHE F 325 0.31 34.07 29.42
CA PHE F 325 -0.02 34.81 28.22
C PHE F 325 1.22 34.87 27.34
N TYR F 326 1.32 33.90 26.44
CA TYR F 326 2.48 33.77 25.55
C TYR F 326 2.33 34.68 24.32
N ILE F 327 3.38 35.44 24.03
CA ILE F 327 3.47 36.25 22.83
C ILE F 327 4.76 35.88 22.08
N LYS F 328 4.65 35.65 20.78
CA LYS F 328 5.80 35.24 19.97
C LYS F 328 6.92 36.29 19.97
N LYS G 3 -38.75 11.77 -20.76
CA LYS G 3 -37.33 12.07 -21.07
C LYS G 3 -36.98 11.59 -22.48
N LEU G 4 -37.42 10.37 -22.81
CA LEU G 4 -37.21 9.78 -24.14
C LEU G 4 -37.75 10.69 -25.22
N HIS G 5 -38.83 11.40 -24.88
CA HIS G 5 -39.49 12.32 -25.79
C HIS G 5 -38.66 13.58 -26.03
N GLU G 6 -38.11 14.14 -24.95
CA GLU G 6 -37.28 15.35 -25.02
C GLU G 6 -35.98 15.14 -25.78
N ILE G 7 -35.41 13.93 -25.65
CA ILE G 7 -34.17 13.57 -26.33
C ILE G 7 -34.39 13.49 -27.85
N LYS G 8 -35.41 12.73 -28.24
CA LYS G 8 -35.79 12.58 -29.65
C LYS G 8 -36.21 13.92 -30.27
N GLN G 9 -36.93 14.73 -29.49
CA GLN G 9 -37.35 16.07 -29.91
C GLN G 9 -36.16 16.97 -30.21
N GLU G 10 -35.05 16.73 -29.51
CA GLU G 10 -33.85 17.55 -29.65
C GLU G 10 -32.94 17.06 -30.78
N LEU G 11 -32.92 15.75 -31.01
CA LEU G 11 -32.11 15.15 -32.08
C LEU G 11 -32.75 15.31 -33.46
N LYS G 12 -34.07 15.29 -33.54
CA LYS G 12 -34.77 15.62 -34.78
C LYS G 12 -34.65 17.12 -35.05
N ASP G 13 -34.89 17.91 -34.02
CA ASP G 13 -34.67 19.36 -33.99
C ASP G 13 -33.35 19.72 -34.67
N LEU G 14 -32.26 19.20 -34.10
CA LEU G 14 -30.89 19.48 -34.54
C LEU G 14 -30.59 19.00 -35.95
N PHE G 15 -31.11 17.83 -36.33
CA PHE G 15 -30.81 17.24 -37.65
C PHE G 15 -31.52 17.93 -38.82
N SER G 16 -32.25 19.00 -38.50
CA SER G 16 -32.93 19.83 -39.50
C SER G 16 -32.68 21.34 -39.31
N HIS G 17 -31.88 21.68 -38.30
CA HIS G 17 -31.26 23.01 -38.21
C HIS G 17 -29.95 22.99 -38.99
N LEU G 18 -29.44 21.76 -39.17
CA LEU G 18 -28.27 21.48 -40.00
C LEU G 18 -28.50 20.16 -40.73
N PRO G 19 -28.98 20.23 -41.99
CA PRO G 19 -29.50 19.12 -42.79
C PRO G 19 -28.58 17.90 -42.91
N TYR G 20 -29.09 16.76 -42.49
CA TYR G 20 -28.58 15.47 -42.90
C TYR G 20 -29.80 14.72 -43.41
N LYS G 21 -29.61 13.80 -44.35
CA LYS G 21 -30.70 12.95 -44.79
C LYS G 21 -30.92 11.91 -43.71
N ILE G 22 -31.59 12.33 -42.64
CA ILE G 22 -31.85 11.46 -41.50
C ILE G 22 -33.29 11.02 -41.44
N ASN G 23 -33.44 9.70 -41.39
CA ASN G 23 -34.67 8.98 -41.62
C ASN G 23 -35.25 8.50 -40.25
N LYS G 24 -34.50 7.66 -39.54
CA LYS G 24 -34.95 7.23 -38.21
C LYS G 24 -34.10 7.78 -37.06
N VAL G 25 -34.79 8.28 -36.04
CA VAL G 25 -34.16 8.70 -34.80
C VAL G 25 -34.99 8.08 -33.68
N GLU G 26 -34.63 6.88 -33.23
CA GLU G 26 -35.34 6.25 -32.12
C GLU G 26 -34.55 6.32 -30.83
N VAL G 27 -35.29 6.51 -29.74
CA VAL G 27 -34.73 6.50 -28.41
C VAL G 27 -35.55 5.49 -27.61
N SER G 28 -34.87 4.50 -27.03
CA SER G 28 -35.56 3.46 -26.27
C SER G 28 -34.67 2.97 -25.15
N LEU G 29 -35.29 2.38 -24.13
CA LEU G 29 -34.56 1.75 -23.03
C LEU G 29 -33.94 0.44 -23.51
N TYR G 30 -32.62 0.30 -23.31
CA TYR G 30 -31.86 -0.84 -23.81
C TYR G 30 -31.47 -1.84 -22.70
N GLU G 31 -30.92 -1.31 -21.60
CA GLU G 31 -30.54 -2.09 -20.43
C GLU G 31 -30.95 -1.25 -19.23
N PRO G 32 -30.86 -1.79 -18.01
CA PRO G 32 -31.02 -0.92 -16.84
C PRO G 32 -30.05 0.26 -16.88
N GLY G 33 -30.60 1.47 -16.97
CA GLY G 33 -29.81 2.69 -16.96
C GLY G 33 -29.14 3.05 -18.27
N VAL G 34 -29.53 2.39 -19.36
CA VAL G 34 -28.93 2.59 -20.68
C VAL G 34 -30.00 2.85 -21.74
N LEU G 35 -29.83 3.91 -22.52
CA LEU G 35 -30.72 4.17 -23.65
C LEU G 35 -30.06 3.87 -24.98
N LEU G 36 -30.81 3.20 -25.86
CA LEU G 36 -30.38 3.01 -27.23
C LEU G 36 -30.83 4.22 -28.07
N ILE G 37 -29.86 4.87 -28.70
CA ILE G 37 -30.14 5.90 -29.68
C ILE G 37 -29.77 5.31 -31.03
N ASP G 38 -30.78 5.24 -31.90
CA ASP G 38 -30.67 4.53 -33.17
C ASP G 38 -30.97 5.49 -34.31
N ILE G 39 -29.95 5.75 -35.12
CA ILE G 39 -30.04 6.73 -36.18
C ILE G 39 -29.71 6.08 -37.52
N ASP G 40 -30.60 6.27 -38.50
CA ASP G 40 -30.33 5.80 -39.84
C ASP G 40 -30.80 6.79 -40.89
N GLY G 41 -30.51 6.47 -42.15
CA GLY G 41 -30.76 7.35 -43.27
C GLY G 41 -29.72 7.15 -44.35
N GLU G 42 -29.80 7.97 -45.39
CA GLU G 42 -28.87 7.92 -46.51
C GLU G 42 -27.56 8.60 -46.14
N ASP G 43 -27.66 9.64 -45.31
CA ASP G 43 -26.49 10.39 -44.84
C ASP G 43 -25.93 9.81 -43.54
N SER G 44 -26.06 8.49 -43.38
CA SER G 44 -25.64 7.77 -42.16
C SER G 44 -24.13 7.57 -42.08
N ALA G 45 -23.49 7.34 -43.21
CA ALA G 45 -22.03 7.20 -43.27
C ALA G 45 -21.31 8.51 -43.01
N LEU G 46 -22.02 9.63 -43.20
CA LEU G 46 -21.49 10.97 -42.90
C LEU G 46 -21.48 11.28 -41.41
N LEU G 47 -22.17 10.46 -40.63
CA LEU G 47 -22.21 10.60 -39.18
C LEU G 47 -21.32 9.56 -38.51
N ILE G 48 -20.85 8.60 -39.30
CA ILE G 48 -19.88 7.63 -38.85
C ILE G 48 -18.47 8.23 -39.02
N GLY G 49 -18.23 8.82 -40.19
CA GLY G 49 -17.00 9.55 -40.43
C GLY G 49 -15.81 8.64 -40.69
N GLU G 50 -14.73 9.26 -41.18
CA GLU G 50 -13.47 8.57 -41.49
C GLU G 50 -12.98 7.71 -40.32
N LYS G 51 -13.06 6.40 -40.51
CA LYS G 51 -12.74 5.39 -39.48
C LYS G 51 -13.53 5.55 -38.18
N GLY G 52 -14.78 6.00 -38.29
CA GLY G 52 -15.67 6.09 -37.15
C GLY G 52 -15.37 7.20 -36.16
N TYR G 53 -14.66 8.24 -36.61
CA TYR G 53 -14.30 9.36 -35.74
C TYR G 53 -15.54 10.18 -35.32
N ARG G 54 -16.49 10.34 -36.23
CA ARG G 54 -17.71 11.09 -35.97
C ARG G 54 -18.67 10.30 -35.10
N TYR G 55 -18.71 8.98 -35.31
CA TYR G 55 -19.49 8.09 -34.48
C TYR G 55 -19.01 8.16 -33.04
N LYS G 56 -17.69 8.17 -32.86
CA LYS G 56 -17.06 8.26 -31.54
C LYS G 56 -17.35 9.61 -30.88
N ALA G 57 -17.24 10.68 -31.66
CA ALA G 57 -17.55 12.02 -31.19
C ALA G 57 -19.00 12.11 -30.72
N LEU G 58 -19.93 11.66 -31.57
CA LEU G 58 -21.36 11.60 -31.24
C LEU G 58 -21.68 10.76 -29.99
N SER G 59 -21.01 9.63 -29.82
CA SER G 59 -21.28 8.76 -28.67
C SER G 59 -20.86 9.41 -27.34
N TYR G 60 -19.71 10.09 -27.35
CA TYR G 60 -19.28 10.90 -26.19
C TYR G 60 -20.19 12.08 -25.91
N LEU G 61 -20.53 12.83 -26.96
CA LEU G 61 -21.38 14.02 -26.85
C LEU G 61 -22.79 13.71 -26.42
N LEU G 62 -23.33 12.57 -26.86
CA LEU G 62 -24.65 12.13 -26.40
C LEU G 62 -24.60 11.68 -24.95
N PHE G 63 -23.51 11.04 -24.55
CA PHE G 63 -23.34 10.69 -23.14
C PHE G 63 -23.24 11.95 -22.28
N ASN G 64 -22.38 12.90 -22.67
CA ASN G 64 -22.16 14.12 -21.91
C ASN G 64 -23.40 15.00 -21.77
N TRP G 65 -24.36 14.83 -22.67
CA TRP G 65 -25.63 15.52 -22.58
C TRP G 65 -26.65 14.69 -21.78
N ILE G 66 -26.85 13.44 -22.20
CA ILE G 66 -27.91 12.59 -21.64
C ILE G 66 -27.65 12.08 -20.22
N HIS G 67 -26.41 11.72 -19.92
CA HIS G 67 -26.07 11.20 -18.58
C HIS G 67 -26.18 12.24 -17.44
N PRO G 68 -25.56 13.43 -17.59
CA PRO G 68 -25.80 14.50 -16.59
C PRO G 68 -27.24 15.00 -16.53
N THR G 69 -27.90 15.12 -17.69
CA THR G 69 -29.28 15.61 -17.72
C THR G 69 -30.35 14.59 -17.30
N TYR G 70 -30.29 13.36 -17.83
CA TYR G 70 -31.36 12.37 -17.59
C TYR G 70 -30.97 11.16 -16.75
N GLY G 71 -29.67 11.03 -16.48
CA GLY G 71 -29.16 9.94 -15.64
C GLY G 71 -28.92 8.64 -16.39
N TYR G 72 -29.03 8.67 -17.71
CA TYR G 72 -28.85 7.46 -18.52
C TYR G 72 -27.52 7.41 -19.27
N SER G 73 -26.94 6.22 -19.27
CA SER G 73 -25.81 5.86 -20.11
C SER G 73 -26.37 5.62 -21.53
N ILE G 74 -25.52 5.66 -22.55
CA ILE G 74 -26.06 5.45 -23.90
C ILE G 74 -25.37 4.39 -24.77
N ARG G 75 -26.18 3.81 -25.65
CA ARG G 75 -25.72 2.95 -26.72
C ARG G 75 -26.14 3.59 -28.04
N LEU G 76 -25.14 3.99 -28.82
CA LEU G 76 -25.38 4.62 -30.11
C LEU G 76 -25.24 3.63 -31.27
N GLU G 77 -26.22 3.66 -32.16
CA GLU G 77 -26.18 2.86 -33.37
C GLU G 77 -26.47 3.72 -34.60
N ILE G 78 -25.55 3.70 -35.56
CA ILE G 78 -25.77 4.35 -36.84
C ILE G 78 -25.65 3.30 -37.94
N SER G 79 -26.76 3.06 -38.64
CA SER G 79 -26.89 1.90 -39.53
C SER G 79 -26.54 0.61 -38.77
N THR G 80 -25.53 -0.11 -39.25
CA THR G 80 -25.12 -1.39 -38.67
C THR G 80 -23.67 -1.28 -38.16
N PHE G 81 -23.18 -0.04 -38.07
CA PHE G 81 -21.79 0.23 -37.70
C PHE G 81 -21.36 -0.46 -36.41
N LEU G 82 -22.08 -0.19 -35.32
CA LEU G 82 -21.71 -0.68 -34.00
C LEU G 82 -21.77 -2.21 -33.90
N GLN G 83 -22.82 -2.82 -34.45
CA GLN G 83 -22.92 -4.27 -34.37
C GLN G 83 -21.90 -5.01 -35.24
N ASN G 84 -21.40 -4.35 -36.29
CA ASN G 84 -20.23 -4.82 -37.03
C ASN G 84 -18.95 -4.76 -36.20
N GLN G 85 -18.75 -3.64 -35.50
CA GLN G 85 -17.58 -3.43 -34.64
C GLN G 85 -17.56 -4.42 -33.48
N GLU G 86 -18.74 -4.69 -32.91
CA GLU G 86 -18.90 -5.66 -31.83
C GLU G 86 -18.61 -7.10 -32.26
N LYS G 87 -18.92 -7.41 -33.52
CA LYS G 87 -18.69 -8.74 -34.10
C LYS G 87 -17.20 -8.97 -34.38
N VAL G 88 -16.56 -7.95 -34.94
CA VAL G 88 -15.12 -7.97 -35.20
C VAL G 88 -14.35 -8.04 -33.88
N MET G 89 -14.81 -7.27 -32.89
CA MET G 89 -14.21 -7.29 -31.55
C MET G 89 -14.40 -8.63 -30.86
N ASP G 90 -15.48 -9.33 -31.21
CA ASP G 90 -15.79 -10.61 -30.58
C ASP G 90 -14.78 -11.70 -30.90
N THR G 91 -14.23 -11.68 -32.14
CA THR G 91 -13.17 -12.64 -32.49
C THR G 91 -11.99 -12.50 -31.53
N GLN G 92 -11.30 -11.36 -31.58
CA GLN G 92 -10.14 -11.12 -30.71
C GLN G 92 -10.47 -11.42 -29.25
N LEU G 93 -11.69 -11.09 -28.84
CA LEU G 93 -12.08 -11.13 -27.42
C LEU G 93 -12.30 -12.55 -26.89
N GLN G 94 -12.83 -13.46 -27.74
CA GLN G 94 -12.94 -14.87 -27.38
C GLN G 94 -11.52 -15.45 -27.34
N SER G 95 -10.64 -14.86 -28.14
CA SER G 95 -9.23 -15.29 -28.25
C SER G 95 -8.41 -14.85 -27.02
N VAL G 96 -8.82 -13.73 -26.37
CA VAL G 96 -8.13 -13.24 -25.18
C VAL G 96 -8.48 -14.11 -23.97
N ILE G 97 -9.78 -14.43 -23.83
CA ILE G 97 -10.30 -15.25 -22.72
C ILE G 97 -9.77 -16.70 -22.72
N MET G 98 -9.26 -17.14 -23.89
CA MET G 98 -8.70 -18.47 -24.03
C MET G 98 -7.21 -18.51 -23.57
N THR G 99 -6.58 -17.33 -23.68
CA THR G 99 -5.23 -17.11 -23.12
C THR G 99 -5.32 -17.00 -21.60
N VAL G 100 -6.33 -16.24 -21.12
CA VAL G 100 -6.48 -16.01 -19.68
C VAL G 100 -6.97 -17.25 -18.92
N HIS G 101 -7.43 -18.28 -19.69
CA HIS G 101 -7.91 -19.53 -19.08
C HIS G 101 -6.85 -20.64 -19.18
N GLU G 102 -6.03 -20.53 -20.24
CA GLU G 102 -4.89 -21.45 -20.41
C GLU G 102 -3.64 -20.96 -19.67
N VAL G 103 -3.65 -19.71 -19.23
CA VAL G 103 -2.53 -19.12 -18.48
C VAL G 103 -3.00 -18.52 -17.16
N GLY G 104 -3.99 -17.64 -17.22
CA GLY G 104 -4.43 -16.89 -16.05
C GLY G 104 -4.22 -15.40 -16.21
N LYS G 105 -3.28 -15.04 -17.09
CA LYS G 105 -2.95 -13.65 -17.36
C LYS G 105 -3.21 -13.35 -18.83
N GLY G 106 -3.80 -12.18 -19.09
CA GLY G 106 -4.11 -11.76 -20.46
C GLY G 106 -4.18 -10.26 -20.63
N GLN G 107 -4.41 -9.83 -21.86
CA GLN G 107 -4.28 -8.45 -22.27
C GLN G 107 -4.75 -8.28 -23.70
N MET G 108 -5.46 -7.18 -23.97
CA MET G 108 -5.82 -6.78 -25.32
C MET G 108 -5.83 -5.26 -25.41
N LYS G 109 -5.36 -4.71 -26.51
CA LYS G 109 -5.35 -3.26 -26.68
C LYS G 109 -6.76 -2.69 -26.60
N ALA G 110 -6.89 -1.60 -25.85
CA ALA G 110 -8.15 -0.90 -25.67
C ALA G 110 -8.71 -0.44 -27.04
N PRO G 111 -9.92 -0.93 -27.41
CA PRO G 111 -10.59 -0.53 -28.64
C PRO G 111 -11.11 0.92 -28.63
N ASP G 112 -11.55 1.40 -29.78
CA ASP G 112 -11.88 2.83 -29.98
C ASP G 112 -13.23 3.22 -29.37
N GLY G 113 -13.23 4.29 -28.58
CA GLY G 113 -14.45 4.82 -27.98
C GLY G 113 -15.07 3.89 -26.97
N VAL G 114 -16.40 3.72 -27.07
CA VAL G 114 -17.18 2.87 -26.16
C VAL G 114 -16.97 1.38 -26.35
N LEU G 115 -16.22 1.00 -27.39
CA LEU G 115 -15.84 -0.39 -27.59
C LEU G 115 -15.04 -0.91 -26.40
N THR G 116 -14.19 -0.04 -25.84
CA THR G 116 -13.41 -0.38 -24.64
C THR G 116 -14.32 -0.79 -23.48
N TYR G 117 -15.40 -0.04 -23.30
CA TYR G 117 -16.32 -0.22 -22.19
C TYR G 117 -17.24 -1.44 -22.37
N ILE G 118 -17.60 -1.72 -23.63
CA ILE G 118 -18.30 -2.96 -23.98
C ILE G 118 -17.38 -4.16 -23.73
N ALA G 119 -16.13 -4.04 -24.15
CA ALA G 119 -15.09 -5.06 -23.91
C ALA G 119 -14.83 -5.28 -22.43
N LEU G 120 -14.87 -4.21 -21.63
CA LEU G 120 -14.65 -4.30 -20.19
C LEU G 120 -15.72 -5.15 -19.51
N LYS G 121 -16.98 -4.84 -19.77
CA LYS G 121 -18.12 -5.58 -19.20
C LYS G 121 -18.13 -7.06 -19.60
N LYS G 122 -17.81 -7.34 -20.86
CA LYS G 122 -17.77 -8.72 -21.36
C LYS G 122 -16.62 -9.53 -20.75
N LEU G 123 -15.47 -8.87 -20.57
CA LEU G 123 -14.31 -9.50 -19.94
C LEU G 123 -14.49 -9.59 -18.43
N ARG G 124 -15.21 -8.63 -17.86
CA ARG G 124 -15.53 -8.63 -16.44
C ARG G 124 -16.60 -9.68 -16.11
N LYS G 125 -17.21 -10.25 -17.15
CA LYS G 125 -18.33 -11.19 -16.97
C LYS G 125 -17.90 -12.65 -17.06
N ALA G 126 -16.93 -12.93 -17.92
CA ALA G 126 -16.37 -14.29 -18.00
C ALA G 126 -15.47 -14.55 -16.79
N PHE G 127 -15.05 -13.46 -16.15
CA PHE G 127 -13.87 -13.44 -15.28
C PHE G 127 -14.04 -12.73 -13.95
N PRO G 128 -15.26 -12.77 -13.40
CA PRO G 128 -15.36 -13.08 -11.95
C PRO G 128 -14.86 -14.52 -11.78
N ASN G 129 -13.90 -14.73 -10.87
CA ASN G 129 -13.41 -13.66 -10.01
C ASN G 129 -11.97 -13.30 -10.31
N LYS G 130 -11.81 -12.31 -11.20
CA LYS G 130 -10.49 -11.83 -11.60
C LYS G 130 -10.57 -10.34 -11.91
N TYR G 131 -9.43 -9.68 -11.74
CA TYR G 131 -9.40 -8.22 -11.78
C TYR G 131 -9.19 -7.66 -13.20
N VAL G 132 -10.32 -7.33 -13.86
CA VAL G 132 -10.25 -6.71 -15.18
C VAL G 132 -10.22 -5.19 -15.03
N SER G 133 -9.15 -4.56 -15.52
CA SER G 133 -9.01 -3.11 -15.47
C SER G 133 -8.21 -2.60 -16.67
N ILE G 134 -8.24 -1.28 -16.89
CA ILE G 134 -7.51 -0.67 -18.00
C ILE G 134 -6.24 0.10 -17.54
N LYS G 135 -5.09 -0.46 -17.91
CA LYS G 135 -3.80 0.09 -17.51
C LYS G 135 -3.07 0.71 -18.72
N THR G 136 -2.21 1.69 -18.43
CA THR G 136 -1.50 2.45 -19.46
C THR G 136 -0.01 2.14 -19.50
N ASN G 137 0.50 1.93 -20.72
CA ASN G 137 1.89 1.63 -21.05
C ASN G 137 2.87 2.78 -20.87
N LEU G 138 4.16 2.46 -20.75
CA LEU G 138 5.23 3.47 -20.85
C LEU G 138 5.21 4.21 -22.18
N ASN G 139 4.61 3.58 -23.20
CA ASN G 139 4.38 4.19 -24.50
C ASN G 139 3.06 4.99 -24.56
N ASP G 140 2.38 5.11 -23.42
CA ASP G 140 1.07 5.76 -23.31
C ASP G 140 0.00 5.06 -24.15
N GLU G 141 0.12 3.74 -24.21
CA GLU G 141 -0.79 2.89 -24.94
C GLU G 141 -1.68 2.19 -23.92
N LYS G 142 -2.99 2.27 -24.13
CA LYS G 142 -3.94 1.69 -23.19
C LYS G 142 -4.25 0.22 -23.52
N TYR G 143 -4.20 -0.62 -22.48
CA TYR G 143 -4.52 -2.03 -22.60
C TYR G 143 -5.49 -2.46 -21.50
N ILE G 144 -6.45 -3.29 -21.87
CA ILE G 144 -7.30 -3.96 -20.88
C ILE G 144 -6.50 -5.16 -20.36
N VAL G 145 -6.32 -5.21 -19.05
CA VAL G 145 -5.46 -6.22 -18.43
C VAL G 145 -6.25 -7.08 -17.43
N ILE G 146 -6.04 -8.39 -17.52
CA ILE G 146 -6.66 -9.35 -16.62
C ILE G 146 -5.59 -10.13 -15.86
N ASN G 147 -5.65 -10.10 -14.53
CA ASN G 147 -4.81 -10.95 -13.69
C ASN G 147 -5.55 -11.33 -12.37
N LYS H 3 -13.77 -41.43 -12.66
CA LYS H 3 -13.58 -40.79 -11.32
C LYS H 3 -14.87 -40.83 -10.51
N LEU H 4 -15.98 -40.49 -11.15
CA LEU H 4 -17.31 -40.54 -10.55
C LEU H 4 -17.61 -41.92 -9.99
N HIS H 5 -17.05 -42.93 -10.64
CA HIS H 5 -17.24 -44.32 -10.28
C HIS H 5 -16.48 -44.68 -9.02
N GLU H 6 -15.22 -44.26 -8.96
CA GLU H 6 -14.34 -44.50 -7.80
C GLU H 6 -14.85 -43.85 -6.52
N ILE H 7 -15.43 -42.66 -6.66
CA ILE H 7 -15.99 -41.89 -5.56
C ILE H 7 -17.19 -42.61 -4.95
N LYS H 8 -18.15 -42.97 -5.81
CA LYS H 8 -19.34 -43.70 -5.39
C LYS H 8 -18.99 -45.09 -4.84
N GLN H 9 -18.02 -45.76 -5.46
CA GLN H 9 -17.54 -47.06 -4.99
C GLN H 9 -16.97 -46.97 -3.58
N GLU H 10 -16.42 -45.82 -3.23
CA GLU H 10 -15.79 -45.61 -1.94
C GLU H 10 -16.81 -45.18 -0.88
N LEU H 11 -17.83 -44.45 -1.31
CA LEU H 11 -18.87 -43.97 -0.41
C LEU H 11 -19.88 -45.04 -0.03
N LYS H 12 -20.19 -45.93 -0.98
CA LYS H 12 -20.99 -47.12 -0.69
C LYS H 12 -20.19 -48.11 0.17
N ASP H 13 -18.94 -48.35 -0.25
CA ASP H 13 -17.94 -49.10 0.50
C ASP H 13 -17.99 -48.75 1.99
N LEU H 14 -17.76 -47.47 2.27
CA LEU H 14 -17.66 -46.92 3.61
C LEU H 14 -18.96 -47.01 4.42
N PHE H 15 -20.10 -46.84 3.75
CA PHE H 15 -21.40 -46.82 4.44
C PHE H 15 -21.92 -48.21 4.83
N SER H 16 -21.11 -49.23 4.60
CA SER H 16 -21.40 -50.61 5.01
C SER H 16 -20.19 -51.29 5.67
N HIS H 17 -19.13 -50.52 5.96
CA HIS H 17 -18.10 -50.97 6.90
C HIS H 17 -18.46 -50.39 8.26
N LEU H 18 -19.40 -49.44 8.24
CA LEU H 18 -19.99 -48.86 9.45
C LEU H 18 -21.42 -48.44 9.08
N PRO H 19 -22.40 -49.29 9.43
CA PRO H 19 -23.79 -49.25 8.97
C PRO H 19 -24.55 -47.95 9.24
N TYR H 20 -24.99 -47.32 8.15
CA TYR H 20 -26.06 -46.35 8.16
C TYR H 20 -27.09 -46.88 7.19
N LYS H 21 -28.37 -46.61 7.46
CA LYS H 21 -29.41 -46.98 6.51
C LYS H 21 -29.35 -46.00 5.35
N ILE H 22 -28.41 -46.28 4.44
CA ILE H 22 -28.17 -45.40 3.30
C ILE H 22 -28.63 -46.03 1.98
N ASN H 23 -29.63 -45.40 1.35
CA ASN H 23 -30.21 -45.94 0.12
C ASN H 23 -29.69 -45.31 -1.19
N LYS H 24 -29.67 -43.99 -1.32
CA LYS H 24 -29.04 -43.39 -2.49
C LYS H 24 -27.69 -42.70 -2.21
N VAL H 25 -26.69 -43.06 -3.01
CA VAL H 25 -25.46 -42.30 -3.07
C VAL H 25 -25.12 -42.05 -4.54
N GLU H 26 -25.54 -40.88 -5.04
CA GLU H 26 -25.26 -40.47 -6.41
C GLU H 26 -24.11 -39.48 -6.47
N VAL H 27 -23.32 -39.61 -7.53
CA VAL H 27 -22.24 -38.68 -7.81
C VAL H 27 -22.45 -38.23 -9.24
N SER H 28 -22.57 -36.93 -9.44
CA SER H 28 -22.80 -36.38 -10.78
C SER H 28 -22.13 -35.02 -10.93
N LEU H 29 -21.90 -34.64 -12.20
CA LEU H 29 -21.36 -33.32 -12.51
C LEU H 29 -22.47 -32.26 -12.34
N TYR H 30 -22.19 -31.24 -11.52
CA TYR H 30 -23.19 -30.24 -11.16
C TYR H 30 -22.98 -28.89 -11.86
N GLU H 31 -21.74 -28.41 -11.84
CA GLU H 31 -21.32 -27.18 -12.50
C GLU H 31 -19.94 -27.47 -13.08
N PRO H 32 -19.39 -26.56 -13.89
CA PRO H 32 -17.97 -26.70 -14.27
C PRO H 32 -17.08 -26.86 -13.03
N GLY H 33 -16.44 -28.03 -12.91
CA GLY H 33 -15.51 -28.30 -11.83
C GLY H 33 -16.14 -28.63 -10.48
N VAL H 34 -17.44 -28.90 -10.48
CA VAL H 34 -18.19 -29.18 -9.24
C VAL H 34 -18.98 -30.48 -9.35
N LEU H 35 -18.82 -31.35 -8.37
CA LEU H 35 -19.59 -32.59 -8.32
C LEU H 35 -20.68 -32.52 -7.25
N LEU H 36 -21.88 -32.96 -7.63
CA LEU H 36 -22.96 -33.15 -6.68
C LEU H 36 -22.84 -34.52 -6.06
N ILE H 37 -22.76 -34.56 -4.74
CA ILE H 37 -22.84 -35.81 -4.01
C ILE H 37 -24.16 -35.80 -3.27
N ASP H 38 -25.00 -36.76 -3.61
CA ASP H 38 -26.37 -36.81 -3.13
C ASP H 38 -26.63 -38.09 -2.36
N ILE H 39 -26.93 -37.93 -1.07
CA ILE H 39 -27.10 -39.04 -0.14
C ILE H 39 -28.49 -38.99 0.52
N ASP H 40 -29.19 -40.12 0.54
CA ASP H 40 -30.47 -40.22 1.25
C ASP H 40 -30.68 -41.58 1.93
N GLY H 41 -31.76 -41.68 2.69
CA GLY H 41 -32.08 -42.89 3.45
C GLY H 41 -32.81 -42.54 4.74
N GLU H 42 -33.08 -43.57 5.54
CA GLU H 42 -33.73 -43.38 6.84
C GLU H 42 -32.78 -42.74 7.84
N ASP H 43 -31.50 -43.10 7.74
CA ASP H 43 -30.45 -42.57 8.64
C ASP H 43 -29.80 -41.29 8.08
N SER H 44 -30.57 -40.51 7.32
CA SER H 44 -30.09 -39.28 6.70
C SER H 44 -29.88 -38.16 7.72
N ALA H 45 -30.77 -38.08 8.71
CA ALA H 45 -30.68 -37.06 9.76
C ALA H 45 -29.52 -37.33 10.72
N LEU H 46 -29.01 -38.56 10.73
CA LEU H 46 -27.84 -38.93 11.53
C LEU H 46 -26.53 -38.52 10.87
N LEU H 47 -26.62 -38.11 9.61
CA LEU H 47 -25.46 -37.61 8.88
C LEU H 47 -25.52 -36.09 8.77
N ILE H 48 -26.65 -35.52 9.15
CA ILE H 48 -26.80 -34.08 9.21
C ILE H 48 -26.32 -33.58 10.58
N GLY H 49 -26.76 -34.26 11.63
CA GLY H 49 -26.27 -34.00 12.99
C GLY H 49 -26.88 -32.77 13.64
N GLU H 50 -26.66 -32.67 14.95
CA GLU H 50 -27.10 -31.51 15.75
C GLU H 50 -26.72 -30.18 15.09
N LYS H 51 -27.73 -29.49 14.56
CA LYS H 51 -27.57 -28.20 13.86
C LYS H 51 -26.65 -28.28 12.65
N GLY H 52 -26.66 -29.43 11.98
CA GLY H 52 -25.92 -29.61 10.74
C GLY H 52 -24.41 -29.72 10.89
N TYR H 53 -23.94 -30.11 12.08
CA TYR H 53 -22.50 -30.21 12.34
C TYR H 53 -21.86 -31.36 11.55
N ARG H 54 -22.58 -32.47 11.42
CA ARG H 54 -22.10 -33.63 10.68
C ARG H 54 -22.15 -33.41 9.17
N TYR H 55 -23.16 -32.65 8.72
CA TYR H 55 -23.26 -32.26 7.33
C TYR H 55 -22.05 -31.39 6.94
N LYS H 56 -21.70 -30.45 7.82
CA LYS H 56 -20.57 -29.55 7.63
C LYS H 56 -19.25 -30.32 7.63
N ALA H 57 -19.11 -31.24 8.58
CA ALA H 57 -17.93 -32.12 8.67
C ALA H 57 -17.76 -32.92 7.38
N LEU H 58 -18.84 -33.60 6.95
CA LEU H 58 -18.85 -34.34 5.69
C LEU H 58 -18.52 -33.51 4.46
N SER H 59 -19.03 -32.28 4.40
CA SER H 59 -18.78 -31.44 3.23
C SER H 59 -17.30 -31.00 3.11
N TYR H 60 -16.68 -30.68 4.25
CA TYR H 60 -15.24 -30.42 4.29
C TYR H 60 -14.42 -31.67 3.94
N LEU H 61 -14.77 -32.80 4.55
CA LEU H 61 -14.04 -34.07 4.38
C LEU H 61 -14.13 -34.61 2.97
N LEU H 62 -15.28 -34.45 2.34
CA LEU H 62 -15.48 -34.81 0.93
C LEU H 62 -14.66 -33.88 0.01
N PHE H 63 -14.64 -32.59 0.32
CA PHE H 63 -13.78 -31.65 -0.39
C PHE H 63 -12.30 -32.04 -0.28
N ASN H 64 -11.82 -32.24 0.95
CA ASN H 64 -10.42 -32.56 1.20
C ASN H 64 -9.95 -33.86 0.58
N TRP H 65 -10.88 -34.74 0.25
CA TRP H 65 -10.58 -35.97 -0.46
C TRP H 65 -10.69 -35.77 -1.98
N ILE H 66 -11.84 -35.28 -2.43
CA ILE H 66 -12.15 -35.23 -3.87
C ILE H 66 -11.40 -34.13 -4.62
N HIS H 67 -11.23 -32.96 -4.01
CA HIS H 67 -10.52 -31.85 -4.68
C HIS H 67 -9.02 -32.11 -4.92
N PRO H 68 -8.25 -32.54 -3.88
CA PRO H 68 -6.86 -32.99 -4.09
C PRO H 68 -6.71 -34.21 -4.99
N THR H 69 -7.56 -35.22 -4.84
CA THR H 69 -7.41 -36.38 -5.75
C THR H 69 -8.01 -36.31 -7.14
N TYR H 70 -9.18 -35.68 -7.30
CA TYR H 70 -9.85 -35.66 -8.61
C TYR H 70 -9.96 -34.27 -9.27
N GLY H 71 -9.66 -33.23 -8.50
CA GLY H 71 -9.68 -31.86 -9.03
C GLY H 71 -11.04 -31.18 -9.01
N TYR H 72 -12.01 -31.80 -8.34
CA TYR H 72 -13.36 -31.24 -8.29
C TYR H 72 -13.71 -30.66 -6.94
N SER H 73 -14.39 -29.52 -6.93
CA SER H 73 -15.06 -29.10 -5.70
C SER H 73 -16.41 -29.80 -5.57
N ILE H 74 -17.06 -29.61 -4.43
CA ILE H 74 -18.16 -30.45 -3.98
C ILE H 74 -19.44 -29.68 -3.67
N ARG H 75 -20.57 -30.27 -4.05
CA ARG H 75 -21.86 -29.85 -3.53
C ARG H 75 -22.48 -31.08 -2.87
N LEU H 76 -22.65 -31.01 -1.55
CA LEU H 76 -23.23 -32.10 -0.80
C LEU H 76 -24.70 -31.86 -0.49
N GLU H 77 -25.51 -32.89 -0.72
CA GLU H 77 -26.91 -32.86 -0.37
C GLU H 77 -27.29 -34.11 0.43
N ILE H 78 -27.88 -33.90 1.60
CA ILE H 78 -28.43 -34.99 2.40
C ILE H 78 -29.91 -34.71 2.63
N SER H 79 -30.77 -35.58 2.08
CA SER H 79 -32.21 -35.30 1.97
C SER H 79 -32.43 -33.95 1.26
N THR H 80 -33.11 -33.02 1.94
CA THR H 80 -33.37 -31.68 1.40
C THR H 80 -32.73 -30.62 2.30
N PHE H 81 -31.77 -31.05 3.13
CA PHE H 81 -31.10 -30.15 4.07
C PHE H 81 -30.54 -28.90 3.42
N LEU H 82 -29.69 -29.08 2.41
CA LEU H 82 -29.00 -27.96 1.76
C LEU H 82 -29.94 -26.99 1.03
N GLN H 83 -30.93 -27.55 0.33
CA GLN H 83 -31.93 -26.75 -0.39
C GLN H 83 -32.81 -25.90 0.54
N ASN H 84 -33.04 -26.41 1.74
CA ASN H 84 -33.74 -25.65 2.79
C ASN H 84 -32.87 -24.51 3.31
N GLN H 85 -31.60 -24.81 3.57
CA GLN H 85 -30.63 -23.83 4.05
C GLN H 85 -30.42 -22.70 3.04
N GLU H 86 -30.40 -23.08 1.76
CA GLU H 86 -30.26 -22.13 0.65
C GLU H 86 -31.48 -21.21 0.49
N LYS H 87 -32.66 -21.72 0.80
CA LYS H 87 -33.91 -20.96 0.72
C LYS H 87 -34.02 -19.97 1.88
N VAL H 88 -33.66 -20.44 3.07
CA VAL H 88 -33.57 -19.61 4.27
C VAL H 88 -32.55 -18.48 4.08
N MET H 89 -31.36 -18.85 3.60
CA MET H 89 -30.31 -17.87 3.32
C MET H 89 -30.72 -16.87 2.26
N ASP H 90 -31.57 -17.31 1.31
CA ASP H 90 -32.02 -16.41 0.24
C ASP H 90 -32.78 -15.18 0.73
N THR H 91 -33.46 -15.30 1.88
CA THR H 91 -34.24 -14.17 2.41
C THR H 91 -33.30 -13.03 2.83
N GLN H 92 -32.47 -13.30 3.84
CA GLN H 92 -31.50 -12.32 4.34
C GLN H 92 -30.62 -11.80 3.20
N LEU H 93 -30.31 -12.66 2.24
CA LEU H 93 -29.36 -12.33 1.17
C LEU H 93 -29.96 -11.34 0.15
N GLN H 94 -31.30 -11.35 -0.02
CA GLN H 94 -31.94 -10.34 -0.86
C GLN H 94 -32.08 -9.02 -0.09
N SER H 95 -32.19 -9.13 1.24
CA SER H 95 -32.27 -7.96 2.13
C SER H 95 -30.93 -7.19 2.14
N VAL H 96 -29.83 -7.94 1.99
CA VAL H 96 -28.49 -7.34 1.92
C VAL H 96 -28.34 -6.59 0.58
N ILE H 97 -28.66 -7.29 -0.51
CA ILE H 97 -28.56 -6.76 -1.89
C ILE H 97 -29.30 -5.44 -2.11
N MET H 98 -30.33 -5.21 -1.28
CA MET H 98 -31.21 -4.04 -1.32
C MET H 98 -30.70 -2.90 -0.40
N THR H 99 -29.78 -3.28 0.51
CA THR H 99 -29.07 -2.30 1.32
C THR H 99 -27.87 -1.78 0.52
N VAL H 100 -27.27 -2.67 -0.27
CA VAL H 100 -26.08 -2.36 -1.08
C VAL H 100 -26.43 -1.57 -2.36
N HIS H 101 -27.76 -1.45 -2.62
CA HIS H 101 -28.26 -0.71 -3.79
C HIS H 101 -28.94 0.60 -3.39
N GLU H 102 -29.37 0.64 -2.10
CA GLU H 102 -29.93 1.86 -1.52
C GLU H 102 -28.86 2.66 -0.79
N VAL H 103 -27.72 2.02 -0.54
CA VAL H 103 -26.59 2.65 0.13
C VAL H 103 -25.30 2.51 -0.68
N GLY H 104 -24.97 1.27 -1.05
CA GLY H 104 -23.69 0.97 -1.70
C GLY H 104 -22.77 0.13 -0.80
N LYS H 105 -23.04 0.17 0.49
CA LYS H 105 -22.27 -0.55 1.49
C LYS H 105 -23.16 -1.57 2.20
N GLY H 106 -22.61 -2.76 2.42
CA GLY H 106 -23.35 -3.84 3.07
C GLY H 106 -22.49 -4.92 3.70
N GLN H 107 -23.16 -5.85 4.36
CA GLN H 107 -22.53 -6.82 5.25
C GLN H 107 -23.60 -7.81 5.72
N MET H 108 -23.22 -9.08 5.78
CA MET H 108 -24.04 -10.12 6.42
C MET H 108 -23.10 -11.12 7.08
N LYS H 109 -23.49 -11.63 8.24
CA LYS H 109 -22.65 -12.59 8.95
C LYS H 109 -22.45 -13.85 8.13
N ALA H 110 -21.19 -14.29 8.03
CA ALA H 110 -20.84 -15.50 7.30
C ALA H 110 -21.61 -16.72 7.80
N PRO H 111 -22.37 -17.38 6.91
CA PRO H 111 -23.13 -18.58 7.24
C PRO H 111 -22.25 -19.83 7.45
N ASP H 112 -22.87 -20.91 7.95
CA ASP H 112 -22.14 -22.08 8.41
C ASP H 112 -21.67 -22.98 7.26
N GLY H 113 -20.39 -23.35 7.29
CA GLY H 113 -19.80 -24.22 6.27
C GLY H 113 -19.79 -23.60 4.88
N VAL H 114 -20.17 -24.40 3.88
CA VAL H 114 -20.18 -23.99 2.46
C VAL H 114 -21.26 -22.98 2.12
N LEU H 115 -22.16 -22.72 3.05
CA LEU H 115 -23.16 -21.67 2.89
C LEU H 115 -22.48 -20.32 2.63
N THR H 116 -21.36 -20.08 3.29
CA THR H 116 -20.56 -18.87 3.10
C THR H 116 -20.14 -18.70 1.64
N TYR H 117 -19.69 -19.81 1.05
CA TYR H 117 -19.13 -19.83 -0.30
C TYR H 117 -20.20 -19.75 -1.39
N ILE H 118 -21.38 -20.30 -1.09
CA ILE H 118 -22.56 -20.14 -1.93
C ILE H 118 -23.03 -18.68 -1.90
N ALA H 119 -23.03 -18.10 -0.70
CA ALA H 119 -23.36 -16.69 -0.48
C ALA H 119 -22.38 -15.75 -1.17
N LEU H 120 -21.10 -16.11 -1.15
CA LEU H 120 -20.06 -15.32 -1.79
C LEU H 120 -20.27 -15.19 -3.29
N LYS H 121 -20.47 -16.34 -3.96
CA LYS H 121 -20.72 -16.37 -5.41
C LYS H 121 -21.99 -15.61 -5.82
N LYS H 122 -23.05 -15.75 -5.04
CA LYS H 122 -24.32 -15.07 -5.31
C LYS H 122 -24.23 -13.55 -5.13
N LEU H 123 -23.48 -13.14 -4.11
CA LEU H 123 -23.23 -11.72 -3.85
C LEU H 123 -22.21 -11.14 -4.81
N ARG H 124 -21.30 -11.99 -5.28
CA ARG H 124 -20.28 -11.58 -6.24
C ARG H 124 -20.87 -11.46 -7.65
N LYS H 125 -22.10 -11.93 -7.81
CA LYS H 125 -22.78 -12.00 -9.12
C LYS H 125 -23.70 -10.80 -9.33
N ALA H 126 -24.33 -10.33 -8.24
CA ALA H 126 -25.15 -9.13 -8.28
C ALA H 126 -24.22 -7.88 -8.35
N PHE H 127 -22.95 -8.11 -7.97
CA PHE H 127 -22.19 -6.96 -7.46
C PHE H 127 -20.77 -6.96 -8.04
N PRO H 128 -20.62 -7.52 -9.28
CA PRO H 128 -19.75 -6.81 -10.19
C PRO H 128 -20.52 -5.55 -10.59
N ASN H 129 -19.89 -4.39 -10.42
CA ASN H 129 -18.49 -4.30 -10.02
C ASN H 129 -18.29 -3.78 -8.60
N LYS H 130 -18.14 -4.70 -7.64
CA LYS H 130 -17.98 -4.33 -6.23
C LYS H 130 -17.30 -5.43 -5.43
N TYR H 131 -16.46 -5.00 -4.48
CA TYR H 131 -15.52 -5.92 -3.85
C TYR H 131 -16.13 -6.77 -2.73
N VAL H 132 -16.74 -7.90 -3.13
CA VAL H 132 -17.30 -8.85 -2.17
C VAL H 132 -16.19 -9.75 -1.61
N SER H 133 -15.91 -9.59 -0.32
CA SER H 133 -14.88 -10.38 0.37
C SER H 133 -15.32 -10.69 1.80
N ILE H 134 -14.60 -11.61 2.44
CA ILE H 134 -14.92 -12.04 3.80
C ILE H 134 -13.90 -11.52 4.84
N LYS H 135 -14.34 -10.54 5.63
CA LYS H 135 -13.47 -9.89 6.61
C LYS H 135 -13.87 -10.31 8.02
N THR H 136 -12.89 -10.33 8.93
CA THR H 136 -13.16 -10.73 10.31
C THR H 136 -12.98 -9.58 11.29
N ASN H 137 -13.89 -9.49 12.25
CA ASN H 137 -13.86 -8.36 13.17
C ASN H 137 -13.07 -8.58 14.47
N LEU H 138 -12.98 -7.51 15.26
CA LEU H 138 -12.24 -7.52 16.53
C LEU H 138 -12.77 -8.57 17.50
N ASN H 139 -14.03 -8.97 17.31
CA ASN H 139 -14.63 -10.06 18.08
C ASN H 139 -14.37 -11.44 17.48
N ASP H 140 -13.57 -11.48 16.40
CA ASP H 140 -13.26 -12.70 15.63
C ASP H 140 -14.52 -13.31 15.00
N GLU H 141 -15.40 -12.44 14.56
CA GLU H 141 -16.64 -12.82 13.91
C GLU H 141 -16.48 -12.51 12.44
N LYS H 142 -16.77 -13.50 11.60
CA LYS H 142 -16.61 -13.35 10.16
C LYS H 142 -17.86 -12.77 9.51
N TYR H 143 -17.64 -11.81 8.62
CA TYR H 143 -18.70 -11.15 7.89
C TYR H 143 -18.34 -11.06 6.40
N ILE H 144 -19.33 -11.29 5.54
CA ILE H 144 -19.18 -11.03 4.12
C ILE H 144 -19.47 -9.55 3.93
N VAL H 145 -18.50 -8.82 3.37
CA VAL H 145 -18.56 -7.36 3.28
C VAL H 145 -18.52 -6.90 1.82
N ILE H 146 -19.45 -6.00 1.46
CA ILE H 146 -19.51 -5.42 0.12
C ILE H 146 -19.23 -3.91 0.16
N ASN H 147 -18.19 -3.49 -0.55
CA ASN H 147 -17.85 -2.05 -0.70
C ASN H 147 -17.34 -1.86 -2.17
#